data_3UYO
# 
_entry.id   3UYO 
# 
_audit_conform.dict_name       mmcif_pdbx.dic 
_audit_conform.dict_version    5.379 
_audit_conform.dict_location   http://mmcif.pdb.org/dictionaries/ascii/mmcif_pdbx.dic 
# 
loop_
_database_2.database_id 
_database_2.database_code 
_database_2.pdbx_database_accession 
_database_2.pdbx_DOI 
PDB   3UYO         pdb_00003uyo 10.2210/pdb3uyo/pdb 
RCSB  RCSB069374   ?            ?                   
WWPDB D_1000069374 ?            ?                   
# 
loop_
_pdbx_database_related.db_name 
_pdbx_database_related.db_id 
_pdbx_database_related.details 
_pdbx_database_related.content_type 
PDB 3K2M . unspecified 
PDB 3NCS . unspecified 
# 
_pdbx_database_status.status_code                     REL 
_pdbx_database_status.entry_id                        3UYO 
_pdbx_database_status.recvd_initial_deposition_date   2011-12-06 
_pdbx_database_status.deposit_site                    RCSB 
_pdbx_database_status.process_site                    RCSB 
_pdbx_database_status.status_code_sf                  REL 
_pdbx_database_status.status_code_mr                  ? 
_pdbx_database_status.SG_entry                        ? 
_pdbx_database_status.status_code_cs                  ? 
_pdbx_database_status.pdb_format_compatible           Y 
_pdbx_database_status.status_code_nmr_data            ? 
_pdbx_database_status.methods_development_category    ? 
# 
loop_
_audit_author.name 
_audit_author.pdbx_ordinal 
'Wojcik, J.B.' 1 
'Koide, A.'    2 
'Koide, S.'    3 
# 
_citation.id                        primary 
_citation.title                     
'Teaching an old scaffold new tricks: monobodies constructed using alternative surfaces of the FN3 scaffold.' 
_citation.journal_abbrev            J.Mol.Biol. 
_citation.journal_volume            415 
_citation.page_first                393 
_citation.page_last                 405 
_citation.year                      2012 
_citation.journal_id_ASTM           JMOBAK 
_citation.country                   UK 
_citation.journal_id_ISSN           0022-2836 
_citation.journal_id_CSD            0070 
_citation.book_publisher            ? 
_citation.pdbx_database_id_PubMed   22198408 
_citation.pdbx_database_id_DOI      10.1016/j.jmb.2011.12.019 
# 
loop_
_citation_author.citation_id 
_citation_author.name 
_citation_author.ordinal 
_citation_author.identifier_ORCID 
primary 'Koide, A.'      1 ? 
primary 'Wojcik, J.'     2 ? 
primary 'Gilbreth, R.N.' 3 ? 
primary 'Hoey, R.J.'     4 ? 
primary 'Koide, S.'      5 ? 
# 
_cell.entry_id           3UYO 
_cell.length_a           65.553 
_cell.length_b           49.181 
_cell.length_c           60.955 
_cell.angle_alpha        90.00 
_cell.angle_beta         90.00 
_cell.angle_gamma        90.00 
_cell.Z_PDB              4 
_cell.pdbx_unique_axis   ? 
_cell.length_a_esd       ? 
_cell.length_b_esd       ? 
_cell.length_c_esd       ? 
_cell.angle_alpha_esd    ? 
_cell.angle_beta_esd     ? 
_cell.angle_gamma_esd    ? 
# 
_symmetry.entry_id                         3UYO 
_symmetry.space_group_name_H-M             'P 21 21 2' 
_symmetry.pdbx_full_space_group_name_H-M   ? 
_symmetry.cell_setting                     ? 
_symmetry.Int_Tables_number                18 
_symmetry.space_group_name_Hall            ? 
# 
loop_
_entity.id 
_entity.type 
_entity.src_method 
_entity.pdbx_description 
_entity.formula_weight 
_entity.pdbx_number_of_molecules 
_entity.pdbx_ec 
_entity.pdbx_mutation 
_entity.pdbx_fragment 
_entity.details 
1 polymer     man 'Tyrosine-protein kinase ABL1' 13715.132 1   2.7.10.2 ? 'SH2 domain, UNP residues 112-232' ? 
2 polymer     man 'Monobody SH13'                10061.042 1   ?        ? ?                                  ? 
3 non-polymer syn 'SULFATE ION'                  96.063    1   ?        ? ?                                  ? 
4 water       nat water                          18.015    134 ?        ? ?                                  ? 
# 
_entity_name_com.entity_id   1 
_entity_name_com.name        
'Abelson murine leukemia viral oncogene homolog 1, Abelson tyrosine-protein kinase 1, Proto-oncogene c-Abl, p150' 
# 
loop_
_entity_poly.entity_id 
_entity_poly.type 
_entity_poly.nstd_linkage 
_entity_poly.nstd_monomer 
_entity_poly.pdbx_seq_one_letter_code 
_entity_poly.pdbx_seq_one_letter_code_can 
_entity_poly.pdbx_strand_id 
_entity_poly.pdbx_target_identifier 
1 'polypeptide(L)' no no 
;GSPSNYITPVNSLEKHSWYHGPVSRNAAEYLLSSGINGSFLVRESESSPGQRSISLRYEGRVYHYRINTASDGKLYVSSE
SRFNTLAELVHHHSTVADGLITTLHYPAPKRNKPTVYGVSPNY
;
;GSPSNYITPVNSLEKHSWYHGPVSRNAAEYLLSSGINGSFLVRESESSPGQRSISLRYEGRVYHYRINTASDGKLYVSSE
SRFNTLAELVHHHSTVADGLITTLHYPAPKRNKPTVYGVSPNY
;
A ? 
2 'polypeptide(L)' no no 
;GSVSSVPTKLEVVAATPTSLLISWDAPAVTVDFYVITYGETGGNSPVQEFTVPGSKSTATISGLSPGVDYTITVYAGYSD
SWNWPYSPISINYRT
;
;GSVSSVPTKLEVVAATPTSLLISWDAPAVTVDFYVITYGETGGNSPVQEFTVPGSKSTATISGLSPGVDYTITVYAGYSD
SWNWPYSPISINYRT
;
D ? 
# 
loop_
_entity_poly_seq.entity_id 
_entity_poly_seq.num 
_entity_poly_seq.mon_id 
_entity_poly_seq.hetero 
1 1   GLY n 
1 2   SER n 
1 3   PRO n 
1 4   SER n 
1 5   ASN n 
1 6   TYR n 
1 7   ILE n 
1 8   THR n 
1 9   PRO n 
1 10  VAL n 
1 11  ASN n 
1 12  SER n 
1 13  LEU n 
1 14  GLU n 
1 15  LYS n 
1 16  HIS n 
1 17  SER n 
1 18  TRP n 
1 19  TYR n 
1 20  HIS n 
1 21  GLY n 
1 22  PRO n 
1 23  VAL n 
1 24  SER n 
1 25  ARG n 
1 26  ASN n 
1 27  ALA n 
1 28  ALA n 
1 29  GLU n 
1 30  TYR n 
1 31  LEU n 
1 32  LEU n 
1 33  SER n 
1 34  SER n 
1 35  GLY n 
1 36  ILE n 
1 37  ASN n 
1 38  GLY n 
1 39  SER n 
1 40  PHE n 
1 41  LEU n 
1 42  VAL n 
1 43  ARG n 
1 44  GLU n 
1 45  SER n 
1 46  GLU n 
1 47  SER n 
1 48  SER n 
1 49  PRO n 
1 50  GLY n 
1 51  GLN n 
1 52  ARG n 
1 53  SER n 
1 54  ILE n 
1 55  SER n 
1 56  LEU n 
1 57  ARG n 
1 58  TYR n 
1 59  GLU n 
1 60  GLY n 
1 61  ARG n 
1 62  VAL n 
1 63  TYR n 
1 64  HIS n 
1 65  TYR n 
1 66  ARG n 
1 67  ILE n 
1 68  ASN n 
1 69  THR n 
1 70  ALA n 
1 71  SER n 
1 72  ASP n 
1 73  GLY n 
1 74  LYS n 
1 75  LEU n 
1 76  TYR n 
1 77  VAL n 
1 78  SER n 
1 79  SER n 
1 80  GLU n 
1 81  SER n 
1 82  ARG n 
1 83  PHE n 
1 84  ASN n 
1 85  THR n 
1 86  LEU n 
1 87  ALA n 
1 88  GLU n 
1 89  LEU n 
1 90  VAL n 
1 91  HIS n 
1 92  HIS n 
1 93  HIS n 
1 94  SER n 
1 95  THR n 
1 96  VAL n 
1 97  ALA n 
1 98  ASP n 
1 99  GLY n 
1 100 LEU n 
1 101 ILE n 
1 102 THR n 
1 103 THR n 
1 104 LEU n 
1 105 HIS n 
1 106 TYR n 
1 107 PRO n 
1 108 ALA n 
1 109 PRO n 
1 110 LYS n 
1 111 ARG n 
1 112 ASN n 
1 113 LYS n 
1 114 PRO n 
1 115 THR n 
1 116 VAL n 
1 117 TYR n 
1 118 GLY n 
1 119 VAL n 
1 120 SER n 
1 121 PRO n 
1 122 ASN n 
1 123 TYR n 
2 1   GLY n 
2 2   SER n 
2 3   VAL n 
2 4   SER n 
2 5   SER n 
2 6   VAL n 
2 7   PRO n 
2 8   THR n 
2 9   LYS n 
2 10  LEU n 
2 11  GLU n 
2 12  VAL n 
2 13  VAL n 
2 14  ALA n 
2 15  ALA n 
2 16  THR n 
2 17  PRO n 
2 18  THR n 
2 19  SER n 
2 20  LEU n 
2 21  LEU n 
2 22  ILE n 
2 23  SER n 
2 24  TRP n 
2 25  ASP n 
2 26  ALA n 
2 27  PRO n 
2 28  ALA n 
2 29  VAL n 
2 30  THR n 
2 31  VAL n 
2 32  ASP n 
2 33  PHE n 
2 34  TYR n 
2 35  VAL n 
2 36  ILE n 
2 37  THR n 
2 38  TYR n 
2 39  GLY n 
2 40  GLU n 
2 41  THR n 
2 42  GLY n 
2 43  GLY n 
2 44  ASN n 
2 45  SER n 
2 46  PRO n 
2 47  VAL n 
2 48  GLN n 
2 49  GLU n 
2 50  PHE n 
2 51  THR n 
2 52  VAL n 
2 53  PRO n 
2 54  GLY n 
2 55  SER n 
2 56  LYS n 
2 57  SER n 
2 58  THR n 
2 59  ALA n 
2 60  THR n 
2 61  ILE n 
2 62  SER n 
2 63  GLY n 
2 64  LEU n 
2 65  SER n 
2 66  PRO n 
2 67  GLY n 
2 68  VAL n 
2 69  ASP n 
2 70  TYR n 
2 71  THR n 
2 72  ILE n 
2 73  THR n 
2 74  VAL n 
2 75  TYR n 
2 76  ALA n 
2 77  GLY n 
2 78  TYR n 
2 79  SER n 
2 80  ASP n 
2 81  SER n 
2 82  TRP n 
2 83  ASN n 
2 84  TRP n 
2 85  PRO n 
2 86  TYR n 
2 87  SER n 
2 88  PRO n 
2 89  ILE n 
2 90  SER n 
2 91  ILE n 
2 92  ASN n 
2 93  TYR n 
2 94  ARG n 
2 95  THR n 
# 
loop_
_entity_src_gen.entity_id 
_entity_src_gen.pdbx_src_id 
_entity_src_gen.pdbx_alt_source_flag 
_entity_src_gen.pdbx_seq_type 
_entity_src_gen.pdbx_beg_seq_num 
_entity_src_gen.pdbx_end_seq_num 
_entity_src_gen.gene_src_common_name 
_entity_src_gen.gene_src_genus 
_entity_src_gen.pdbx_gene_src_gene 
_entity_src_gen.gene_src_species 
_entity_src_gen.gene_src_strain 
_entity_src_gen.gene_src_tissue 
_entity_src_gen.gene_src_tissue_fraction 
_entity_src_gen.gene_src_details 
_entity_src_gen.pdbx_gene_src_fragment 
_entity_src_gen.pdbx_gene_src_scientific_name 
_entity_src_gen.pdbx_gene_src_ncbi_taxonomy_id 
_entity_src_gen.pdbx_gene_src_variant 
_entity_src_gen.pdbx_gene_src_cell_line 
_entity_src_gen.pdbx_gene_src_atcc 
_entity_src_gen.pdbx_gene_src_organ 
_entity_src_gen.pdbx_gene_src_organelle 
_entity_src_gen.pdbx_gene_src_cell 
_entity_src_gen.pdbx_gene_src_cellular_location 
_entity_src_gen.host_org_common_name 
_entity_src_gen.pdbx_host_org_scientific_name 
_entity_src_gen.pdbx_host_org_ncbi_taxonomy_id 
_entity_src_gen.host_org_genus 
_entity_src_gen.pdbx_host_org_gene 
_entity_src_gen.pdbx_host_org_organ 
_entity_src_gen.host_org_species 
_entity_src_gen.pdbx_host_org_tissue 
_entity_src_gen.pdbx_host_org_tissue_fraction 
_entity_src_gen.pdbx_host_org_strain 
_entity_src_gen.pdbx_host_org_variant 
_entity_src_gen.pdbx_host_org_cell_line 
_entity_src_gen.pdbx_host_org_atcc 
_entity_src_gen.pdbx_host_org_culture_collection 
_entity_src_gen.pdbx_host_org_cell 
_entity_src_gen.pdbx_host_org_organelle 
_entity_src_gen.pdbx_host_org_cellular_location 
_entity_src_gen.pdbx_host_org_vector_type 
_entity_src_gen.pdbx_host_org_vector 
_entity_src_gen.host_org_details 
_entity_src_gen.expression_system_id 
_entity_src_gen.plasmid_name 
_entity_src_gen.plasmid_details 
_entity_src_gen.pdbx_description 
1 1 sample ? ? ? human ? 'ABL, ABL1, JTK7' ? ? ? ? ? ? 'Homo sapiens' 9606 ? ? ? ? ? ? ? ? 'ESCHERICHIA COLI' 562 ? ? ? ? ? ? 
'BL21(DE3)' ? ? ? ? ? ? ? PLASMID ? ? ? PHFT2 ? ? 
2 1 sample ? ? ? human ? ?                 ? ? ? ? ? ? 'Homo sapiens' 9606 ? ? ? ? ? ? ? ? 'ESCHERICHIA COLI' 562 ? ? ? ? ? ? 
'BL21(DE3)' ? ? ? ? ? ? ? PLASMID ? ? ? PHFT2 ? ? 
# 
loop_
_struct_ref.id 
_struct_ref.db_name 
_struct_ref.db_code 
_struct_ref.entity_id 
_struct_ref.pdbx_seq_one_letter_code 
_struct_ref.pdbx_align_begin 
_struct_ref.pdbx_db_accession 
_struct_ref.pdbx_db_isoform 
1 UNP ABL1_HUMAN 1 
;PSNYITPVNSLEKHSWYHGPVSRNAAEYLLSSGINGSFLVRESESSPGQRSISLRYEGRVYHYRINTASDGKLYVSSESR
FNTLAELVHHHSTVADGLITTLHYPAPKRNKPTVYGVSPNY
;
112 P00519 ? 
2 PDB 3UYO       2 
;GSVSSVPTKLEVVAATPTSLLISWDAPAVTVDFYVITYGETGGNSPVQEFTVPGSKSTATISGLSPGVDYTITVYAGYSD
SWNWPYSPISINYRT
;
?   3UYO   ? 
# 
loop_
_struct_ref_seq.align_id 
_struct_ref_seq.ref_id 
_struct_ref_seq.pdbx_PDB_id_code 
_struct_ref_seq.pdbx_strand_id 
_struct_ref_seq.seq_align_beg 
_struct_ref_seq.pdbx_seq_align_beg_ins_code 
_struct_ref_seq.seq_align_end 
_struct_ref_seq.pdbx_seq_align_end_ins_code 
_struct_ref_seq.pdbx_db_accession 
_struct_ref_seq.db_align_beg 
_struct_ref_seq.pdbx_db_align_beg_ins_code 
_struct_ref_seq.db_align_end 
_struct_ref_seq.pdbx_db_align_end_ins_code 
_struct_ref_seq.pdbx_auth_seq_align_beg 
_struct_ref_seq.pdbx_auth_seq_align_end 
1 1 3UYO A 3 ? 123 ? P00519 112 ? 232 ? 131 251 
2 2 3UYO D 1 ? 95  ? 3UYO   2   ? 96  ? 2   96  
# 
loop_
_struct_ref_seq_dif.align_id 
_struct_ref_seq_dif.pdbx_pdb_id_code 
_struct_ref_seq_dif.mon_id 
_struct_ref_seq_dif.pdbx_pdb_strand_id 
_struct_ref_seq_dif.seq_num 
_struct_ref_seq_dif.pdbx_pdb_ins_code 
_struct_ref_seq_dif.pdbx_seq_db_name 
_struct_ref_seq_dif.pdbx_seq_db_accession_code 
_struct_ref_seq_dif.db_mon_id 
_struct_ref_seq_dif.pdbx_seq_db_seq_num 
_struct_ref_seq_dif.details 
_struct_ref_seq_dif.pdbx_auth_seq_num 
_struct_ref_seq_dif.pdbx_ordinal 
1 3UYO GLY A 1 ? UNP P00519 ? ? 'expression tag' 129 1 
1 3UYO SER A 2 ? UNP P00519 ? ? 'expression tag' 130 2 
# 
loop_
_chem_comp.id 
_chem_comp.type 
_chem_comp.mon_nstd_flag 
_chem_comp.name 
_chem_comp.pdbx_synonyms 
_chem_comp.formula 
_chem_comp.formula_weight 
ALA 'L-peptide linking' y ALANINE         ? 'C3 H7 N O2'     89.093  
ARG 'L-peptide linking' y ARGININE        ? 'C6 H15 N4 O2 1' 175.209 
ASN 'L-peptide linking' y ASPARAGINE      ? 'C4 H8 N2 O3'    132.118 
ASP 'L-peptide linking' y 'ASPARTIC ACID' ? 'C4 H7 N O4'     133.103 
GLN 'L-peptide linking' y GLUTAMINE       ? 'C5 H10 N2 O3'   146.144 
GLU 'L-peptide linking' y 'GLUTAMIC ACID' ? 'C5 H9 N O4'     147.129 
GLY 'peptide linking'   y GLYCINE         ? 'C2 H5 N O2'     75.067  
HIS 'L-peptide linking' y HISTIDINE       ? 'C6 H10 N3 O2 1' 156.162 
HOH non-polymer         . WATER           ? 'H2 O'           18.015  
ILE 'L-peptide linking' y ISOLEUCINE      ? 'C6 H13 N O2'    131.173 
LEU 'L-peptide linking' y LEUCINE         ? 'C6 H13 N O2'    131.173 
LYS 'L-peptide linking' y LYSINE          ? 'C6 H15 N2 O2 1' 147.195 
PHE 'L-peptide linking' y PHENYLALANINE   ? 'C9 H11 N O2'    165.189 
PRO 'L-peptide linking' y PROLINE         ? 'C5 H9 N O2'     115.130 
SER 'L-peptide linking' y SERINE          ? 'C3 H7 N O3'     105.093 
SO4 non-polymer         . 'SULFATE ION'   ? 'O4 S -2'        96.063  
THR 'L-peptide linking' y THREONINE       ? 'C4 H9 N O3'     119.119 
TRP 'L-peptide linking' y TRYPTOPHAN      ? 'C11 H12 N2 O2'  204.225 
TYR 'L-peptide linking' y TYROSINE        ? 'C9 H11 N O3'    181.189 
VAL 'L-peptide linking' y VALINE          ? 'C5 H11 N O2'    117.146 
# 
_exptl.entry_id          3UYO 
_exptl.method            'X-RAY DIFFRACTION' 
_exptl.crystals_number   1 
# 
_exptl_crystal.id                    1 
_exptl_crystal.density_meas          ? 
_exptl_crystal.density_Matthews      2.07 
_exptl_crystal.density_percent_sol   40.47 
_exptl_crystal.description           ? 
_exptl_crystal.F_000                 ? 
_exptl_crystal.preparation           ? 
# 
_exptl_crystal_grow.crystal_id      1 
_exptl_crystal_grow.method          'VAPOR DIFFUSION, HANGING DROP' 
_exptl_crystal_grow.temp            292 
_exptl_crystal_grow.temp_details    ? 
_exptl_crystal_grow.pH              5.5 
_exptl_crystal_grow.pdbx_details    
'0.2M MGCL2, 0.1M BIS-TRIS PH 5.5, 25% PEG 3350, VAPOR DIFFUSION, HANGING DROP, TEMPERATURE 292K' 
_exptl_crystal_grow.pdbx_pH_range   ? 
# 
_diffrn.id                     1 
_diffrn.ambient_temp           100 
_diffrn.ambient_temp_details   ? 
_diffrn.crystal_id             1 
# 
_diffrn_detector.diffrn_id              1 
_diffrn_detector.detector               CCD 
_diffrn_detector.type                   'ADSC QUANTUM 315' 
_diffrn_detector.pdbx_collection_date   2010-03-05 
_diffrn_detector.details                ? 
# 
_diffrn_radiation.diffrn_id                        1 
_diffrn_radiation.wavelength_id                    1 
_diffrn_radiation.pdbx_monochromatic_or_laue_m_l   M 
_diffrn_radiation.monochromator                    'SI 111 SIDE BOUNCE' 
_diffrn_radiation.pdbx_diffrn_protocol             'SINGLE WAVELENGTH' 
_diffrn_radiation.pdbx_scattering_type             x-ray 
# 
_diffrn_radiation_wavelength.id           1 
_diffrn_radiation_wavelength.wavelength   0.97917 
_diffrn_radiation_wavelength.wt           1.0 
# 
_diffrn_source.diffrn_id                   1 
_diffrn_source.source                      SYNCHROTRON 
_diffrn_source.type                        'APS BEAMLINE 24-ID-E' 
_diffrn_source.pdbx_synchrotron_site       APS 
_diffrn_source.pdbx_synchrotron_beamline   24-ID-E 
_diffrn_source.pdbx_wavelength             0.97917 
_diffrn_source.pdbx_wavelength_list        ? 
# 
_reflns.entry_id                     3UYO 
_reflns.observed_criterion_sigma_I   1.000 
_reflns.observed_criterion_sigma_F   ? 
_reflns.d_resolution_low             50.000 
_reflns.d_resolution_high            1.830 
_reflns.number_obs                   15737 
_reflns.number_all                   ? 
_reflns.percent_possible_obs         96.1 
_reflns.pdbx_Rmerge_I_obs            ? 
_reflns.pdbx_Rsym_value              0.11500 
_reflns.pdbx_netI_over_sigmaI        24.4000 
_reflns.B_iso_Wilson_estimate        ? 
_reflns.pdbx_redundancy              4.000 
_reflns.R_free_details               ? 
_reflns.limit_h_max                  ? 
_reflns.limit_h_min                  ? 
_reflns.limit_k_max                  ? 
_reflns.limit_k_min                  ? 
_reflns.limit_l_max                  ? 
_reflns.limit_l_min                  ? 
_reflns.observed_criterion_F_max     ? 
_reflns.observed_criterion_F_min     ? 
_reflns.pdbx_chi_squared             ? 
_reflns.pdbx_scaling_rejects         ? 
_reflns.pdbx_ordinal                 1 
_reflns.pdbx_diffrn_id               1 
# 
_refine.entry_id                                 3UYO 
_refine.ls_number_reflns_obs                     14920 
_refine.ls_number_reflns_all                     ? 
_refine.pdbx_ls_sigma_I                          ? 
_refine.pdbx_ls_sigma_F                          ? 
_refine.pdbx_data_cutoff_high_absF               ? 
_refine.pdbx_data_cutoff_low_absF                ? 
_refine.pdbx_data_cutoff_high_rms_absF           ? 
_refine.ls_d_res_low                             40.00 
_refine.ls_d_res_high                            1.83 
_refine.ls_percent_reflns_obs                    87.4 
_refine.ls_R_factor_obs                          0.190 
_refine.ls_R_factor_all                          ? 
_refine.ls_R_factor_R_work                       0.188 
_refine.ls_R_factor_R_free                       0.237 
_refine.ls_R_factor_R_free_error                 ? 
_refine.ls_R_factor_R_free_error_details         ? 
_refine.ls_percent_reflns_R_free                 5.100 
_refine.ls_number_reflns_R_free                  796 
_refine.ls_number_parameters                     ? 
_refine.ls_number_restraints                     ? 
_refine.occupancy_min                            ? 
_refine.occupancy_max                            ? 
_refine.correlation_coeff_Fo_to_Fc               0.957 
_refine.correlation_coeff_Fo_to_Fc_free          0.937 
_refine.B_iso_mean                               26.17 
_refine.aniso_B[1][1]                            -0.03000 
_refine.aniso_B[2][2]                            -0.13000 
_refine.aniso_B[3][3]                            0.16000 
_refine.aniso_B[1][2]                            -0.00000 
_refine.aniso_B[1][3]                            0.00000 
_refine.aniso_B[2][3]                            0.00000 
_refine.solvent_model_details                    MASK 
_refine.solvent_model_param_ksol                 ? 
_refine.solvent_model_param_bsol                 ? 
_refine.pdbx_solvent_vdw_probe_radii             1.40 
_refine.pdbx_solvent_ion_probe_radii             0.80 
_refine.pdbx_solvent_shrinkage_radii             0.80 
_refine.pdbx_ls_cross_valid_method               THROUGHOUT 
_refine.details                                  'HYDROGENS HAVE BEEN ADDED IN THE RIDING POSITIONS' 
_refine.pdbx_starting_model                      '1OPK: 154-235, 1FNF: LOOPS OMITTED' 
_refine.pdbx_method_to_determine_struct          'MOLECULAR REPLACEMENT' 
_refine.pdbx_isotropic_thermal_model             ? 
_refine.pdbx_stereochemistry_target_values       'MAXIMUM LIKELIHOOD' 
_refine.pdbx_stereochem_target_val_spec_case     ? 
_refine.pdbx_R_Free_selection_details            RANDOM 
_refine.pdbx_overall_ESU_R                       ? 
_refine.pdbx_overall_ESU_R_Free                  0.158 
_refine.overall_SU_ML                            0.097 
_refine.pdbx_overall_phase_error                 ? 
_refine.overall_SU_B                             3.159 
_refine.overall_SU_R_Cruickshank_DPI             ? 
_refine.ls_redundancy_reflns_obs                 ? 
_refine.B_iso_min                                ? 
_refine.B_iso_max                                ? 
_refine.overall_SU_R_free                        ? 
_refine.ls_wR_factor_R_free                      ? 
_refine.ls_wR_factor_R_work                      ? 
_refine.overall_FOM_free_R_set                   ? 
_refine.overall_FOM_work_R_set                   ? 
_refine.pdbx_diffrn_id                           1 
_refine.pdbx_refine_id                           'X-RAY DIFFRACTION' 
_refine.pdbx_TLS_residual_ADP_flag               ? 
_refine.pdbx_overall_SU_R_free_Cruickshank_DPI   ? 
_refine.pdbx_overall_SU_R_Blow_DPI               ? 
_refine.pdbx_overall_SU_R_free_Blow_DPI          ? 
# 
_refine_hist.pdbx_refine_id                   'X-RAY DIFFRACTION' 
_refine_hist.cycle_id                         LAST 
_refine_hist.pdbx_number_atoms_protein        1614 
_refine_hist.pdbx_number_atoms_nucleic_acid   0 
_refine_hist.pdbx_number_atoms_ligand         5 
_refine_hist.number_atoms_solvent             134 
_refine_hist.number_atoms_total               1753 
_refine_hist.d_res_high                       1.83 
_refine_hist.d_res_low                        40.00 
# 
loop_
_refine_ls_restr.type 
_refine_ls_restr.dev_ideal 
_refine_ls_restr.dev_ideal_target 
_refine_ls_restr.weight 
_refine_ls_restr.number 
_refine_ls_restr.pdbx_restraint_function 
_refine_ls_restr.pdbx_refine_id 
r_bond_refined_d             0.012  0.022  ? 1665 ? 'X-RAY DIFFRACTION' 
r_bond_other_d               ?      ?      ? ?    ? 'X-RAY DIFFRACTION' 
r_angle_refined_deg          1.337  1.946  ? 2282 ? 'X-RAY DIFFRACTION' 
r_angle_other_deg            ?      ?      ? ?    ? 'X-RAY DIFFRACTION' 
r_dihedral_angle_1_deg       6.265  5.000  ? 206  ? 'X-RAY DIFFRACTION' 
r_dihedral_angle_2_deg       35.859 22.687 ? 67   ? 'X-RAY DIFFRACTION' 
r_dihedral_angle_3_deg       12.971 15.000 ? 240  ? 'X-RAY DIFFRACTION' 
r_dihedral_angle_4_deg       14.634 15.000 ? 9    ? 'X-RAY DIFFRACTION' 
r_chiral_restr               0.093  0.200  ? 257  ? 'X-RAY DIFFRACTION' 
r_gen_planes_refined         0.006  0.021  ? 1271 ? 'X-RAY DIFFRACTION' 
r_gen_planes_other           ?      ?      ? ?    ? 'X-RAY DIFFRACTION' 
r_nbd_refined                ?      ?      ? ?    ? 'X-RAY DIFFRACTION' 
r_nbd_other                  ?      ?      ? ?    ? 'X-RAY DIFFRACTION' 
r_nbtor_refined              ?      ?      ? ?    ? 'X-RAY DIFFRACTION' 
r_nbtor_other                ?      ?      ? ?    ? 'X-RAY DIFFRACTION' 
r_xyhbond_nbd_refined        ?      ?      ? ?    ? 'X-RAY DIFFRACTION' 
r_xyhbond_nbd_other          ?      ?      ? ?    ? 'X-RAY DIFFRACTION' 
r_metal_ion_refined          ?      ?      ? ?    ? 'X-RAY DIFFRACTION' 
r_metal_ion_other            ?      ?      ? ?    ? 'X-RAY DIFFRACTION' 
r_symmetry_vdw_refined       ?      ?      ? ?    ? 'X-RAY DIFFRACTION' 
r_symmetry_vdw_other         ?      ?      ? ?    ? 'X-RAY DIFFRACTION' 
r_symmetry_hbond_refined     ?      ?      ? ?    ? 'X-RAY DIFFRACTION' 
r_symmetry_hbond_other       ?      ?      ? ?    ? 'X-RAY DIFFRACTION' 
r_symmetry_metal_ion_refined ?      ?      ? ?    ? 'X-RAY DIFFRACTION' 
r_symmetry_metal_ion_other   ?      ?      ? ?    ? 'X-RAY DIFFRACTION' 
r_mcbond_it                  0.893  1.500  ? 1037 ? 'X-RAY DIFFRACTION' 
r_mcbond_other               ?      ?      ? ?    ? 'X-RAY DIFFRACTION' 
r_mcangle_it                 1.604  2.000  ? 1693 ? 'X-RAY DIFFRACTION' 
r_scbond_it                  2.377  3.000  ? 628  ? 'X-RAY DIFFRACTION' 
r_scangle_it                 3.411  4.500  ? 589  ? 'X-RAY DIFFRACTION' 
r_rigid_bond_restr           ?      ?      ? ?    ? 'X-RAY DIFFRACTION' 
r_sphericity_free            ?      ?      ? ?    ? 'X-RAY DIFFRACTION' 
r_sphericity_bonded          ?      ?      ? ?    ? 'X-RAY DIFFRACTION' 
# 
_refine_ls_shell.pdbx_total_number_of_bins_used   20 
_refine_ls_shell.d_res_high                       1.83 
_refine_ls_shell.d_res_low                        1.88 
_refine_ls_shell.number_reflns_R_work             1032 
_refine_ls_shell.R_factor_R_work                  0.2310 
_refine_ls_shell.percent_reflns_obs               83.03 
_refine_ls_shell.R_factor_R_free                  0.2430 
_refine_ls_shell.R_factor_R_free_error            ? 
_refine_ls_shell.percent_reflns_R_free            ? 
_refine_ls_shell.number_reflns_R_free             54 
_refine_ls_shell.number_reflns_all                ? 
_refine_ls_shell.R_factor_all                     ? 
_refine_ls_shell.number_reflns_obs                ? 
_refine_ls_shell.redundancy_reflns_obs            ? 
_refine_ls_shell.pdbx_refine_id                   'X-RAY DIFFRACTION' 
# 
_struct.entry_id                  3UYO 
_struct.title                     'Crystal structure of monobody SH13/ABL1 SH2 domain complex' 
_struct.pdbx_model_details        ? 
_struct.pdbx_CASP_flag            ? 
_struct.pdbx_model_type_details   ? 
# 
_struct_keywords.entry_id        3UYO 
_struct_keywords.pdbx_keywords   'SIGNALING PROTEIN/PROTEIN BINDING' 
_struct_keywords.text            
;engineered binding protein, antibody mimic, protein-protein complex, SH2 domain, ATP-binding, phosphoprotein, tyrosine-protein kinase, signaling protein-protein binding complex
;
# 
loop_
_struct_asym.id 
_struct_asym.pdbx_blank_PDB_chainid_flag 
_struct_asym.pdbx_modified 
_struct_asym.entity_id 
_struct_asym.details 
A N N 1 ? 
B N N 2 ? 
C N N 3 ? 
D N N 4 ? 
E N N 4 ? 
# 
_struct_biol.id        1 
_struct_biol.details   ? 
# 
loop_
_struct_conf.conf_type_id 
_struct_conf.id 
_struct_conf.pdbx_PDB_helix_id 
_struct_conf.beg_label_comp_id 
_struct_conf.beg_label_asym_id 
_struct_conf.beg_label_seq_id 
_struct_conf.pdbx_beg_PDB_ins_code 
_struct_conf.end_label_comp_id 
_struct_conf.end_label_asym_id 
_struct_conf.end_label_seq_id 
_struct_conf.pdbx_end_PDB_ins_code 
_struct_conf.beg_auth_comp_id 
_struct_conf.beg_auth_asym_id 
_struct_conf.beg_auth_seq_id 
_struct_conf.end_auth_comp_id 
_struct_conf.end_auth_asym_id 
_struct_conf.end_auth_seq_id 
_struct_conf.pdbx_PDB_helix_class 
_struct_conf.details 
_struct_conf.pdbx_PDB_helix_length 
HELX_P HELX_P1 1 ASN A 11 ? HIS A 16 ? ASN A 139 HIS A 144 5 ? 6  
HELX_P HELX_P2 2 SER A 24 ? LEU A 32 ? SER A 152 LEU A 160 1 ? 9  
HELX_P HELX_P3 3 THR A 85 ? SER A 94 ? THR A 213 SER A 222 1 ? 10 
# 
_struct_conf_type.id          HELX_P 
_struct_conf_type.criteria    ? 
_struct_conf_type.reference   ? 
# 
loop_
_struct_mon_prot_cis.pdbx_id 
_struct_mon_prot_cis.label_comp_id 
_struct_mon_prot_cis.label_seq_id 
_struct_mon_prot_cis.label_asym_id 
_struct_mon_prot_cis.label_alt_id 
_struct_mon_prot_cis.pdbx_PDB_ins_code 
_struct_mon_prot_cis.auth_comp_id 
_struct_mon_prot_cis.auth_seq_id 
_struct_mon_prot_cis.auth_asym_id 
_struct_mon_prot_cis.pdbx_label_comp_id_2 
_struct_mon_prot_cis.pdbx_label_seq_id_2 
_struct_mon_prot_cis.pdbx_label_asym_id_2 
_struct_mon_prot_cis.pdbx_PDB_ins_code_2 
_struct_mon_prot_cis.pdbx_auth_comp_id_2 
_struct_mon_prot_cis.pdbx_auth_seq_id_2 
_struct_mon_prot_cis.pdbx_auth_asym_id_2 
_struct_mon_prot_cis.pdbx_PDB_model_num 
_struct_mon_prot_cis.pdbx_omega_angle 
1 VAL 6  B . ? VAL 7  D PRO 7  B ? PRO 8  D 1 2.45  
2 GLY 43 B . ? GLY 44 D ASN 44 B ? ASN 45 D 1 -6.59 
# 
loop_
_struct_sheet.id 
_struct_sheet.type 
_struct_sheet.number_strands 
_struct_sheet.details 
A ? 4 ? 
B ? 3 ? 
C ? 3 ? 
D ? 3 ? 
E ? 4 ? 
# 
loop_
_struct_sheet_order.sheet_id 
_struct_sheet_order.range_id_1 
_struct_sheet_order.range_id_2 
_struct_sheet_order.offset 
_struct_sheet_order.sense 
A 1 2 ? parallel      
A 2 3 ? anti-parallel 
A 3 4 ? anti-parallel 
B 1 2 ? parallel      
B 2 3 ? parallel      
C 1 2 ? anti-parallel 
C 2 3 ? anti-parallel 
D 1 2 ? anti-parallel 
D 2 3 ? anti-parallel 
E 1 2 ? anti-parallel 
E 2 3 ? anti-parallel 
E 3 4 ? anti-parallel 
# 
loop_
_struct_sheet_range.sheet_id 
_struct_sheet_range.id 
_struct_sheet_range.beg_label_comp_id 
_struct_sheet_range.beg_label_asym_id 
_struct_sheet_range.beg_label_seq_id 
_struct_sheet_range.pdbx_beg_PDB_ins_code 
_struct_sheet_range.end_label_comp_id 
_struct_sheet_range.end_label_asym_id 
_struct_sheet_range.end_label_seq_id 
_struct_sheet_range.pdbx_end_PDB_ins_code 
_struct_sheet_range.beg_auth_comp_id 
_struct_sheet_range.beg_auth_asym_id 
_struct_sheet_range.beg_auth_seq_id 
_struct_sheet_range.end_auth_comp_id 
_struct_sheet_range.end_auth_asym_id 
_struct_sheet_range.end_auth_seq_id 
A 1 TYR A 19  ? PRO A 22  ? TYR A 147 PRO A 150 
A 2 SER A 39  ? GLU A 44  ? SER A 167 GLU A 172 
A 3 ARG A 52  ? TYR A 58  ? ARG A 180 TYR A 186 
A 4 ARG A 61  ? ARG A 66  ? ARG A 189 ARG A 194 
B 1 TYR A 19  ? PRO A 22  ? TYR A 147 PRO A 150 
B 2 SER A 39  ? GLU A 44  ? SER A 167 GLU A 172 
B 3 TYR A 106 ? PRO A 107 ? TYR A 234 PRO A 235 
C 1 ASN A 68  ? THR A 69  ? ASN A 196 THR A 197 
C 2 LEU A 75  ? TYR A 76  ? LEU A 203 TYR A 204 
C 3 ARG A 82  ? PHE A 83  ? ARG A 210 PHE A 211 
D 1 GLU B 11  ? ALA B 15  ? GLU D 12  ALA D 16  
D 2 LEU B 20  ? SER B 23  ? LEU D 21  SER D 24  
D 3 THR B 58  ? ILE B 61  ? THR D 59  ILE D 62  
E 1 GLN B 48  ? PRO B 53  ? GLN D 49  PRO D 54  
E 2 PHE B 33  ? GLU B 40  ? PHE D 34  GLU D 41  
E 3 ASP B 69  ? GLY B 77  ? ASP D 70  GLY D 78  
E 4 ILE B 89  ? ARG B 94  ? ILE D 90  ARG D 95  
# 
loop_
_pdbx_struct_sheet_hbond.sheet_id 
_pdbx_struct_sheet_hbond.range_id_1 
_pdbx_struct_sheet_hbond.range_id_2 
_pdbx_struct_sheet_hbond.range_1_label_atom_id 
_pdbx_struct_sheet_hbond.range_1_label_comp_id 
_pdbx_struct_sheet_hbond.range_1_label_asym_id 
_pdbx_struct_sheet_hbond.range_1_label_seq_id 
_pdbx_struct_sheet_hbond.range_1_PDB_ins_code 
_pdbx_struct_sheet_hbond.range_1_auth_atom_id 
_pdbx_struct_sheet_hbond.range_1_auth_comp_id 
_pdbx_struct_sheet_hbond.range_1_auth_asym_id 
_pdbx_struct_sheet_hbond.range_1_auth_seq_id 
_pdbx_struct_sheet_hbond.range_2_label_atom_id 
_pdbx_struct_sheet_hbond.range_2_label_comp_id 
_pdbx_struct_sheet_hbond.range_2_label_asym_id 
_pdbx_struct_sheet_hbond.range_2_label_seq_id 
_pdbx_struct_sheet_hbond.range_2_PDB_ins_code 
_pdbx_struct_sheet_hbond.range_2_auth_atom_id 
_pdbx_struct_sheet_hbond.range_2_auth_comp_id 
_pdbx_struct_sheet_hbond.range_2_auth_asym_id 
_pdbx_struct_sheet_hbond.range_2_auth_seq_id 
A 1 2 N HIS A 20 ? N HIS A 148 O VAL A 42  ? O VAL A 170 
A 2 3 N SER A 39 ? N SER A 167 O ARG A 57  ? O ARG A 185 
A 3 4 N LEU A 56 ? N LEU A 184 O TYR A 63  ? O TYR A 191 
B 1 2 N HIS A 20 ? N HIS A 148 O VAL A 42  ? O VAL A 170 
B 2 3 N PHE A 40 ? N PHE A 168 O TYR A 106 ? O TYR A 234 
C 1 2 N ASN A 68 ? N ASN A 196 O TYR A 76  ? O TYR A 204 
C 2 3 N LEU A 75 ? N LEU A 203 O PHE A 83  ? O PHE A 211 
D 1 2 N ALA B 14 ? N ALA D 15  O LEU B 21  ? O LEU D 22  
D 2 3 N ILE B 22 ? N ILE D 23  O ALA B 59  ? O ALA D 60  
E 1 2 O PHE B 50 ? O PHE D 51  N ILE B 36  ? N ILE D 37  
E 2 3 N PHE B 33 ? N PHE D 34  O GLY B 77  ? O GLY D 78  
E 3 4 N TYR B 70 ? N TYR D 71  O TYR B 93  ? O TYR D 94  
# 
_struct_site.id                   AC1 
_struct_site.pdbx_evidence_code   Software 
_struct_site.pdbx_auth_asym_id    A 
_struct_site.pdbx_auth_comp_id    SO4 
_struct_site.pdbx_auth_seq_id     1 
_struct_site.pdbx_auth_ins_code   ? 
_struct_site.pdbx_num_residues    6 
_struct_site.details              'BINDING SITE FOR RESIDUE SO4 A 1' 
# 
loop_
_struct_site_gen.id 
_struct_site_gen.site_id 
_struct_site_gen.pdbx_num_res 
_struct_site_gen.label_comp_id 
_struct_site_gen.label_asym_id 
_struct_site_gen.label_seq_id 
_struct_site_gen.pdbx_auth_ins_code 
_struct_site_gen.auth_comp_id 
_struct_site_gen.auth_asym_id 
_struct_site_gen.auth_seq_id 
_struct_site_gen.label_atom_id 
_struct_site_gen.label_alt_id 
_struct_site_gen.symmetry 
_struct_site_gen.details 
1 AC1 6 HOH D .  ? HOH A 61  . ? 3_546 ? 
2 AC1 6 VAL A 10 ? VAL A 138 . ? 3_546 ? 
3 AC1 6 ARG A 25 ? ARG A 153 . ? 1_555 ? 
4 AC1 6 ARG A 43 ? ARG A 171 . ? 1_555 ? 
5 AC1 6 HIS A 64 ? HIS A 192 . ? 1_555 ? 
6 AC1 6 HOH D .  ? HOH A 252 . ? 1_555 ? 
# 
_atom_sites.entry_id                    3UYO 
_atom_sites.fract_transf_matrix[1][1]   0.00826848 
_atom_sites.fract_transf_matrix[1][2]   0.01177763 
_atom_sites.fract_transf_matrix[1][3]   0.00506306 
_atom_sites.fract_transf_matrix[2][1]   0.01140023 
_atom_sites.fract_transf_matrix[2][2]   -0.01273692 
_atom_sites.fract_transf_matrix[2][3]   0.01101075 
_atom_sites.fract_transf_matrix[3][1]   0.01026993 
_atom_sites.fract_transf_matrix[3][2]   -0.00176247 
_atom_sites.fract_transf_matrix[3][3]   -0.01267198 
_atom_sites.fract_transf_vector[1]      0.192849 
_atom_sites.fract_transf_vector[2]      0.308615 
_atom_sites.fract_transf_vector[3]      0.676477 
# 
loop_
_atom_type.symbol 
C 
N 
O 
S 
# 
loop_
_atom_site.group_PDB 
_atom_site.id 
_atom_site.type_symbol 
_atom_site.label_atom_id 
_atom_site.label_alt_id 
_atom_site.label_comp_id 
_atom_site.label_asym_id 
_atom_site.label_entity_id 
_atom_site.label_seq_id 
_atom_site.pdbx_PDB_ins_code 
_atom_site.Cartn_x 
_atom_site.Cartn_y 
_atom_site.Cartn_z 
_atom_site.occupancy 
_atom_site.B_iso_or_equiv 
_atom_site.pdbx_formal_charge 
_atom_site.auth_seq_id 
_atom_site.auth_comp_id 
_atom_site.auth_asym_id 
_atom_site.auth_atom_id 
_atom_site.pdbx_PDB_model_num 
ATOM   1    N N   . TYR A 1 6   ? 11.717  7.638   19.387  1.00 38.89 ? 134 TYR A N   1 
ATOM   2    C CA  . TYR A 1 6   ? 11.893  7.554   17.900  1.00 38.78 ? 134 TYR A CA  1 
ATOM   3    C C   . TYR A 1 6   ? 11.276  6.276   17.302  1.00 37.74 ? 134 TYR A C   1 
ATOM   4    O O   . TYR A 1 6   ? 10.392  6.378   16.443  1.00 38.38 ? 134 TYR A O   1 
ATOM   5    C CB  . TYR A 1 6   ? 13.365  7.699   17.493  1.00 39.27 ? 134 TYR A CB  1 
ATOM   6    C CG  . TYR A 1 6   ? 14.063  8.930   18.036  1.00 42.68 ? 134 TYR A CG  1 
ATOM   7    C CD1 . TYR A 1 6   ? 13.419  10.179  18.059  1.00 45.57 ? 134 TYR A CD1 1 
ATOM   8    C CD2 . TYR A 1 6   ? 15.384  8.862   18.498  1.00 45.90 ? 134 TYR A CD2 1 
ATOM   9    C CE1 . TYR A 1 6   ? 14.063  11.318  18.550  1.00 47.36 ? 134 TYR A CE1 1 
ATOM   10   C CE2 . TYR A 1 6   ? 16.043  10.004  18.988  1.00 46.48 ? 134 TYR A CE2 1 
ATOM   11   C CZ  . TYR A 1 6   ? 15.378  11.224  19.005  1.00 48.16 ? 134 TYR A CZ  1 
ATOM   12   O OH  . TYR A 1 6   ? 16.015  12.348  19.495  1.00 49.75 ? 134 TYR A OH  1 
ATOM   13   N N   . ILE A 1 7   ? 11.725  5.093   17.750  1.00 35.60 ? 135 ILE A N   1 
ATOM   14   C CA  . ILE A 1 7   ? 11.137  3.804   17.308  1.00 33.90 ? 135 ILE A CA  1 
ATOM   15   C C   . ILE A 1 7   ? 9.752   3.616   17.945  1.00 32.42 ? 135 ILE A C   1 
ATOM   16   O O   . ILE A 1 7   ? 9.616   3.777   19.158  1.00 31.26 ? 135 ILE A O   1 
ATOM   17   C CB  . ILE A 1 7   ? 12.057  2.569   17.644  1.00 34.09 ? 135 ILE A CB  1 
ATOM   18   C CG1 . ILE A 1 7   ? 13.453  2.694   17.015  1.00 34.51 ? 135 ILE A CG1 1 
ATOM   19   C CG2 . ILE A 1 7   ? 11.403  1.245   17.214  1.00 34.75 ? 135 ILE A CG2 1 
ATOM   20   C CD1 . ILE A 1 7   ? 13.484  2.787   15.484  1.00 37.07 ? 135 ILE A CD1 1 
ATOM   21   N N   . THR A 1 8   ? 8.732   3.294   17.130  1.00 30.67 ? 136 THR A N   1 
ATOM   22   C CA  . THR A 1 8   ? 7.372   3.143   17.650  1.00 29.91 ? 136 THR A CA  1 
ATOM   23   C C   . THR A 1 8   ? 7.322   1.859   18.482  1.00 27.61 ? 136 THR A C   1 
ATOM   24   O O   . THR A 1 8   ? 7.756   0.811   18.019  1.00 26.62 ? 136 THR A O   1 
ATOM   25   C CB  . THR A 1 8   ? 6.244   3.176   16.547  1.00 30.03 ? 136 THR A CB  1 
ATOM   26   O OG1 . THR A 1 8   ? 6.294   4.426   15.835  1.00 32.07 ? 136 THR A OG1 1 
ATOM   27   C CG2 . THR A 1 8   ? 4.859   3.073   17.186  1.00 31.69 ? 136 THR A CG2 1 
ATOM   28   N N   . PRO A 1 9   ? 6.842   1.964   19.735  1.00 26.26 ? 137 PRO A N   1 
ATOM   29   C CA  . PRO A 1 9   ? 6.646   0.755   20.549  1.00 25.16 ? 137 PRO A CA  1 
ATOM   30   C C   . PRO A 1 9   ? 5.657   -0.195  19.867  1.00 24.44 ? 137 PRO A C   1 
ATOM   31   O O   . PRO A 1 9   ? 4.833   0.249   19.071  1.00 24.28 ? 137 PRO A O   1 
ATOM   32   C CB  . PRO A 1 9   ? 6.043   1.299   21.839  1.00 25.56 ? 137 PRO A CB  1 
ATOM   33   C CG  . PRO A 1 9   ? 6.452   2.767   21.873  1.00 26.90 ? 137 PRO A CG  1 
ATOM   34   C CD  . PRO A 1 9   ? 6.439   3.191   20.451  1.00 26.23 ? 137 PRO A CD  1 
ATOM   35   N N   . VAL A 1 10  ? 5.723   -1.485  20.183  1.00 22.78 ? 138 VAL A N   1 
ATOM   36   C CA  . VAL A 1 10  ? 4.808   -2.452  19.593  1.00 21.47 ? 138 VAL A CA  1 
ATOM   37   C C   . VAL A 1 10  ? 3.436   -2.326  20.268  1.00 21.50 ? 138 VAL A C   1 
ATOM   38   O O   . VAL A 1 10  ? 3.340   -2.223  21.498  1.00 20.65 ? 138 VAL A O   1 
ATOM   39   C CB  . VAL A 1 10  ? 5.400   -3.887  19.675  1.00 21.44 ? 138 VAL A CB  1 
ATOM   40   C CG1 . VAL A 1 10  ? 4.449   -4.927  19.068  1.00 21.17 ? 138 VAL A CG1 1 
ATOM   41   C CG2 . VAL A 1 10  ? 6.737   -3.920  18.956  1.00 21.05 ? 138 VAL A CG2 1 
ATOM   42   N N   . ASN A 1 11  ? 2.380   -2.282  19.455  1.00 20.87 ? 139 ASN A N   1 
ATOM   43   C CA  . ASN A 1 11  ? 1.008   -2.301  19.976  1.00 20.63 ? 139 ASN A CA  1 
ATOM   44   C C   . ASN A 1 11  ? 0.589   -3.726  20.319  1.00 19.87 ? 139 ASN A C   1 
ATOM   45   O O   . ASN A 1 11  ? 0.919   -4.655  19.589  1.00 18.85 ? 139 ASN A O   1 
ATOM   46   C CB  . ASN A 1 11  ? 0.022   -1.684  18.962  1.00 21.26 ? 139 ASN A CB  1 
ATOM   47   C CG  . ASN A 1 11  ? -1.343  -1.325  19.615  1.00 23.05 ? 139 ASN A CG  1 
ATOM   48   O OD1 . ASN A 1 11  ? -2.186  -2.189  19.837  1.00 23.34 ? 139 ASN A OD1 1 
ATOM   49   N ND2 . ASN A 1 11  ? -1.517  -0.058  19.972  1.00 24.11 ? 139 ASN A ND2 1 
ATOM   50   N N   . SER A 1 12  ? -0.121  -3.915  21.431  1.00 19.59 ? 140 SER A N   1 
ATOM   51   C CA  . SER A 1 12  ? -0.614  -5.254  21.791  1.00 20.03 ? 140 SER A CA  1 
ATOM   52   C C   . SER A 1 12  ? -1.397  -5.934  20.648  1.00 19.69 ? 140 SER A C   1 
ATOM   53   O O   . SER A 1 12  ? -1.417  -7.158  20.560  1.00 20.02 ? 140 SER A O   1 
ATOM   54   C CB  . SER A 1 12  ? -1.489  -5.204  23.050  1.00 21.30 ? 140 SER A CB  1 
ATOM   55   O OG  . SER A 1 12  ? -2.636  -4.369  22.876  1.00 23.58 ? 140 SER A OG  1 
ATOM   56   N N   . LEU A 1 13  ? -2.037  -5.137  19.789  1.00 18.72 ? 141 LEU A N   1 
ATOM   57   C CA  . LEU A 1 13  ? -2.886  -5.689  18.729  1.00 19.63 ? 141 LEU A CA  1 
ATOM   58   C C   . LEU A 1 13  ? -2.076  -6.342  17.630  1.00 18.85 ? 141 LEU A C   1 
ATOM   59   O O   . LEU A 1 13  ? -2.637  -7.039  16.797  1.00 18.95 ? 141 LEU A O   1 
ATOM   60   C CB  . LEU A 1 13  ? -3.815  -4.616  18.158  1.00 19.69 ? 141 LEU A CB  1 
ATOM   61   C CG  . LEU A 1 13  ? -4.946  -4.134  19.070  1.00 21.78 ? 141 LEU A CG  1 
ATOM   62   C CD1 . LEU A 1 13  ? -5.484  -2.819  18.533  1.00 24.49 ? 141 LEU A CD1 1 
ATOM   63   C CD2 . LEU A 1 13  ? -6.048  -5.141  19.104  1.00 23.50 ? 141 LEU A CD2 1 
ATOM   64   N N   . GLU A 1 14  ? -0.752  -6.129  17.623  1.00 19.40 ? 142 GLU A N   1 
ATOM   65   C CA  . GLU A 1 14  ? 0.116   -6.729  16.594  1.00 19.56 ? 142 GLU A CA  1 
ATOM   66   C C   . GLU A 1 14  ? 0.258   -8.246  16.706  1.00 19.42 ? 142 GLU A C   1 
ATOM   67   O O   . GLU A 1 14  ? 0.804   -8.884  15.824  1.00 19.88 ? 142 GLU A O   1 
ATOM   68   C CB  . GLU A 1 14  ? 1.477   -6.002  16.505  1.00 19.58 ? 142 GLU A CB  1 
ATOM   69   C CG  . GLU A 1 14  ? 1.334   -4.552  15.991  1.00 21.17 ? 142 GLU A CG  1 
ATOM   70   C CD  . GLU A 1 14  ? 2.678   -3.819  15.934  1.00 22.37 ? 142 GLU A CD  1 
ATOM   71   O OE1 . GLU A 1 14  ? 3.612   -4.416  15.364  1.00 24.76 ? 142 GLU A OE1 1 
ATOM   72   O OE2 . GLU A 1 14  ? 2.795   -2.669  16.456  1.00 24.54 ? 142 GLU A OE2 1 
ATOM   73   N N   . LYS A 1 15  ? -0.278  -8.832  17.771  1.00 19.31 ? 143 LYS A N   1 
ATOM   74   C CA  . LYS A 1 15  ? -0.403  -10.282 17.837  1.00 19.02 ? 143 LYS A CA  1 
ATOM   75   C C   . LYS A 1 15  ? -1.311  -10.835 16.715  1.00 18.27 ? 143 LYS A C   1 
ATOM   76   O O   . LYS A 1 15  ? -1.219  -12.006 16.366  1.00 18.94 ? 143 LYS A O   1 
ATOM   77   C CB  . LYS A 1 15  ? -0.949  -10.708 19.206  1.00 19.04 ? 143 LYS A CB  1 
ATOM   78   C CG  . LYS A 1 15  ? -2.347  -10.225 19.514  1.00 20.92 ? 143 LYS A CG  1 
ATOM   79   C CD  . LYS A 1 15  ? -2.784  -10.695 20.905  1.00 22.36 ? 143 LYS A CD  1 
ATOM   80   C CE  . LYS A 1 15  ? -4.062  -10.002 21.377  1.00 25.85 ? 143 LYS A CE  1 
ATOM   81   N NZ  . LYS A 1 15  ? -4.341  -10.369 22.804  1.00 27.44 ? 143 LYS A NZ  1 
ATOM   82   N N   . HIS A 1 16  ? -2.211  -10.006 16.179  1.00 17.85 ? 144 HIS A N   1 
ATOM   83   C CA  . HIS A 1 16  ? -3.090  -10.437 15.094  1.00 18.36 ? 144 HIS A CA  1 
ATOM   84   C C   . HIS A 1 16  ? -2.353  -10.351 13.747  1.00 18.02 ? 144 HIS A C   1 
ATOM   85   O O   . HIS A 1 16  ? -1.629  -9.376  13.480  1.00 16.48 ? 144 HIS A O   1 
ATOM   86   C CB  . HIS A 1 16  ? -4.371  -9.575  15.029  1.00 19.26 ? 144 HIS A CB  1 
ATOM   87   C CG  . HIS A 1 16  ? -5.219  -9.637  16.260  1.00 19.27 ? 144 HIS A CG  1 
ATOM   88   N ND1 . HIS A 1 16  ? -6.180  -10.610 16.468  1.00 21.05 ? 144 HIS A ND1 1 
ATOM   89   C CD2 . HIS A 1 16  ? -5.275  -8.818  17.336  1.00 18.17 ? 144 HIS A CD2 1 
ATOM   90   C CE1 . HIS A 1 16  ? -6.765  -10.402 17.634  1.00 21.16 ? 144 HIS A CE1 1 
ATOM   91   N NE2 . HIS A 1 16  ? -6.250  -9.311  18.168  1.00 20.68 ? 144 HIS A NE2 1 
ATOM   92   N N   . SER A 1 17  ? -2.516  -11.393 12.919  1.00 18.06 ? 145 SER A N   1 
ATOM   93   C CA  . SER A 1 17  ? -1.863  -11.454 11.622  1.00 17.42 ? 145 SER A CA  1 
ATOM   94   C C   . SER A 1 17  ? -2.301  -10.293 10.751  1.00 16.70 ? 145 SER A C   1 
ATOM   95   O O   . SER A 1 17  ? -1.519  -9.843  9.909   1.00 18.13 ? 145 SER A O   1 
ATOM   96   C CB  . SER A 1 17  ? -2.140  -12.778 10.909  1.00 16.58 ? 145 SER A CB  1 
ATOM   97   O OG  . SER A 1 17  ? -3.528  -12.944 10.696  1.00 19.32 ? 145 SER A OG  1 
ATOM   98   N N   . TRP A 1 18  ? -3.540  -9.830  10.962  1.00 16.32 ? 146 TRP A N   1 
ATOM   99   C CA  . TRP A 1 18  ? -4.121  -8.732  10.183  1.00 16.77 ? 146 TRP A CA  1 
ATOM   100  C C   . TRP A 1 18  ? -3.771  -7.300  10.646  1.00 16.62 ? 146 TRP A C   1 
ATOM   101  O O   . TRP A 1 18  ? -4.063  -6.322  9.951   1.00 17.34 ? 146 TRP A O   1 
ATOM   102  C CB  . TRP A 1 18  ? -5.655  -8.932  10.031  1.00 16.19 ? 146 TRP A CB  1 
ATOM   103  C CG  . TRP A 1 18  ? -6.387  -9.287  11.300  1.00 17.55 ? 146 TRP A CG  1 
ATOM   104  C CD1 . TRP A 1 18  ? -6.817  -10.533 11.684  1.00 16.87 ? 146 TRP A CD1 1 
ATOM   105  C CD2 . TRP A 1 18  ? -6.767  -8.394  12.352  1.00 19.00 ? 146 TRP A CD2 1 
ATOM   106  N NE1 . TRP A 1 18  ? -7.417  -10.467 12.908  1.00 21.02 ? 146 TRP A NE1 1 
ATOM   107  C CE2 . TRP A 1 18  ? -7.429  -9.166  13.334  1.00 19.45 ? 146 TRP A CE2 1 
ATOM   108  C CE3 . TRP A 1 18  ? -6.642  -7.002  12.545  1.00 19.19 ? 146 TRP A CE3 1 
ATOM   109  C CZ2 . TRP A 1 18  ? -7.944  -8.609  14.511  1.00 20.27 ? 146 TRP A CZ2 1 
ATOM   110  C CZ3 . TRP A 1 18  ? -7.154  -6.439  13.731  1.00 19.41 ? 146 TRP A CZ3 1 
ATOM   111  C CH2 . TRP A 1 18  ? -7.806  -7.245  14.690  1.00 18.63 ? 146 TRP A CH2 1 
ATOM   112  N N   . TYR A 1 19  ? -3.201  -7.165  11.839  1.00 17.13 ? 147 TYR A N   1 
ATOM   113  C CA  . TYR A 1 19  ? -2.919  -5.837  12.384  1.00 17.72 ? 147 TYR A CA  1 
ATOM   114  C C   . TYR A 1 19  ? -1.441  -5.541  12.237  1.00 17.29 ? 147 TYR A C   1 
ATOM   115  O O   . TYR A 1 19  ? -0.621  -6.159  12.917  1.00 17.46 ? 147 TYR A O   1 
ATOM   116  C CB  . TYR A 1 19  ? -3.274  -5.774  13.856  1.00 17.35 ? 147 TYR A CB  1 
ATOM   117  C CG  . TYR A 1 19  ? -3.249  -4.363  14.383  1.00 19.95 ? 147 TYR A CG  1 
ATOM   118  C CD1 . TYR A 1 19  ? -4.369  -3.543  14.262  1.00 21.64 ? 147 TYR A CD1 1 
ATOM   119  C CD2 . TYR A 1 19  ? -2.087  -3.831  14.975  1.00 22.03 ? 147 TYR A CD2 1 
ATOM   120  C CE1 . TYR A 1 19  ? -4.347  -2.216  14.756  1.00 24.46 ? 147 TYR A CE1 1 
ATOM   121  C CE2 . TYR A 1 19  ? -2.057  -2.510  15.481  1.00 22.15 ? 147 TYR A CE2 1 
ATOM   122  C CZ  . TYR A 1 19  ? -3.184  -1.714  15.349  1.00 24.74 ? 147 TYR A CZ  1 
ATOM   123  O OH  . TYR A 1 19  ? -3.164  -0.412  15.814  1.00 25.52 ? 147 TYR A OH  1 
ATOM   124  N N   . HIS A 1 20  ? -1.119  -4.581  11.375  1.00 17.77 ? 148 HIS A N   1 
ATOM   125  C CA  . HIS A 1 20  ? 0.271   -4.306  10.983  1.00 18.24 ? 148 HIS A CA  1 
ATOM   126  C C   . HIS A 1 20  ? 0.887   -3.092  11.689  1.00 19.36 ? 148 HIS A C   1 
ATOM   127  O O   . HIS A 1 20  ? 2.039   -2.729  11.452  1.00 18.19 ? 148 HIS A O   1 
ATOM   128  C CB  . HIS A 1 20  ? 0.345   -4.132  9.466   1.00 19.46 ? 148 HIS A CB  1 
ATOM   129  C CG  . HIS A 1 20  ? 0.237   -5.416  8.704   1.00 19.29 ? 148 HIS A CG  1 
ATOM   130  N ND1 . HIS A 1 20  ? 1.142   -5.772  7.730   1.00 19.42 ? 148 HIS A ND1 1 
ATOM   131  C CD2 . HIS A 1 20  ? -0.660  -6.429  8.776   1.00 19.40 ? 148 HIS A CD2 1 
ATOM   132  C CE1 . HIS A 1 20  ? 0.807   -6.947  7.226   1.00 19.26 ? 148 HIS A CE1 1 
ATOM   133  N NE2 . HIS A 1 20  ? -0.280  -7.372  7.848   1.00 19.74 ? 148 HIS A NE2 1 
ATOM   134  N N   . GLY A 1 21  ? 0.118   -2.481  12.580  1.00 19.21 ? 149 GLY A N   1 
ATOM   135  C CA  . GLY A 1 21  ? 0.634   -1.421  13.407  1.00 19.88 ? 149 GLY A CA  1 
ATOM   136  C C   . GLY A 1 21  ? 0.666   -0.092  12.694  1.00 20.58 ? 149 GLY A C   1 
ATOM   137  O O   . GLY A 1 21  ? -0.197  0.177   11.879  1.00 19.75 ? 149 GLY A O   1 
ATOM   138  N N   . PRO A 1 22  ? 1.675   0.742   13.012  1.00 21.70 ? 150 PRO A N   1 
ATOM   139  C CA  . PRO A 1 22  ? 1.847   2.079   12.450  1.00 22.33 ? 150 PRO A CA  1 
ATOM   140  C C   . PRO A 1 22  ? 2.288   1.971   10.972  1.00 21.79 ? 150 PRO A C   1 
ATOM   141  O O   . PRO A 1 22  ? 3.486   1.829   10.672  1.00 23.42 ? 150 PRO A O   1 
ATOM   142  C CB  . PRO A 1 22  ? 2.952   2.663   13.328  1.00 22.57 ? 150 PRO A CB  1 
ATOM   143  C CG  . PRO A 1 22  ? 3.737   1.504   13.752  1.00 23.54 ? 150 PRO A CG  1 
ATOM   144  C CD  . PRO A 1 22  ? 2.765   0.399   13.943  1.00 22.50 ? 150 PRO A CD  1 
ATOM   145  N N   . VAL A 1 23  ? 1.309   1.999   10.071  1.00 20.30 ? 151 VAL A N   1 
ATOM   146  C CA  . VAL A 1 23  ? 1.514   1.881   8.627   1.00 19.19 ? 151 VAL A CA  1 
ATOM   147  C C   . VAL A 1 23  ? 0.666   2.979   7.955   1.00 18.62 ? 151 VAL A C   1 
ATOM   148  O O   . VAL A 1 23  ? -0.509  3.114   8.275   1.00 18.08 ? 151 VAL A O   1 
ATOM   149  C CB  . VAL A 1 23  ? 1.024   0.499   8.104   1.00 18.86 ? 151 VAL A CB  1 
ATOM   150  C CG1 . VAL A 1 23  ? 1.035   0.427   6.561   1.00 18.52 ? 151 VAL A CG1 1 
ATOM   151  C CG2 . VAL A 1 23  ? 1.853   -0.637  8.695   1.00 18.44 ? 151 VAL A CG2 1 
ATOM   152  N N   . SER A 1 24  ? 1.259   3.774   7.058   1.00 16.43 ? 152 SER A N   1 
ATOM   153  C CA  . SER A 1 24  ? 0.502   4.817   6.341   1.00 16.35 ? 152 SER A CA  1 
ATOM   154  C C   . SER A 1 24  ? -0.413  4.211   5.252   1.00 17.01 ? 152 SER A C   1 
ATOM   155  O O   . SER A 1 24  ? -0.277  3.028   4.844   1.00 17.23 ? 152 SER A O   1 
ATOM   156  C CB  . SER A 1 24  ? 1.457   5.847   5.700   1.00 15.18 ? 152 SER A CB  1 
ATOM   157  O OG  . SER A 1 24  ? 2.026   5.310   4.518   1.00 15.77 ? 152 SER A OG  1 
ATOM   158  N N   . ARG A 1 25  ? -1.328  5.026   4.750   1.00 16.27 ? 153 ARG A N   1 
ATOM   159  C CA  . ARG A 1 25  ? -2.133  4.616   3.619   1.00 16.25 ? 153 ARG A CA  1 
ATOM   160  C C   . ARG A 1 25  ? -1.269  4.117   2.473   1.00 15.14 ? 153 ARG A C   1 
ATOM   161  O O   . ARG A 1 25  ? -1.587  3.104   1.815   1.00 15.03 ? 153 ARG A O   1 
ATOM   162  C CB  . ARG A 1 25  ? -2.947  5.812   3.143   1.00 16.87 ? 153 ARG A CB  1 
ATOM   163  C CG  . ARG A 1 25  ? -3.638  5.593   1.839   1.00 16.73 ? 153 ARG A CG  1 
ATOM   164  C CD  . ARG A 1 25  ? -4.248  6.944   1.365   1.00 16.09 ? 153 ARG A CD  1 
ATOM   165  N NE  . ARG A 1 25  ? -5.074  6.738   0.180   1.00 18.17 ? 153 ARG A NE  1 
ATOM   166  C CZ  . ARG A 1 25  ? -6.407  6.706   0.147   1.00 17.60 ? 153 ARG A CZ  1 
ATOM   167  N NH1 . ARG A 1 25  ? -7.146  6.836   1.257   1.00 18.00 ? 153 ARG A NH1 1 
ATOM   168  N NH2 . ARG A 1 25  ? -7.006  6.537   -1.023  1.00 18.81 ? 153 ARG A NH2 1 
ATOM   169  N N   . ASN A 1 26  ? -0.169  4.839   2.233   1.00 15.66 ? 154 ASN A N   1 
ATOM   170  C CA  . ASN A 1 26  ? 0.698   4.560   1.102   1.00 15.95 ? 154 ASN A CA  1 
ATOM   171  C C   . ASN A 1 26  ? 1.508   3.282   1.240   1.00 15.95 ? 154 ASN A C   1 
ATOM   172  O O   . ASN A 1 26  ? 1.533   2.467   0.319   1.00 16.65 ? 154 ASN A O   1 
ATOM   173  C CB  . ASN A 1 26  ? 1.545   5.784   0.817   1.00 16.20 ? 154 ASN A CB  1 
ATOM   174  C CG  . ASN A 1 26  ? 0.680   7.005   0.643   1.00 16.42 ? 154 ASN A CG  1 
ATOM   175  O OD1 . ASN A 1 26  ? -0.247  6.985   -0.163  1.00 17.95 ? 154 ASN A OD1 1 
ATOM   176  N ND2 . ASN A 1 26  ? 0.892   8.017   1.462   1.00 17.18 ? 154 ASN A ND2 1 
ATOM   177  N N   . ALA A 1 27  ? 2.151   3.115   2.386   1.00 15.95 ? 155 ALA A N   1 
ATOM   178  C CA  . ALA A 1 27  ? 2.754   1.832   2.724   1.00 16.21 ? 155 ALA A CA  1 
ATOM   179  C C   . ALA A 1 27  ? 1.764   0.657   2.673   1.00 16.31 ? 155 ALA A C   1 
ATOM   180  O O   . ALA A 1 27  ? 2.139   -0.453  2.247   1.00 16.60 ? 155 ALA A O   1 
ATOM   181  C CB  . ALA A 1 27  ? 3.411   1.902   4.102   1.00 16.01 ? 155 ALA A CB  1 
ATOM   182  N N   . ALA A 1 28  ? 0.506   0.877   3.063   1.00 16.28 ? 156 ALA A N   1 
ATOM   183  C CA  . ALA A 1 28  ? -0.495  -0.213  3.023   1.00 16.53 ? 156 ALA A CA  1 
ATOM   184  C C   . ALA A 1 28  ? -0.703  -0.695  1.581   1.00 16.92 ? 156 ALA A C   1 
ATOM   185  O O   . ALA A 1 28  ? -0.799  -1.910  1.326   1.00 16.24 ? 156 ALA A O   1 
ATOM   186  C CB  . ALA A 1 28  ? -1.836  0.195   3.668   1.00 15.89 ? 156 ALA A CB  1 
ATOM   187  N N   . GLU A 1 29  ? -0.775  0.263   0.646   1.00 17.43 ? 157 GLU A N   1 
ATOM   188  C CA  . GLU A 1 29  ? -0.936  -0.059  -0.774  1.00 17.71 ? 157 GLU A CA  1 
ATOM   189  C C   . GLU A 1 29  ? 0.219   -0.904  -1.278  1.00 18.20 ? 157 GLU A C   1 
ATOM   190  O O   . GLU A 1 29  ? 0.010   -1.859  -2.022  1.00 19.95 ? 157 GLU A O   1 
ATOM   191  C CB  . GLU A 1 29  ? -1.110  1.225   -1.605  1.00 18.17 ? 157 GLU A CB  1 
ATOM   192  C CG  . GLU A 1 29  ? -2.468  1.908   -1.293  1.00 18.80 ? 157 GLU A CG  1 
ATOM   193  C CD  . GLU A 1 29  ? -2.805  3.109   -2.159  1.00 26.18 ? 157 GLU A CD  1 
ATOM   194  O OE1 . GLU A 1 29  ? -1.983  3.510   -3.024  1.00 27.92 ? 157 GLU A OE1 1 
ATOM   195  O OE2 . GLU A 1 29  ? -3.917  3.658   -1.961  1.00 25.92 ? 157 GLU A OE2 1 
ATOM   196  N N   . TYR A 1 30  ? 1.442   -0.547  -0.898  1.00 18.87 ? 158 TYR A N   1 
ATOM   197  C CA  . TYR A 1 30  ? 2.609   -1.364  -1.216  1.00 19.01 ? 158 TYR A CA  1 
ATOM   198  C C   . TYR A 1 30  ? 2.487   -2.798  -0.635  1.00 19.62 ? 158 TYR A C   1 
ATOM   199  O O   . TYR A 1 30  ? 2.703   -3.813  -1.335  1.00 18.81 ? 158 TYR A O   1 
ATOM   200  C CB  . TYR A 1 30  ? 3.893   -0.680  -0.701  1.00 19.26 ? 158 TYR A CB  1 
ATOM   201  C CG  . TYR A 1 30  ? 5.050   -1.644  -0.683  1.00 19.99 ? 158 TYR A CG  1 
ATOM   202  C CD1 . TYR A 1 30  ? 5.558   -2.145  -1.871  1.00 21.20 ? 158 TYR A CD1 1 
ATOM   203  C CD2 . TYR A 1 30  ? 5.582   -2.105  0.519   1.00 21.78 ? 158 TYR A CD2 1 
ATOM   204  C CE1 . TYR A 1 30  ? 6.593   -3.085  -1.880  1.00 22.72 ? 158 TYR A CE1 1 
ATOM   205  C CE2 . TYR A 1 30  ? 6.612   -3.047  0.521   1.00 23.11 ? 158 TYR A CE2 1 
ATOM   206  C CZ  . TYR A 1 30  ? 7.118   -3.512  -0.693  1.00 23.72 ? 158 TYR A CZ  1 
ATOM   207  O OH  . TYR A 1 30  ? 8.142   -4.436  -0.715  1.00 26.00 ? 158 TYR A OH  1 
ATOM   208  N N   . LEU A 1 31  ? 2.127   -2.869  0.637   1.00 19.48 ? 159 LEU A N   1 
ATOM   209  C CA  . LEU A 1 31  ? 2.030   -4.149  1.355   1.00 20.26 ? 159 LEU A CA  1 
ATOM   210  C C   . LEU A 1 31  ? 0.965   -5.071  0.767   1.00 20.36 ? 159 LEU A C   1 
ATOM   211  O O   . LEU A 1 31  ? 1.039   -6.303  0.912   1.00 19.91 ? 159 LEU A O   1 
ATOM   212  C CB  . LEU A 1 31  ? 1.767   -3.902  2.842   1.00 19.79 ? 159 LEU A CB  1 
ATOM   213  C CG  . LEU A 1 31  ? 2.951   -3.423  3.697   1.00 20.56 ? 159 LEU A CG  1 
ATOM   214  C CD1 . LEU A 1 31  ? 2.459   -3.028  5.097   1.00 18.95 ? 159 LEU A CD1 1 
ATOM   215  C CD2 . LEU A 1 31  ? 4.055   -4.460  3.807   1.00 20.98 ? 159 LEU A CD2 1 
ATOM   216  N N   . LEU A 1 32  ? -0.017  -4.483  0.082   1.00 19.78 ? 160 LEU A N   1 
ATOM   217  C CA  . LEU A 1 32  ? -1.132  -5.249  -0.496  1.00 21.13 ? 160 LEU A CA  1 
ATOM   218  C C   . LEU A 1 32  ? -0.971  -5.489  -2.006  1.00 21.75 ? 160 LEU A C   1 
ATOM   219  O O   . LEU A 1 32  ? -1.882  -6.056  -2.662  1.00 21.84 ? 160 LEU A O   1 
ATOM   220  C CB  . LEU A 1 32  ? -2.472  -4.540  -0.207  1.00 19.96 ? 160 LEU A CB  1 
ATOM   221  C CG  . LEU A 1 32  ? -2.964  -4.578  1.230   1.00 19.43 ? 160 LEU A CG  1 
ATOM   222  C CD1 . LEU A 1 32  ? -4.092  -3.573  1.479   1.00 19.39 ? 160 LEU A CD1 1 
ATOM   223  C CD2 . LEU A 1 32  ? -3.442  -6.002  1.590   1.00 23.13 ? 160 LEU A CD2 1 
ATOM   224  N N   . SER A 1 33  ? 0.156   -5.014  -2.561  1.00 22.02 ? 161 SER A N   1 
ATOM   225  C CA  . SER A 1 33  ? 0.354   -5.012  -4.014  1.00 23.81 ? 161 SER A CA  1 
ATOM   226  C C   . SER A 1 33  ? 0.421   -6.420  -4.647  1.00 25.21 ? 161 SER A C   1 
ATOM   227  O O   . SER A 1 33  ? 0.198   -6.558  -5.839  1.00 26.54 ? 161 SER A O   1 
ATOM   228  C CB  . SER A 1 33  ? 1.543   -4.106  -4.423  1.00 23.28 ? 161 SER A CB  1 
ATOM   229  O OG  . SER A 1 33  ? 2.761   -4.533  -3.829  1.00 23.11 ? 161 SER A OG  1 
ATOM   230  N N   . SER A 1 34  ? 0.719   -7.460  -3.865  1.00 26.72 ? 162 SER A N   1 
ATOM   231  C CA  . SER A 1 34  ? 0.661   -8.830  -4.421  1.00 28.25 ? 162 SER A CA  1 
ATOM   232  C C   . SER A 1 34  ? -0.407  -9.685  -3.735  1.00 28.04 ? 162 SER A C   1 
ATOM   233  O O   . SER A 1 34  ? -0.306  -10.928 -3.687  1.00 28.00 ? 162 SER A O   1 
ATOM   234  C CB  . SER A 1 34  ? 2.037   -9.511  -4.420  1.00 28.39 ? 162 SER A CB  1 
ATOM   235  O OG  . SER A 1 34  ? 2.569   -9.622  -3.110  1.00 33.95 ? 162 SER A OG  1 
ATOM   236  N N   . GLY A 1 35  ? -1.435  -9.008  -3.213  1.00 27.06 ? 163 GLY A N   1 
ATOM   237  C CA  . GLY A 1 35  ? -2.613  -9.689  -2.657  1.00 27.26 ? 163 GLY A CA  1 
ATOM   238  C C   . GLY A 1 35  ? -3.656  -10.108 -3.690  1.00 26.77 ? 163 GLY A C   1 
ATOM   239  O O   . GLY A 1 35  ? -3.476  -9.909  -4.891  1.00 27.19 ? 163 GLY A O   1 
ATOM   240  N N   . ILE A 1 36  ? -4.753  -10.682 -3.201  1.00 26.11 ? 164 ILE A N   1 
ATOM   241  C CA  . ILE A 1 36  ? -5.872  -11.158 -4.015  1.00 25.94 ? 164 ILE A CA  1 
ATOM   242  C C   . ILE A 1 36  ? -7.145  -10.500 -3.504  1.00 25.33 ? 164 ILE A C   1 
ATOM   243  O O   . ILE A 1 36  ? -7.093  -9.772  -2.501  1.00 26.22 ? 164 ILE A O   1 
ATOM   244  C CB  . ILE A 1 36  ? -5.996  -12.699 -3.922  1.00 26.25 ? 164 ILE A CB  1 
ATOM   245  C CG1 . ILE A 1 36  ? -6.173  -13.146 -2.465  1.00 26.76 ? 164 ILE A CG1 1 
ATOM   246  C CG2 . ILE A 1 36  ? -4.741  -13.354 -4.531  1.00 26.28 ? 164 ILE A CG2 1 
ATOM   247  C CD1 . ILE A 1 36  ? -6.465  -14.631 -2.280  1.00 29.34 ? 164 ILE A CD1 1 
ATOM   248  N N   . ASN A 1 37  ? -8.287  -10.718 -4.162  1.00 23.54 ? 165 ASN A N   1 
ATOM   249  C CA  . ASN A 1 37  ? -9.532  -10.219 -3.601  1.00 22.51 ? 165 ASN A CA  1 
ATOM   250  C C   . ASN A 1 37  ? -9.706  -10.641 -2.151  1.00 21.45 ? 165 ASN A C   1 
ATOM   251  O O   . ASN A 1 37  ? -9.651  -11.830 -1.833  1.00 21.31 ? 165 ASN A O   1 
ATOM   252  C CB  . ASN A 1 37  ? -10.740 -10.692 -4.407  1.00 22.90 ? 165 ASN A CB  1 
ATOM   253  C CG  . ASN A 1 37  ? -10.792 -10.083 -5.792  1.00 24.36 ? 165 ASN A CG  1 
ATOM   254  O OD1 . ASN A 1 37  ? -10.024 -9.182  -6.125  1.00 23.20 ? 165 ASN A OD1 1 
ATOM   255  N ND2 . ASN A 1 37  ? -11.711 -10.577 -6.606  1.00 24.41 ? 165 ASN A ND2 1 
ATOM   256  N N   . GLY A 1 38  ? -9.895  -9.657  -1.276  1.00 20.50 ? 166 GLY A N   1 
ATOM   257  C CA  . GLY A 1 38  ? -10.169 -9.932  0.136   1.00 18.92 ? 166 GLY A CA  1 
ATOM   258  C C   . GLY A 1 38  ? -8.938  -9.870  0.994   1.00 18.04 ? 166 GLY A C   1 
ATOM   259  O O   . GLY A 1 38  ? -9.037  -10.046 2.222   1.00 18.63 ? 166 GLY A O   1 
ATOM   260  N N   . SER A 1 39  ? -7.786  -9.597  0.376   1.00 16.65 ? 167 SER A N   1 
ATOM   261  C CA  . SER A 1 39  ? -6.554  -9.324  1.140   1.00 17.13 ? 167 SER A CA  1 
ATOM   262  C C   . SER A 1 39  ? -6.682  -7.994  1.876   1.00 17.48 ? 167 SER A C   1 
ATOM   263  O O   . SER A 1 39  ? -7.099  -6.982  1.276   1.00 17.04 ? 167 SER A O   1 
ATOM   264  C CB  . SER A 1 39  ? -5.345  -9.254  0.212   1.00 17.91 ? 167 SER A CB  1 
ATOM   265  O OG  . SER A 1 39  ? -4.974  -10.529 -0.307  1.00 18.77 ? 167 SER A OG  1 
ATOM   266  N N   . PHE A 1 40  ? -6.276  -7.952  3.153   1.00 16.47 ? 168 PHE A N   1 
ATOM   267  C CA  . PHE A 1 40  ? -6.478  -6.728  3.927   1.00 15.61 ? 168 PHE A CA  1 
ATOM   268  C C   . PHE A 1 40  ? -5.480  -6.616  5.051   1.00 15.53 ? 168 PHE A C   1 
ATOM   269  O O   . PHE A 1 40  ? -4.833  -7.611  5.435   1.00 14.52 ? 168 PHE A O   1 
ATOM   270  C CB  . PHE A 1 40  ? -7.893  -6.720  4.506   1.00 15.94 ? 168 PHE A CB  1 
ATOM   271  C CG  . PHE A 1 40  ? -8.073  -7.655  5.673   1.00 15.29 ? 168 PHE A CG  1 
ATOM   272  C CD1 . PHE A 1 40  ? -8.181  -7.155  6.967   1.00 15.66 ? 168 PHE A CD1 1 
ATOM   273  C CD2 . PHE A 1 40  ? -8.156  -9.047  5.471   1.00 15.86 ? 168 PHE A CD2 1 
ATOM   274  C CE1 . PHE A 1 40  ? -8.363  -8.017  8.063   1.00 13.96 ? 168 PHE A CE1 1 
ATOM   275  C CE2 . PHE A 1 40  ? -8.356  -9.920  6.561   1.00 17.89 ? 168 PHE A CE2 1 
ATOM   276  C CZ  . PHE A 1 40  ? -8.447  -9.393  7.865   1.00 15.20 ? 168 PHE A CZ  1 
ATOM   277  N N   . LEU A 1 41  ? -5.368  -5.411  5.601   1.00 15.66 ? 169 LEU A N   1 
ATOM   278  C CA  . LEU A 1 41  ? -4.642  -5.219  6.831   1.00 15.85 ? 169 LEU A CA  1 
ATOM   279  C C   . LEU A 1 41  ? -5.338  -4.102  7.600   1.00 16.34 ? 169 LEU A C   1 
ATOM   280  O O   . LEU A 1 41  ? -6.104  -3.329  7.038   1.00 15.86 ? 169 LEU A O   1 
ATOM   281  C CB  . LEU A 1 41  ? -3.148  -4.924  6.579   1.00 15.46 ? 169 LEU A CB  1 
ATOM   282  C CG  . LEU A 1 41  ? -2.743  -3.717  5.714   1.00 15.48 ? 169 LEU A CG  1 
ATOM   283  C CD1 . LEU A 1 41  ? -2.778  -2.471  6.582   1.00 17.20 ? 169 LEU A CD1 1 
ATOM   284  C CD2 . LEU A 1 41  ? -1.347  -3.903  5.140   1.00 14.71 ? 169 LEU A CD2 1 
ATOM   285  N N   . VAL A 1 42  ? -5.064  -4.030  8.887   1.00 17.05 ? 170 VAL A N   1 
ATOM   286  C CA  . VAL A 1 42  ? -5.541  -2.934  9.729   1.00 18.23 ? 170 VAL A CA  1 
ATOM   287  C C   . VAL A 1 42  ? -4.332  -2.176  10.218  1.00 18.79 ? 170 VAL A C   1 
ATOM   288  O O   . VAL A 1 42  ? -3.336  -2.789  10.567  1.00 18.99 ? 170 VAL A O   1 
ATOM   289  C CB  . VAL A 1 42  ? -6.388  -3.473  10.908  1.00 17.33 ? 170 VAL A CB  1 
ATOM   290  C CG1 . VAL A 1 42  ? -6.874  -2.325  11.862  1.00 19.54 ? 170 VAL A CG1 1 
ATOM   291  C CG2 . VAL A 1 42  ? -7.573  -4.265  10.349  1.00 18.16 ? 170 VAL A CG2 1 
ATOM   292  N N   . ARG A 1 43  ? -4.416  -0.838  10.231  1.00 18.78 ? 171 ARG A N   1 
ATOM   293  C CA  . ARG A 1 43  ? -3.251  -0.005  10.532  1.00 19.16 ? 171 ARG A CA  1 
ATOM   294  C C   . ARG A 1 43  ? -3.678  1.115   11.474  1.00 20.04 ? 171 ARG A C   1 
ATOM   295  O O   . ARG A 1 43  ? -4.881  1.402   11.592  1.00 16.90 ? 171 ARG A O   1 
ATOM   296  C CB  . ARG A 1 43  ? -2.638  0.552   9.242   1.00 19.58 ? 171 ARG A CB  1 
ATOM   297  C CG  . ARG A 1 43  ? -3.655  1.318   8.360   1.00 17.25 ? 171 ARG A CG  1 
ATOM   298  C CD  . ARG A 1 43  ? -3.038  1.676   7.016   1.00 18.61 ? 171 ARG A CD  1 
ATOM   299  N NE  . ARG A 1 43  ? -4.038  2.143   6.055   1.00 17.03 ? 171 ARG A NE  1 
ATOM   300  C CZ  . ARG A 1 43  ? -4.530  3.376   6.027   1.00 16.66 ? 171 ARG A CZ  1 
ATOM   301  N NH1 . ARG A 1 43  ? -4.129  4.291   6.907   1.00 17.95 ? 171 ARG A NH1 1 
ATOM   302  N NH2 . ARG A 1 43  ? -5.429  3.703   5.109   1.00 17.69 ? 171 ARG A NH2 1 
ATOM   303  N N   . GLU A 1 44  ? -2.701  1.694   12.181  1.00 21.65 ? 172 GLU A N   1 
ATOM   304  C CA  . GLU A 1 44  ? -2.925  2.890   12.990  1.00 25.34 ? 172 GLU A CA  1 
ATOM   305  C C   . GLU A 1 44  ? -2.068  4.036   12.435  1.00 27.55 ? 172 GLU A C   1 
ATOM   306  O O   . GLU A 1 44  ? -1.088  3.795   11.730  1.00 26.40 ? 172 GLU A O   1 
ATOM   307  C CB  . GLU A 1 44  ? -2.572  2.612   14.456  1.00 25.35 ? 172 GLU A CB  1 
ATOM   308  C CG  . GLU A 1 44  ? -1.072  2.436   14.696  1.00 28.16 ? 172 GLU A CG  1 
ATOM   309  C CD  . GLU A 1 44  ? -0.706  1.933   16.106  1.00 33.48 ? 172 GLU A CD  1 
ATOM   310  O OE1 . GLU A 1 44  ? -0.083  2.714   16.880  1.00 34.53 ? 172 GLU A OE1 1 
ATOM   311  O OE2 . GLU A 1 44  ? -1.002  0.749   16.426  1.00 35.03 ? 172 GLU A OE2 1 
ATOM   312  N N   . SER A 1 45  ? -2.434  5.277   12.746  1.00 30.21 ? 173 SER A N   1 
ATOM   313  C CA  . SER A 1 45  ? -1.614  6.417   12.346  1.00 33.81 ? 173 SER A CA  1 
ATOM   314  C C   . SER A 1 45  ? -0.387  6.539   13.279  1.00 36.27 ? 173 SER A C   1 
ATOM   315  O O   . SER A 1 45  ? -0.499  6.313   14.492  1.00 36.55 ? 173 SER A O   1 
ATOM   316  C CB  . SER A 1 45  ? -2.457  7.701   12.338  1.00 33.60 ? 173 SER A CB  1 
ATOM   317  O OG  . SER A 1 45  ? -1.635  8.859   12.262  1.00 35.32 ? 173 SER A OG  1 
ATOM   318  N N   . GLU A 1 46  ? 0.784   6.856   12.720  1.00 38.86 ? 174 GLU A N   1 
ATOM   319  C CA  . GLU A 1 46  ? 1.989   7.047   13.548  1.00 41.71 ? 174 GLU A CA  1 
ATOM   320  C C   . GLU A 1 46  ? 1.856   8.247   14.476  1.00 43.12 ? 174 GLU A C   1 
ATOM   321  O O   . GLU A 1 46  ? 2.124   8.149   15.681  1.00 43.45 ? 174 GLU A O   1 
ATOM   322  C CB  . GLU A 1 46  ? 3.251   7.232   12.695  1.00 41.91 ? 174 GLU A CB  1 
ATOM   323  C CG  . GLU A 1 46  ? 3.972   5.944   12.367  1.00 43.63 ? 174 GLU A CG  1 
ATOM   324  C CD  . GLU A 1 46  ? 5.483   6.036   12.539  1.00 45.83 ? 174 GLU A CD  1 
ATOM   325  O OE1 . GLU A 1 46  ? 6.045   7.159   12.497  1.00 45.73 ? 174 GLU A OE1 1 
ATOM   326  O OE2 . GLU A 1 46  ? 6.109   4.962   12.709  1.00 47.29 ? 174 GLU A OE2 1 
ATOM   327  N N   . SER A 1 47  ? 1.426   9.362   13.891  1.00 44.97 ? 175 SER A N   1 
ATOM   328  C CA  . SER A 1 47  ? 1.434   10.687  14.517  1.00 46.83 ? 175 SER A CA  1 
ATOM   329  C C   . SER A 1 47  ? 0.363   10.893  15.599  1.00 47.66 ? 175 SER A C   1 
ATOM   330  O O   . SER A 1 47  ? 0.637   11.449  16.669  1.00 48.22 ? 175 SER A O   1 
ATOM   331  C CB  . SER A 1 47  ? 1.270   11.745  13.428  1.00 47.10 ? 175 SER A CB  1 
ATOM   332  O OG  . SER A 1 47  ? 0.440   11.236  12.391  1.00 47.70 ? 175 SER A OG  1 
ATOM   333  N N   . SER A 1 48  ? -0.863  10.485  15.299  1.00 48.32 ? 176 SER A N   1 
ATOM   334  C CA  . SER A 1 48  ? -1.929  10.542  16.288  1.00 48.72 ? 176 SER A CA  1 
ATOM   335  C C   . SER A 1 48  ? -2.605  9.181   16.353  1.00 48.20 ? 176 SER A C   1 
ATOM   336  O O   . SER A 1 48  ? -3.630  8.966   15.690  1.00 48.89 ? 176 SER A O   1 
ATOM   337  C CB  . SER A 1 48  ? -2.917  11.690  15.996  1.00 48.84 ? 176 SER A CB  1 
ATOM   338  O OG  . SER A 1 48  ? -3.479  11.608  14.695  1.00 50.72 ? 176 SER A OG  1 
ATOM   339  N N   . PRO A 1 49  ? -2.018  8.244   17.144  1.00 47.43 ? 177 PRO A N   1 
ATOM   340  C CA  . PRO A 1 49  ? -2.583  6.898   17.312  1.00 46.48 ? 177 PRO A CA  1 
ATOM   341  C C   . PRO A 1 49  ? -4.013  6.946   17.866  1.00 45.00 ? 177 PRO A C   1 
ATOM   342  O O   . PRO A 1 49  ? -4.511  8.025   18.239  1.00 45.80 ? 177 PRO A O   1 
ATOM   343  C CB  . PRO A 1 49  ? -1.620  6.213   18.304  1.00 46.60 ? 177 PRO A CB  1 
ATOM   344  C CG  . PRO A 1 49  ? -0.903  7.326   18.996  1.00 47.21 ? 177 PRO A CG  1 
ATOM   345  C CD  . PRO A 1 49  ? -0.825  8.451   17.992  1.00 47.39 ? 177 PRO A CD  1 
ATOM   346  N N   . GLY A 1 50  ? -4.666  5.791   17.905  1.00 42.99 ? 178 GLY A N   1 
ATOM   347  C CA  . GLY A 1 50  ? -6.093  5.724   18.202  1.00 39.64 ? 178 GLY A CA  1 
ATOM   348  C C   . GLY A 1 50  ? -6.913  5.849   16.928  1.00 36.68 ? 178 GLY A C   1 
ATOM   349  O O   . GLY A 1 50  ? -8.060  5.419   16.881  1.00 36.83 ? 178 GLY A O   1 
ATOM   350  N N   . GLN A 1 51  ? -6.331  6.458   15.899  1.00 34.61 ? 179 GLN A N   1 
ATOM   351  C CA  . GLN A 1 51  ? -7.006  6.568   14.607  1.00 31.89 ? 179 GLN A CA  1 
ATOM   352  C C   . GLN A 1 51  ? -6.602  5.388   13.707  1.00 29.18 ? 179 GLN A C   1 
ATOM   353  O O   . GLN A 1 51  ? -5.495  5.345   13.185  1.00 28.12 ? 179 GLN A O   1 
ATOM   354  C CB  . GLN A 1 51  ? -6.723  7.921   13.952  1.00 33.24 ? 179 GLN A CB  1 
ATOM   355  C CG  . GLN A 1 51  ? -7.458  9.120   14.615  1.00 36.29 ? 179 GLN A CG  1 
ATOM   356  C CD  . GLN A 1 51  ? -8.837  9.468   13.987  1.00 42.28 ? 179 GLN A CD  1 
ATOM   357  O OE1 . GLN A 1 51  ? -9.521  8.626   13.376  1.00 44.19 ? 179 GLN A OE1 1 
ATOM   358  N NE2 . GLN A 1 51  ? -9.244  10.731  14.152  1.00 44.89 ? 179 GLN A NE2 1 
ATOM   359  N N   . ARG A 1 52  ? -7.507  4.419   13.562  1.00 26.10 ? 180 ARG A N   1 
ATOM   360  C CA  . ARG A 1 52  ? -7.200  3.180   12.841  1.00 22.97 ? 180 ARG A CA  1 
ATOM   361  C C   . ARG A 1 52  ? -7.966  3.129   11.528  1.00 20.89 ? 180 ARG A C   1 
ATOM   362  O O   . ARG A 1 52  ? -9.059  3.694   11.425  1.00 18.81 ? 180 ARG A O   1 
ATOM   363  C CB  . ARG A 1 52  ? -7.546  1.970   13.703  1.00 23.55 ? 180 ARG A CB  1 
ATOM   364  C CG  . ARG A 1 52  ? -6.874  2.035   15.099  1.00 26.06 ? 180 ARG A CG  1 
ATOM   365  C CD  . ARG A 1 52  ? -6.463  0.677   15.629  1.00 31.09 ? 180 ARG A CD  1 
ATOM   366  N NE  . ARG A 1 52  ? -5.472  0.825   16.697  1.00 38.69 ? 180 ARG A NE  1 
ATOM   367  C CZ  . ARG A 1 52  ? -5.758  0.872   17.996  1.00 42.49 ? 180 ARG A CZ  1 
ATOM   368  N NH1 . ARG A 1 52  ? -7.024  0.765   18.408  1.00 44.60 ? 180 ARG A NH1 1 
ATOM   369  N NH2 . ARG A 1 52  ? -4.776  1.016   18.884  1.00 43.76 ? 180 ARG A NH2 1 
ATOM   370  N N   . SER A 1 53  ? -7.396  2.415   10.558  1.00 18.28 ? 181 SER A N   1 
ATOM   371  C CA  . SER A 1 53  ? -7.971  2.244   9.220   1.00 18.07 ? 181 SER A CA  1 
ATOM   372  C C   . SER A 1 53  ? -7.888  0.792   8.760   1.00 17.25 ? 181 SER A C   1 
ATOM   373  O O   . SER A 1 53  ? -6.993  0.054   9.198   1.00 17.15 ? 181 SER A O   1 
ATOM   374  C CB  . SER A 1 53  ? -7.213  3.139   8.230   1.00 18.02 ? 181 SER A CB  1 
ATOM   375  O OG  . SER A 1 53  ? -7.360  4.509   8.602   1.00 17.87 ? 181 SER A OG  1 
ATOM   376  N N   . ILE A 1 54  ? -8.798  0.403   7.866   1.00 16.83 ? 182 ILE A N   1 
ATOM   377  C CA  . ILE A 1 54  ? -8.732  -0.879  7.162   1.00 17.29 ? 182 ILE A CA  1 
ATOM   378  C C   . ILE A 1 54  ? -8.279  -0.619  5.721   1.00 17.58 ? 182 ILE A C   1 
ATOM   379  O O   . ILE A 1 54  ? -8.749  0.317   5.085   1.00 17.29 ? 182 ILE A O   1 
ATOM   380  C CB  . ILE A 1 54  ? -10.138 -1.551  7.146   1.00 16.65 ? 182 ILE A CB  1 
ATOM   381  C CG1 . ILE A 1 54  ? -10.609 -1.808  8.583   1.00 19.06 ? 182 ILE A CG1 1 
ATOM   382  C CG2 . ILE A 1 54  ? -10.140 -2.830  6.333   1.00 19.11 ? 182 ILE A CG2 1 
ATOM   383  C CD1 . ILE A 1 54  ? -12.078 -2.273  8.690   1.00 19.87 ? 182 ILE A CD1 1 
ATOM   384  N N   . SER A 1 55  ? -7.337  -1.403  5.218   1.00 17.37 ? 183 SER A N   1 
ATOM   385  C CA  . SER A 1 55  ? -6.983  -1.303  3.803   1.00 17.32 ? 183 SER A CA  1 
ATOM   386  C C   . SER A 1 55  ? -7.292  -2.657  3.199   1.00 17.37 ? 183 SER A C   1 
ATOM   387  O O   . SER A 1 55  ? -6.905  -3.681  3.767   1.00 16.44 ? 183 SER A O   1 
ATOM   388  C CB  . SER A 1 55  ? -5.507  -0.913  3.591   1.00 17.46 ? 183 SER A CB  1 
ATOM   389  O OG  . SER A 1 55  ? -5.231  0.366   4.149   1.00 16.23 ? 183 SER A OG  1 
ATOM   390  N N   . LEU A 1 56  ? -8.038  -2.645  2.091   1.00 17.22 ? 184 LEU A N   1 
ATOM   391  C CA  . LEU A 1 56  ? -8.629  -3.850  1.541   1.00 18.27 ? 184 LEU A CA  1 
ATOM   392  C C   . LEU A 1 56  ? -8.437  -3.887  0.016   1.00 18.78 ? 184 LEU A C   1 
ATOM   393  O O   . LEU A 1 56  ? -8.718  -2.904  -0.674  1.00 19.72 ? 184 LEU A O   1 
ATOM   394  C CB  . LEU A 1 56  ? -10.129 -3.852  1.871   1.00 17.91 ? 184 LEU A CB  1 
ATOM   395  C CG  . LEU A 1 56  ? -11.041 -4.907  1.273   1.00 19.61 ? 184 LEU A CG  1 
ATOM   396  C CD1 . LEU A 1 56  ? -10.533 -6.309  1.683   1.00 18.26 ? 184 LEU A CD1 1 
ATOM   397  C CD2 . LEU A 1 56  ? -12.389 -4.655  1.854   1.00 18.76 ? 184 LEU A CD2 1 
ATOM   398  N N   . ARG A 1 57  ? -8.006  -5.036  -0.491  1.00 18.91 ? 185 ARG A N   1 
ATOM   399  C CA  . ARG A 1 57  ? -7.773  -5.223  -1.924  1.00 20.80 ? 185 ARG A CA  1 
ATOM   400  C C   . ARG A 1 57  ? -8.981  -5.826  -2.622  1.00 21.28 ? 185 ARG A C   1 
ATOM   401  O O   . ARG A 1 57  ? -9.543  -6.820  -2.159  1.00 20.38 ? 185 ARG A O   1 
ATOM   402  C CB  . ARG A 1 57  ? -6.558  -6.133  -2.144  1.00 20.64 ? 185 ARG A CB  1 
ATOM   403  C CG  . ARG A 1 57  ? -6.198  -6.287  -3.608  1.00 23.17 ? 185 ARG A CG  1 
ATOM   404  C CD  . ARG A 1 57  ? -4.799  -6.755  -3.800  1.00 26.78 ? 185 ARG A CD  1 
ATOM   405  N NE  . ARG A 1 57  ? -4.414  -6.625  -5.206  1.00 28.95 ? 185 ARG A NE  1 
ATOM   406  C CZ  . ARG A 1 57  ? -3.740  -5.595  -5.736  1.00 29.67 ? 185 ARG A CZ  1 
ATOM   407  N NH1 . ARG A 1 57  ? -3.354  -4.558  -5.007  1.00 29.23 ? 185 ARG A NH1 1 
ATOM   408  N NH2 . ARG A 1 57  ? -3.465  -5.600  -7.030  1.00 32.88 ? 185 ARG A NH2 1 
ATOM   409  N N   . TYR A 1 58  ? -9.347  -5.260  -3.770  1.00 21.88 ? 186 TYR A N   1 
ATOM   410  C CA  . TYR A 1 58  ? -10.453 -5.807  -4.542  1.00 23.47 ? 186 TYR A CA  1 
ATOM   411  C C   . TYR A 1 58  ? -10.293 -5.445  -6.008  1.00 23.62 ? 186 TYR A C   1 
ATOM   412  O O   . TYR A 1 58  ? -10.194 -4.264  -6.339  1.00 22.94 ? 186 TYR A O   1 
ATOM   413  C CB  . TYR A 1 58  ? -11.795 -5.308  -4.001  1.00 23.41 ? 186 TYR A CB  1 
ATOM   414  C CG  . TYR A 1 58  ? -12.976 -5.989  -4.660  1.00 27.31 ? 186 TYR A CG  1 
ATOM   415  C CD1 . TYR A 1 58  ? -13.262 -7.341  -4.405  1.00 29.56 ? 186 TYR A CD1 1 
ATOM   416  C CD2 . TYR A 1 58  ? -13.788 -5.298  -5.551  1.00 32.17 ? 186 TYR A CD2 1 
ATOM   417  C CE1 . TYR A 1 58  ? -14.350 -7.980  -5.014  1.00 35.25 ? 186 TYR A CE1 1 
ATOM   418  C CE2 . TYR A 1 58  ? -14.884 -5.927  -6.173  1.00 33.88 ? 186 TYR A CE2 1 
ATOM   419  C CZ  . TYR A 1 58  ? -15.151 -7.264  -5.895  1.00 35.23 ? 186 TYR A CZ  1 
ATOM   420  O OH  . TYR A 1 58  ? -16.224 -7.885  -6.493  1.00 40.02 ? 186 TYR A OH  1 
ATOM   421  N N   . GLU A 1 59  ? -10.218 -6.475  -6.855  1.00 24.92 ? 187 GLU A N   1 
ATOM   422  C CA  . GLU A 1 59  ? -10.077 -6.318  -8.312  1.00 26.25 ? 187 GLU A CA  1 
ATOM   423  C C   . GLU A 1 59  ? -8.970  -5.358  -8.656  1.00 25.69 ? 187 GLU A C   1 
ATOM   424  O O   . GLU A 1 59  ? -9.189  -4.375  -9.359  1.00 26.00 ? 187 GLU A O   1 
ATOM   425  C CB  . GLU A 1 59  ? -11.402 -5.885  -8.969  1.00 27.07 ? 187 GLU A CB  1 
ATOM   426  C CG  . GLU A 1 59  ? -12.519 -6.904  -8.843  1.00 31.69 ? 187 GLU A CG  1 
ATOM   427  C CD  . GLU A 1 59  ? -12.307 -8.125  -9.731  1.00 37.96 ? 187 GLU A CD  1 
ATOM   428  O OE1 . GLU A 1 59  ? -12.563 -8.015  -10.953 1.00 41.57 ? 187 GLU A OE1 1 
ATOM   429  O OE2 . GLU A 1 59  ? -11.897 -9.190  -9.215  1.00 39.43 ? 187 GLU A OE2 1 
ATOM   430  N N   . GLY A 1 60  ? -7.784  -5.640  -8.121  1.00 25.42 ? 188 GLY A N   1 
ATOM   431  C CA  . GLY A 1 60  ? -6.577  -4.875  -8.423  1.00 25.73 ? 188 GLY A CA  1 
ATOM   432  C C   . GLY A 1 60  ? -6.441  -3.476  -7.841  1.00 25.34 ? 188 GLY A C   1 
ATOM   433  O O   . GLY A 1 60  ? -5.461  -2.792  -8.132  1.00 26.02 ? 188 GLY A O   1 
ATOM   434  N N   . ARG A 1 61  ? -7.416  -3.040  -7.046  1.00 24.69 ? 189 ARG A N   1 
ATOM   435  C CA  . ARG A 1 61  ? -7.355  -1.736  -6.363  1.00 24.88 ? 189 ARG A CA  1 
ATOM   436  C C   . ARG A 1 61  ? -7.423  -1.888  -4.850  1.00 24.06 ? 189 ARG A C   1 
ATOM   437  O O   . ARG A 1 61  ? -8.071  -2.819  -4.350  1.00 23.73 ? 189 ARG A O   1 
ATOM   438  C CB  . ARG A 1 61  ? -8.529  -0.861  -6.783  1.00 25.75 ? 189 ARG A CB  1 
ATOM   439  C CG  . ARG A 1 61  ? -8.626  -0.585  -8.273  1.00 29.72 ? 189 ARG A CG  1 
ATOM   440  C CD  . ARG A 1 61  ? -9.880  0.218   -8.572  1.00 36.47 ? 189 ARG A CD  1 
ATOM   441  N NE  . ARG A 1 61  ? -9.699  1.642   -8.289  1.00 41.83 ? 189 ARG A NE  1 
ATOM   442  C CZ  . ARG A 1 61  ? -10.606 2.583   -8.557  1.00 44.38 ? 189 ARG A CZ  1 
ATOM   443  N NH1 . ARG A 1 61  ? -11.777 2.256   -9.112  1.00 45.15 ? 189 ARG A NH1 1 
ATOM   444  N NH2 . ARG A 1 61  ? -10.343 3.851   -8.269  1.00 45.54 ? 189 ARG A NH2 1 
ATOM   445  N N   . VAL A 1 62  ? -6.799  -0.952  -4.129  1.00 23.23 ? 190 VAL A N   1 
ATOM   446  C CA  . VAL A 1 62  ? -6.873  -0.931  -2.657  1.00 22.11 ? 190 VAL A CA  1 
ATOM   447  C C   . VAL A 1 62  ? -7.857  0.135   -2.197  1.00 21.74 ? 190 VAL A C   1 
ATOM   448  O O   . VAL A 1 62  ? -7.795  1.281   -2.651  1.00 22.45 ? 190 VAL A O   1 
ATOM   449  C CB  . VAL A 1 62  ? -5.480  -0.692  -2.010  1.00 22.25 ? 190 VAL A CB  1 
ATOM   450  C CG1 . VAL A 1 62  ? -5.589  -0.614  -0.468  1.00 21.44 ? 190 VAL A CG1 1 
ATOM   451  C CG2 . VAL A 1 62  ? -4.494  -1.786  -2.426  1.00 21.76 ? 190 VAL A CG2 1 
ATOM   452  N N   . TYR A 1 63  ? -8.774  -0.266  -1.319  1.00 20.38 ? 191 TYR A N   1 
ATOM   453  C CA  . TYR A 1 63  ? -9.760  0.596   -0.717  1.00 19.45 ? 191 TYR A CA  1 
ATOM   454  C C   . TYR A 1 63  ? -9.423  0.818   0.747   1.00 19.11 ? 191 TYR A C   1 
ATOM   455  O O   . TYR A 1 63  ? -9.098  -0.138  1.454   1.00 19.14 ? 191 TYR A O   1 
ATOM   456  C CB  . TYR A 1 63  ? -11.138 -0.067  -0.813  1.00 18.91 ? 191 TYR A CB  1 
ATOM   457  C CG  . TYR A 1 63  ? -11.594 -0.268  -2.238  1.00 20.89 ? 191 TYR A CG  1 
ATOM   458  C CD1 . TYR A 1 63  ? -12.603 0.514   -2.773  1.00 26.16 ? 191 TYR A CD1 1 
ATOM   459  C CD2 . TYR A 1 63  ? -10.983 -1.220  -3.059  1.00 22.46 ? 191 TYR A CD2 1 
ATOM   460  C CE1 . TYR A 1 63  ? -13.017 0.346   -4.087  1.00 29.36 ? 191 TYR A CE1 1 
ATOM   461  C CE2 . TYR A 1 63  ? -11.381 -1.406  -4.365  1.00 23.98 ? 191 TYR A CE2 1 
ATOM   462  C CZ  . TYR A 1 63  ? -12.399 -0.617  -4.874  1.00 30.39 ? 191 TYR A CZ  1 
ATOM   463  O OH  . TYR A 1 63  ? -12.806 -0.767  -6.176  1.00 33.87 ? 191 TYR A OH  1 
ATOM   464  N N   . HIS A 1 64  ? -9.569  2.059   1.209   1.00 18.13 ? 192 HIS A N   1 
ATOM   465  C CA  . HIS A 1 64  ? -9.245  2.405   2.585   1.00 18.16 ? 192 HIS A CA  1 
ATOM   466  C C   . HIS A 1 64  ? -10.476 2.906   3.342   1.00 18.24 ? 192 HIS A C   1 
ATOM   467  O O   . HIS A 1 64  ? -11.223 3.754   2.839   1.00 17.72 ? 192 HIS A O   1 
ATOM   468  C CB  . HIS A 1 64  ? -8.136  3.467   2.626   1.00 17.92 ? 192 HIS A CB  1 
ATOM   469  C CG  . HIS A 1 64  ? -6.928  3.114   1.806   1.00 18.32 ? 192 HIS A CG  1 
ATOM   470  N ND1 . HIS A 1 64  ? -5.853  2.424   2.324   1.00 19.34 ? 192 HIS A ND1 1 
ATOM   471  C CD2 . HIS A 1 64  ? -6.601  3.409   0.523   1.00 19.14 ? 192 HIS A CD2 1 
ATOM   472  C CE1 . HIS A 1 64  ? -4.920  2.296   1.390   1.00 19.77 ? 192 HIS A CE1 1 
ATOM   473  N NE2 . HIS A 1 64  ? -5.352  2.884   0.285   1.00 19.15 ? 192 HIS A NE2 1 
ATOM   474  N N   . TYR A 1 65  ? -10.680 2.379   4.550   1.00 17.27 ? 193 TYR A N   1 
ATOM   475  C CA  . TYR A 1 65  ? -11.817 2.757   5.373   1.00 17.87 ? 193 TYR A CA  1 
ATOM   476  C C   . TYR A 1 65  ? -11.396 3.183   6.761   1.00 17.97 ? 193 TYR A C   1 
ATOM   477  O O   . TYR A 1 65  ? -10.578 2.534   7.389   1.00 17.50 ? 193 TYR A O   1 
ATOM   478  C CB  . TYR A 1 65  ? -12.769 1.567   5.500   1.00 17.38 ? 193 TYR A CB  1 
ATOM   479  C CG  . TYR A 1 65  ? -13.279 1.074   4.202   1.00 18.08 ? 193 TYR A CG  1 
ATOM   480  C CD1 . TYR A 1 65  ? -14.435 1.625   3.648   1.00 18.17 ? 193 TYR A CD1 1 
ATOM   481  C CD2 . TYR A 1 65  ? -12.611 0.078   3.509   1.00 15.88 ? 193 TYR A CD2 1 
ATOM   482  C CE1 . TYR A 1 65  ? -14.932 1.176   2.454   1.00 21.32 ? 193 TYR A CE1 1 
ATOM   483  C CE2 . TYR A 1 65  ? -13.085 -0.372  2.301   1.00 18.68 ? 193 TYR A CE2 1 
ATOM   484  C CZ  . TYR A 1 65  ? -14.259 0.178   1.790   1.00 20.09 ? 193 TYR A CZ  1 
ATOM   485  O OH  . TYR A 1 65  ? -14.738 -0.255  0.594   1.00 19.52 ? 193 TYR A OH  1 
ATOM   486  N N   . ARG A 1 66  ? -11.965 4.280   7.243   1.00 19.42 ? 194 ARG A N   1 
ATOM   487  C CA  . ARG A 1 66  ? -11.691 4.739   8.588   1.00 20.51 ? 194 ARG A CA  1 
ATOM   488  C C   . ARG A 1 66  ? -12.492 3.887   9.551   1.00 20.32 ? 194 ARG A C   1 
ATOM   489  O O   . ARG A 1 66  ? -13.639 3.565   9.283   1.00 20.45 ? 194 ARG A O   1 
ATOM   490  C CB  . ARG A 1 66  ? -12.165 6.189   8.704   1.00 21.64 ? 194 ARG A CB  1 
ATOM   491  C CG  . ARG A 1 66  ? -11.768 6.931   9.963   1.00 24.23 ? 194 ARG A CG  1 
ATOM   492  C CD  . ARG A 1 66  ? -12.192 8.443   9.871   1.00 26.46 ? 194 ARG A CD  1 
ATOM   493  N NE  . ARG A 1 66  ? -11.464 9.120   8.802   1.00 30.40 ? 194 ARG A NE  1 
ATOM   494  C CZ  . ARG A 1 66  ? -12.015 9.579   7.671   1.00 30.24 ? 194 ARG A CZ  1 
ATOM   495  N NH1 . ARG A 1 66  ? -13.320 9.490   7.464   1.00 30.44 ? 194 ARG A NH1 1 
ATOM   496  N NH2 . ARG A 1 66  ? -11.248 10.147  6.751   1.00 29.95 ? 194 ARG A NH2 1 
ATOM   497  N N   . ILE A 1 67  ? -11.888 3.533   10.685  1.00 20.85 ? 195 ILE A N   1 
ATOM   498  C CA  . ILE A 1 67  ? -12.625 2.912   11.781  1.00 20.89 ? 195 ILE A CA  1 
ATOM   499  C C   . ILE A 1 67  ? -13.033 4.029   12.740  1.00 21.66 ? 195 ILE A C   1 
ATOM   500  O O   . ILE A 1 67  ? -12.187 4.809   13.200  1.00 21.84 ? 195 ILE A O   1 
ATOM   501  C CB  . ILE A 1 67  ? -11.765 1.847   12.516  1.00 21.64 ? 195 ILE A CB  1 
ATOM   502  C CG1 . ILE A 1 67  ? -11.491 0.649   11.578  1.00 21.72 ? 195 ILE A CG1 1 
ATOM   503  C CG2 . ILE A 1 67  ? -12.477 1.360   13.795  1.00 21.28 ? 195 ILE A CG2 1 
ATOM   504  C CD1 . ILE A 1 67  ? -10.223 -0.109  11.916  1.00 22.38 ? 195 ILE A CD1 1 
ATOM   505  N N   . ASN A 1 68  ? -14.334 4.107   13.008  1.00 21.85 ? 196 ASN A N   1 
ATOM   506  C CA  . ASN A 1 68  ? -14.926 5.159   13.824  1.00 22.49 ? 196 ASN A CA  1 
ATOM   507  C C   . ASN A 1 68  ? -15.081 4.704   15.279  1.00 22.64 ? 196 ASN A C   1 
ATOM   508  O O   . ASN A 1 68  ? -15.275 3.516   15.548  1.00 21.78 ? 196 ASN A O   1 
ATOM   509  C CB  . ASN A 1 68  ? -16.307 5.539   13.264  1.00 22.41 ? 196 ASN A CB  1 
ATOM   510  C CG  . ASN A 1 68  ? -16.265 5.904   11.769  1.00 24.94 ? 196 ASN A CG  1 
ATOM   511  O OD1 . ASN A 1 68  ? -16.800 5.185   10.920  1.00 24.58 ? 196 ASN A OD1 1 
ATOM   512  N ND2 . ASN A 1 68  ? -15.588 6.982   11.447  1.00 23.93 ? 196 ASN A ND2 1 
ATOM   513  N N   . THR A 1 69  ? -14.979 5.652   16.213  1.00 22.66 ? 197 THR A N   1 
ATOM   514  C CA  . THR A 1 69  ? -15.214 5.379   17.616  1.00 22.44 ? 197 THR A CA  1 
ATOM   515  C C   . THR A 1 69  ? -16.498 6.085   18.020  1.00 22.40 ? 197 THR A C   1 
ATOM   516  O O   . THR A 1 69  ? -16.634 7.293   17.823  1.00 22.91 ? 197 THR A O   1 
ATOM   517  C CB  . THR A 1 69  ? -14.063 5.871   18.495  1.00 23.08 ? 197 THR A CB  1 
ATOM   518  O OG1 . THR A 1 69  ? -12.832 5.295   18.037  1.00 22.99 ? 197 THR A OG1 1 
ATOM   519  C CG2 . THR A 1 69  ? -14.300 5.444   19.949  1.00 21.90 ? 197 THR A CG2 1 
ATOM   520  N N   . ALA A 1 70  ? -17.450 5.322   18.549  1.00 22.03 ? 198 ALA A N   1 
ATOM   521  C CA  . ALA A 1 70  ? -18.739 5.876   18.973  1.00 22.23 ? 198 ALA A CA  1 
ATOM   522  C C   . ALA A 1 70  ? -18.554 6.624   20.277  1.00 22.59 ? 198 ALA A C   1 
ATOM   523  O O   . ALA A 1 70  ? -17.513 6.531   20.915  1.00 22.87 ? 198 ALA A O   1 
ATOM   524  C CB  . ALA A 1 70  ? -19.783 4.778   19.140  1.00 21.05 ? 198 ALA A CB  1 
ATOM   525  N N   . SER A 1 71  ? -19.575 7.364   20.675  1.00 23.66 ? 199 SER A N   1 
ATOM   526  C CA  . SER A 1 71  ? -19.466 8.185   21.876  1.00 24.58 ? 199 SER A CA  1 
ATOM   527  C C   . SER A 1 71  ? -19.417 7.338   23.141  1.00 24.90 ? 199 SER A C   1 
ATOM   528  O O   . SER A 1 71  ? -19.036 7.837   24.197  1.00 25.34 ? 199 SER A O   1 
ATOM   529  C CB  . SER A 1 71  ? -20.620 9.172   21.943  1.00 25.24 ? 199 SER A CB  1 
ATOM   530  O OG  . SER A 1 71  ? -21.831 8.461   22.037  1.00 28.25 ? 199 SER A OG  1 
ATOM   531  N N   . ASP A 1 72  ? -19.787 6.057   23.040  1.00 24.35 ? 200 ASP A N   1 
ATOM   532  C CA  . ASP A 1 72  ? -19.654 5.145   24.167  1.00 24.45 ? 200 ASP A CA  1 
ATOM   533  C C   . ASP A 1 72  ? -18.403 4.265   24.037  1.00 24.28 ? 200 ASP A C   1 
ATOM   534  O O   . ASP A 1 72  ? -18.209 3.342   24.828  1.00 24.72 ? 200 ASP A O   1 
ATOM   535  C CB  . ASP A 1 72  ? -20.916 4.277   24.339  1.00 24.06 ? 200 ASP A CB  1 
ATOM   536  C CG  . ASP A 1 72  ? -21.206 3.380   23.120  1.00 25.61 ? 200 ASP A CG  1 
ATOM   537  O OD1 . ASP A 1 72  ? -20.444 3.410   22.127  1.00 22.94 ? 200 ASP A OD1 1 
ATOM   538  O OD2 . ASP A 1 72  ? -22.209 2.633   23.154  1.00 27.03 ? 200 ASP A OD2 1 
ATOM   539  N N   . GLY A 1 73  ? -17.585 4.525   23.015  1.00 24.51 ? 201 GLY A N   1 
ATOM   540  C CA  . GLY A 1 73  ? -16.289 3.850   22.868  1.00 23.81 ? 201 GLY A CA  1 
ATOM   541  C C   . GLY A 1 73  ? -16.306 2.640   21.932  1.00 23.65 ? 201 GLY A C   1 
ATOM   542  O O   . GLY A 1 73  ? -15.249 2.133   21.561  1.00 24.20 ? 201 GLY A O   1 
ATOM   543  N N   . LYS A 1 74  ? -17.486 2.188   21.533  1.00 22.86 ? 202 LYS A N   1 
ATOM   544  C CA  . LYS A 1 74  ? -17.570 1.104   20.532  1.00 22.94 ? 202 LYS A CA  1 
ATOM   545  C C   . LYS A 1 74  ? -16.974 1.495   19.173  1.00 22.43 ? 202 LYS A C   1 
ATOM   546  O O   . LYS A 1 74  ? -16.980 2.670   18.795  1.00 22.96 ? 202 LYS A O   1 
ATOM   547  C CB  . LYS A 1 74  ? -19.007 0.631   20.356  1.00 22.88 ? 202 LYS A CB  1 
ATOM   548  C CG  . LYS A 1 74  ? -19.539 -0.159  21.554  1.00 24.55 ? 202 LYS A CG  1 
ATOM   549  C CD  . LYS A 1 74  ? -20.862 -0.833  21.209  1.00 28.70 ? 202 LYS A CD  1 
ATOM   550  C CE  . LYS A 1 74  ? -21.591 -1.303  22.444  1.00 32.01 ? 202 LYS A CE  1 
ATOM   551  N NZ  . LYS A 1 74  ? -21.161 -2.673  22.839  1.00 35.47 ? 202 LYS A NZ  1 
ATOM   552  N N   . LEU A 1 75  ? -16.479 0.499   18.434  1.00 21.98 ? 203 LEU A N   1 
ATOM   553  C CA  . LEU A 1 75  ? -15.835 0.753   17.154  1.00 21.18 ? 203 LEU A CA  1 
ATOM   554  C C   . LEU A 1 75  ? -16.729 0.283   16.025  1.00 20.15 ? 203 LEU A C   1 
ATOM   555  O O   . LEU A 1 75  ? -17.427 -0.723  16.159  1.00 18.53 ? 203 LEU A O   1 
ATOM   556  C CB  . LEU A 1 75  ? -14.495 0.005   17.059  1.00 21.45 ? 203 LEU A CB  1 
ATOM   557  C CG  . LEU A 1 75  ? -13.465 0.127   18.199  1.00 23.04 ? 203 LEU A CG  1 
ATOM   558  C CD1 . LEU A 1 75  ? -12.182 -0.579  17.749  1.00 24.92 ? 203 LEU A CD1 1 
ATOM   559  C CD2 . LEU A 1 75  ? -13.174 1.567   18.562  1.00 24.66 ? 203 LEU A CD2 1 
ATOM   560  N N   . TYR A 1 76  ? -16.685 0.996   14.905  1.00 19.48 ? 204 TYR A N   1 
ATOM   561  C CA  . TYR A 1 76  ? -17.469 0.596   13.744  1.00 19.89 ? 204 TYR A CA  1 
ATOM   562  C C   . TYR A 1 76  ? -16.971 1.189   12.444  1.00 19.84 ? 204 TYR A C   1 
ATOM   563  O O   . TYR A 1 76  ? -16.314 2.246   12.434  1.00 19.69 ? 204 TYR A O   1 
ATOM   564  C CB  . TYR A 1 76  ? -18.938 0.977   13.962  1.00 19.84 ? 204 TYR A CB  1 
ATOM   565  C CG  . TYR A 1 76  ? -19.223 2.478   13.979  1.00 20.04 ? 204 TYR A CG  1 
ATOM   566  C CD1 . TYR A 1 76  ? -19.500 3.164   12.806  1.00 19.72 ? 204 TYR A CD1 1 
ATOM   567  C CD2 . TYR A 1 76  ? -19.238 3.194   15.173  1.00 20.62 ? 204 TYR A CD2 1 
ATOM   568  C CE1 . TYR A 1 76  ? -19.798 4.536   12.806  1.00 21.66 ? 204 TYR A CE1 1 
ATOM   569  C CE2 . TYR A 1 76  ? -19.533 4.569   15.187  1.00 22.31 ? 204 TYR A CE2 1 
ATOM   570  C CZ  . TYR A 1 76  ? -19.797 5.227   13.998  1.00 23.72 ? 204 TYR A CZ  1 
ATOM   571  O OH  . TYR A 1 76  ? -20.082 6.576   14.019  1.00 27.55 ? 204 TYR A OH  1 
ATOM   572  N N   . VAL A 1 77  ? -17.294 0.505   11.349  1.00 20.13 ? 205 VAL A N   1 
ATOM   573  C CA  . VAL A 1 77  ? -17.130 1.040   10.012  1.00 20.08 ? 205 VAL A CA  1 
ATOM   574  C C   . VAL A 1 77  ? -18.480 1.611   9.566   1.00 20.43 ? 205 VAL A C   1 
ATOM   575  O O   . VAL A 1 77  ? -18.560 2.737   9.091   1.00 20.50 ? 205 VAL A O   1 
ATOM   576  C CB  . VAL A 1 77  ? -16.627 -0.046  9.023   1.00 21.15 ? 205 VAL A CB  1 
ATOM   577  C CG1 . VAL A 1 77  ? -16.276 0.587   7.689   1.00 20.89 ? 205 VAL A CG1 1 
ATOM   578  C CG2 . VAL A 1 77  ? -15.384 -0.753  9.585   1.00 20.86 ? 205 VAL A CG2 1 
ATOM   579  N N   . SER A 1 78  ? -19.530 0.818   9.734   1.00 20.72 ? 206 SER A N   1 
ATOM   580  C CA  . SER A 1 78  ? -20.929 1.196   9.536   1.00 21.68 ? 206 SER A CA  1 
ATOM   581  C C   . SER A 1 78  ? -21.556 1.311   10.927  1.00 21.78 ? 206 SER A C   1 
ATOM   582  O O   . SER A 1 78  ? -21.411 0.390   11.742  1.00 20.93 ? 206 SER A O   1 
ATOM   583  C CB  . SER A 1 78  ? -21.644 0.089   8.735   1.00 21.69 ? 206 SER A CB  1 
ATOM   584  O OG  . SER A 1 78  ? -23.082 0.126   8.830   1.00 24.91 ? 206 SER A OG  1 
ATOM   585  N N   . SER A 1 79  ? -22.260 2.425   11.185  1.00 21.54 ? 207 SER A N   1 
ATOM   586  C CA  . SER A 1 79  ? -22.890 2.671   12.485  1.00 21.45 ? 207 SER A CA  1 
ATOM   587  C C   . SER A 1 79  ? -23.987 1.649   12.822  1.00 21.58 ? 207 SER A C   1 
ATOM   588  O O   . SER A 1 79  ? -24.429 1.567   13.954  1.00 21.97 ? 207 SER A O   1 
ATOM   589  C CB  . SER A 1 79  ? -23.423 4.110   12.591  1.00 21.50 ? 207 SER A CB  1 
ATOM   590  O OG  . SER A 1 79  ? -24.668 4.218   11.954  1.00 22.91 ? 207 SER A OG  1 
ATOM   591  N N   . GLU A 1 80  ? -24.390 0.842   11.845  1.00 21.45 ? 208 GLU A N   1 
ATOM   592  C CA  . GLU A 1 80  ? -25.340 -0.224  12.100  1.00 22.51 ? 208 GLU A CA  1 
ATOM   593  C C   . GLU A 1 80  ? -24.738 -1.502  12.709  1.00 21.96 ? 208 GLU A C   1 
ATOM   594  O O   . GLU A 1 80  ? -25.485 -2.410  13.092  1.00 21.69 ? 208 GLU A O   1 
ATOM   595  C CB  . GLU A 1 80  ? -26.113 -0.567  10.817  1.00 23.73 ? 208 GLU A CB  1 
ATOM   596  C CG  . GLU A 1 80  ? -26.891 0.610   10.300  1.00 28.57 ? 208 GLU A CG  1 
ATOM   597  C CD  . GLU A 1 80  ? -27.881 0.238   9.241   1.00 36.40 ? 208 GLU A CD  1 
ATOM   598  O OE1 . GLU A 1 80  ? -27.845 -0.919  8.757   1.00 41.07 ? 208 GLU A OE1 1 
ATOM   599  O OE2 . GLU A 1 80  ? -28.696 1.113   8.883   1.00 41.66 ? 208 GLU A OE2 1 
ATOM   600  N N   . SER A 1 81  ? -23.405 -1.563  12.802  1.00 20.81 ? 209 SER A N   1 
ATOM   601  C CA  . SER A 1 81  ? -22.703 -2.778  13.244  1.00 19.58 ? 209 SER A CA  1 
ATOM   602  C C   . SER A 1 81  ? -21.493 -2.357  14.084  1.00 19.08 ? 209 SER A C   1 
ATOM   603  O O   . SER A 1 81  ? -20.377 -2.177  13.558  1.00 18.36 ? 209 SER A O   1 
ATOM   604  C CB  . SER A 1 81  ? -22.278 -3.663  12.056  1.00 19.57 ? 209 SER A CB  1 
ATOM   605  O OG  . SER A 1 81  ? -23.394 -4.030  11.247  1.00 20.26 ? 209 SER A OG  1 
ATOM   606  N N   . ARG A 1 82  ? -21.733 -2.148  15.382  1.00 18.09 ? 210 ARG A N   1 
ATOM   607  C CA  . ARG A 1 82  ? -20.700 -1.593  16.279  1.00 18.62 ? 210 ARG A CA  1 
ATOM   608  C C   . ARG A 1 82  ? -20.252 -2.649  17.269  1.00 19.05 ? 210 ARG A C   1 
ATOM   609  O O   . ARG A 1 82  ? -21.057 -3.502  17.656  1.00 19.44 ? 210 ARG A O   1 
ATOM   610  C CB  . ARG A 1 82  ? -21.228 -0.376  17.045  1.00 18.63 ? 210 ARG A CB  1 
ATOM   611  C CG  . ARG A 1 82  ? -22.109 0.567   16.212  1.00 18.22 ? 210 ARG A CG  1 
ATOM   612  C CD  . ARG A 1 82  ? -22.587 1.712   17.084  1.00 19.49 ? 210 ARG A CD  1 
ATOM   613  N NE  . ARG A 1 82  ? -23.551 2.617   16.451  1.00 20.88 ? 210 ARG A NE  1 
ATOM   614  C CZ  . ARG A 1 82  ? -23.812 3.848   16.905  1.00 21.80 ? 210 ARG A CZ  1 
ATOM   615  N NH1 . ARG A 1 82  ? -23.191 4.290   17.979  1.00 22.75 ? 210 ARG A NH1 1 
ATOM   616  N NH2 . ARG A 1 82  ? -24.708 4.643   16.305  1.00 21.24 ? 210 ARG A NH2 1 
ATOM   617  N N   . PHE A 1 83  ? -18.971 -2.596  17.655  1.00 19.33 ? 211 PHE A N   1 
ATOM   618  C CA  . PHE A 1 83  ? -18.398 -3.618  18.522  1.00 19.87 ? 211 PHE A CA  1 
ATOM   619  C C   . PHE A 1 83  ? -17.524 -3.089  19.654  1.00 20.55 ? 211 PHE A C   1 
ATOM   620  O O   . PHE A 1 83  ? -16.980 -1.977  19.598  1.00 20.88 ? 211 PHE A O   1 
ATOM   621  C CB  . PHE A 1 83  ? -17.650 -4.678  17.716  1.00 19.48 ? 211 PHE A CB  1 
ATOM   622  C CG  . PHE A 1 83  ? -18.504 -5.345  16.681  1.00 21.56 ? 211 PHE A CG  1 
ATOM   623  C CD1 . PHE A 1 83  ? -19.266 -6.467  16.991  1.00 22.41 ? 211 PHE A CD1 1 
ATOM   624  C CD2 . PHE A 1 83  ? -18.589 -4.810  15.414  1.00 23.10 ? 211 PHE A CD2 1 
ATOM   625  C CE1 . PHE A 1 83  ? -20.068 -7.078  16.014  1.00 23.69 ? 211 PHE A CE1 1 
ATOM   626  C CE2 . PHE A 1 83  ? -19.397 -5.402  14.449  1.00 21.75 ? 211 PHE A CE2 1 
ATOM   627  C CZ  . PHE A 1 83  ? -20.134 -6.534  14.756  1.00 22.33 ? 211 PHE A CZ  1 
ATOM   628  N N   . ASN A 1 84  ? -17.416 -3.909  20.697  1.00 21.34 ? 212 ASN A N   1 
ATOM   629  C CA  . ASN A 1 84  ? -16.610 -3.556  21.861  1.00 22.44 ? 212 ASN A CA  1 
ATOM   630  C C   . ASN A 1 84  ? -15.104 -3.523  21.576  1.00 22.32 ? 212 ASN A C   1 
ATOM   631  O O   . ASN A 1 84  ? -14.373 -2.726  22.165  1.00 23.29 ? 212 ASN A O   1 
ATOM   632  C CB  . ASN A 1 84  ? -16.917 -4.519  23.012  1.00 23.33 ? 212 ASN A CB  1 
ATOM   633  C CG  . ASN A 1 84  ? -18.271 -4.239  23.659  1.00 26.03 ? 212 ASN A CG  1 
ATOM   634  O OD1 . ASN A 1 84  ? -18.769 -3.109  23.635  1.00 26.15 ? 212 ASN A OD1 1 
ATOM   635  N ND2 . ASN A 1 84  ? -18.865 -5.268  24.243  1.00 28.15 ? 212 ASN A ND2 1 
ATOM   636  N N   . THR A 1 85  ? -14.639 -4.382  20.671  1.00 21.45 ? 213 THR A N   1 
ATOM   637  C CA  . THR A 1 85  ? -13.206 -4.496  20.410  1.00 20.86 ? 213 THR A CA  1 
ATOM   638  C C   . THR A 1 85  ? -12.904 -4.473  18.917  1.00 20.00 ? 213 THR A C   1 
ATOM   639  O O   . THR A 1 85  ? -13.755 -4.776  18.075  1.00 18.40 ? 213 THR A O   1 
ATOM   640  C CB  . THR A 1 85  ? -12.625 -5.818  20.987  1.00 21.67 ? 213 THR A CB  1 
ATOM   641  O OG1 . THR A 1 85  ? -13.166 -6.929  20.264  1.00 21.76 ? 213 THR A OG1 1 
ATOM   642  C CG2 . THR A 1 85  ? -12.913 -5.972  22.503  1.00 23.44 ? 213 THR A CG2 1 
ATOM   643  N N   . LEU A 1 86  ? -11.667 -4.135  18.590  1.00 18.12 ? 214 LEU A N   1 
ATOM   644  C CA  . LEU A 1 86  ? -11.271 -4.106  17.205  1.00 18.23 ? 214 LEU A CA  1 
ATOM   645  C C   . LEU A 1 86  ? -11.332 -5.519  16.636  1.00 17.51 ? 214 LEU A C   1 
ATOM   646  O O   . LEU A 1 86  ? -11.804 -5.706  15.519  1.00 16.74 ? 214 LEU A O   1 
ATOM   647  C CB  . LEU A 1 86  ? -9.867  -3.451  17.045  1.00 17.15 ? 214 LEU A CB  1 
ATOM   648  C CG  . LEU A 1 86  ? -9.370  -3.395  15.599  1.00 21.13 ? 214 LEU A CG  1 
ATOM   649  C CD1 . LEU A 1 86  ? -10.229 -2.438  14.766  1.00 22.64 ? 214 LEU A CD1 1 
ATOM   650  C CD2 . LEU A 1 86  ? -7.897  -2.990  15.527  1.00 21.82 ? 214 LEU A CD2 1 
ATOM   651  N N   . ALA A 1 87  ? -10.883 -6.524  17.397  1.00 17.55 ? 215 ALA A N   1 
ATOM   652  C CA  . ALA A 1 87  ? -10.926 -7.897  16.884  1.00 16.98 ? 215 ALA A CA  1 
ATOM   653  C C   . ALA A 1 87  ? -12.350 -8.331  16.526  1.00 17.04 ? 215 ALA A C   1 
ATOM   654  O O   . ALA A 1 87  ? -12.557 -8.980  15.504  1.00 16.69 ? 215 ALA A O   1 
ATOM   655  C CB  . ALA A 1 87  ? -10.284 -8.888  17.877  1.00 16.95 ? 215 ALA A CB  1 
ATOM   656  N N   . GLU A 1 88  ? -13.327 -7.940  17.338  1.00 17.38 ? 216 GLU A N   1 
ATOM   657  C CA  . GLU A 1 88  ? -14.730 -8.295  17.049  1.00 18.16 ? 216 GLU A CA  1 
ATOM   658  C C   . GLU A 1 88  ? -15.202 -7.684  15.733  1.00 17.63 ? 216 GLU A C   1 
ATOM   659  O O   . GLU A 1 88  ? -15.945 -8.313  14.963  1.00 16.23 ? 216 GLU A O   1 
ATOM   660  C CB  . GLU A 1 88  ? -15.663 -7.835  18.152  1.00 18.75 ? 216 GLU A CB  1 
ATOM   661  C CG  . GLU A 1 88  ? -15.772 -8.823  19.318  1.00 23.76 ? 216 GLU A CG  1 
ATOM   662  C CD  . GLU A 1 88  ? -16.446 -8.204  20.536  1.00 28.60 ? 216 GLU A CD  1 
ATOM   663  O OE1 . GLU A 1 88  ? -15.834 -7.367  21.190  1.00 31.41 ? 216 GLU A OE1 1 
ATOM   664  O OE2 . GLU A 1 88  ? -17.588 -8.569  20.862  1.00 33.62 ? 216 GLU A OE2 1 
ATOM   665  N N   . LEU A 1 89  ? -14.803 -6.439  15.511  1.00 17.65 ? 217 LEU A N   1 
ATOM   666  C CA  . LEU A 1 89  ? -15.174 -5.753  14.276  1.00 17.32 ? 217 LEU A CA  1 
ATOM   667  C C   . LEU A 1 89  ? -14.603 -6.437  13.032  1.00 16.93 ? 217 LEU A C   1 
ATOM   668  O O   . LEU A 1 89  ? -15.320 -6.676  12.044  1.00 14.50 ? 217 LEU A O   1 
ATOM   669  C CB  . LEU A 1 89  ? -14.789 -4.269  14.381  1.00 17.50 ? 217 LEU A CB  1 
ATOM   670  C CG  . LEU A 1 89  ? -15.005 -3.287  13.227  1.00 18.57 ? 217 LEU A CG  1 
ATOM   671  C CD1 . LEU A 1 89  ? -16.469 -3.202  12.864  1.00 19.41 ? 217 LEU A CD1 1 
ATOM   672  C CD2 . LEU A 1 89  ? -14.486 -1.910  13.654  1.00 19.90 ? 217 LEU A CD2 1 
ATOM   673  N N   . VAL A 1 90  ? -13.312 -6.774  13.077  1.00 16.76 ? 218 VAL A N   1 
ATOM   674  C CA  . VAL A 1 90  ? -12.672 -7.482  11.975  1.00 17.14 ? 218 VAL A CA  1 
ATOM   675  C C   . VAL A 1 90  ? -13.314 -8.851  11.739  1.00 17.28 ? 218 VAL A C   1 
ATOM   676  O O   . VAL A 1 90  ? -13.599 -9.212  10.598  1.00 18.58 ? 218 VAL A O   1 
ATOM   677  C CB  . VAL A 1 90  ? -11.129 -7.583  12.193  1.00 16.00 ? 218 VAL A CB  1 
ATOM   678  C CG1 . VAL A 1 90  ? -10.453 -8.509  11.137  1.00 17.66 ? 218 VAL A CG1 1 
ATOM   679  C CG2 . VAL A 1 90  ? -10.511 -6.186  12.133  1.00 16.66 ? 218 VAL A CG2 1 
ATOM   680  N N   . HIS A 1 91  ? -13.586 -9.589  12.812  1.00 17.32 ? 219 HIS A N   1 
ATOM   681  C CA  . HIS A 1 91  ? -14.240 -10.881 12.687  1.00 17.71 ? 219 HIS A CA  1 
ATOM   682  C C   . HIS A 1 91  ? -15.629 -10.741 12.072  1.00 17.41 ? 219 HIS A C   1 
ATOM   683  O O   . HIS A 1 91  ? -16.038 -11.562 11.251  1.00 17.83 ? 219 HIS A O   1 
ATOM   684  C CB  . HIS A 1 91  ? -14.315 -11.578 14.055  1.00 18.71 ? 219 HIS A CB  1 
ATOM   685  C CG  . HIS A 1 91  ? -12.967 -11.891 14.635  1.00 20.08 ? 219 HIS A CG  1 
ATOM   686  N ND1 . HIS A 1 91  ? -12.747 -12.019 15.990  1.00 22.47 ? 219 HIS A ND1 1 
ATOM   687  C CD2 . HIS A 1 91  ? -11.766 -12.089 14.039  1.00 21.27 ? 219 HIS A CD2 1 
ATOM   688  C CE1 . HIS A 1 91  ? -11.470 -12.283 16.204  1.00 20.52 ? 219 HIS A CE1 1 
ATOM   689  N NE2 . HIS A 1 91  ? -10.857 -12.342 15.037  1.00 22.75 ? 219 HIS A NE2 1 
ATOM   690  N N   . HIS A 1 92  ? -16.336 -9.683  12.425  1.00 17.23 ? 220 HIS A N   1 
ATOM   691  C CA  . HIS A 1 92  ? -17.640 -9.437  11.800  1.00 16.55 ? 220 HIS A CA  1 
ATOM   692  C C   . HIS A 1 92  ? -17.457 -9.249  10.299  1.00 15.80 ? 220 HIS A C   1 
ATOM   693  O O   . HIS A 1 92  ? -18.101 -9.927  9.494   1.00 17.32 ? 220 HIS A O   1 
ATOM   694  C CB  . HIS A 1 92  ? -18.334 -8.211  12.417  1.00 15.63 ? 220 HIS A CB  1 
ATOM   695  C CG  . HIS A 1 92  ? -19.576 -7.807  11.685  1.00 16.63 ? 220 HIS A CG  1 
ATOM   696  N ND1 . HIS A 1 92  ? -20.718 -8.589  11.672  1.00 16.11 ? 220 HIS A ND1 1 
ATOM   697  C CD2 . HIS A 1 92  ? -19.840 -6.735  10.899  1.00 17.75 ? 220 HIS A CD2 1 
ATOM   698  C CE1 . HIS A 1 92  ? -21.628 -8.008  10.914  1.00 18.48 ? 220 HIS A CE1 1 
ATOM   699  N NE2 . HIS A 1 92  ? -21.122 -6.882  10.431  1.00 18.28 ? 220 HIS A NE2 1 
ATOM   700  N N   . HIS A 1 93  ? -16.580 -8.325  9.909   1.00 16.68 ? 221 HIS A N   1 
ATOM   701  C CA  . HIS A 1 93  ? -16.445 -7.958  8.511   1.00 17.68 ? 221 HIS A CA  1 
ATOM   702  C C   . HIS A 1 93  ? -15.713 -9.028  7.685   1.00 19.35 ? 221 HIS A C   1 
ATOM   703  O O   . HIS A 1 93  ? -15.642 -8.936  6.456   1.00 17.89 ? 221 HIS A O   1 
ATOM   704  C CB  . HIS A 1 93  ? -15.797 -6.590  8.350   1.00 17.96 ? 221 HIS A CB  1 
ATOM   705  C CG  . HIS A 1 93  ? -16.709 -5.457  8.714   1.00 17.12 ? 221 HIS A CG  1 
ATOM   706  N ND1 . HIS A 1 93  ? -17.699 -5.002  7.871   1.00 18.38 ? 221 HIS A ND1 1 
ATOM   707  C CD2 . HIS A 1 93  ? -16.788 -4.695  9.830   1.00 19.39 ? 221 HIS A CD2 1 
ATOM   708  C CE1 . HIS A 1 93  ? -18.329 -3.991  8.440   1.00 18.59 ? 221 HIS A CE1 1 
ATOM   709  N NE2 . HIS A 1 93  ? -17.795 -3.780  9.629   1.00 18.29 ? 221 HIS A NE2 1 
ATOM   710  N N   . SER A 1 94  ? -15.195 -10.047 8.376   1.00 19.77 ? 222 SER A N   1 
ATOM   711  C CA  . SER A 1 94  ? -14.603 -11.197 7.694   1.00 21.13 ? 222 SER A CA  1 
ATOM   712  C C   . SER A 1 94  ? -15.685 -12.104 7.028   1.00 22.67 ? 222 SER A C   1 
ATOM   713  O O   . SER A 1 94  ? -15.349 -12.937 6.195   1.00 22.68 ? 222 SER A O   1 
ATOM   714  C CB  . SER A 1 94  ? -13.655 -11.967 8.645   1.00 21.15 ? 222 SER A CB  1 
ATOM   715  O OG  . SER A 1 94  ? -14.376 -12.865 9.489   1.00 23.56 ? 222 SER A OG  1 
ATOM   716  N N   . THR A 1 95  ? -16.971 -11.937 7.371   1.00 23.44 ? 223 THR A N   1 
ATOM   717  C CA  . THR A 1 95  ? -18.065 -12.575 6.570   1.00 24.89 ? 223 THR A CA  1 
ATOM   718  C C   . THR A 1 95  ? -19.185 -11.656 6.105   1.00 24.24 ? 223 THR A C   1 
ATOM   719  O O   . THR A 1 95  ? -19.953 -12.011 5.193   1.00 24.22 ? 223 THR A O   1 
ATOM   720  C CB  . THR A 1 95  ? -18.740 -13.767 7.260   1.00 25.88 ? 223 THR A CB  1 
ATOM   721  O OG1 . THR A 1 95  ? -19.399 -13.326 8.459   1.00 28.35 ? 223 THR A OG1 1 
ATOM   722  C CG2 . THR A 1 95  ? -17.718 -14.860 7.563   1.00 25.75 ? 223 THR A CG2 1 
ATOM   723  N N   . VAL A 1 96  ? -19.282 -10.482 6.717   1.00 22.87 ? 224 VAL A N   1 
ATOM   724  C CA  . VAL A 1 96  ? -20.306 -9.545  6.333   1.00 22.63 ? 224 VAL A CA  1 
ATOM   725  C C   . VAL A 1 96  ? -19.633 -8.257  5.858   1.00 22.54 ? 224 VAL A C   1 
ATOM   726  O O   . VAL A 1 96  ? -19.057 -7.541  6.655   1.00 22.55 ? 224 VAL A O   1 
ATOM   727  C CB  . VAL A 1 96  ? -21.275 -9.242  7.508   1.00 21.88 ? 224 VAL A CB  1 
ATOM   728  C CG1 . VAL A 1 96  ? -22.501 -8.477  7.002   1.00 23.61 ? 224 VAL A CG1 1 
ATOM   729  C CG2 . VAL A 1 96  ? -21.712 -10.526 8.221   1.00 22.90 ? 224 VAL A CG2 1 
ATOM   730  N N   . ALA A 1 97  ? -19.722 -7.956  4.565   1.00 23.11 ? 225 ALA A N   1 
ATOM   731  C CA  . ALA A 1 97  ? -19.159 -6.709  4.021   1.00 23.32 ? 225 ALA A CA  1 
ATOM   732  C C   . ALA A 1 97  ? -19.655 -5.480  4.808   1.00 23.44 ? 225 ALA A C   1 
ATOM   733  O O   . ALA A 1 97  ? -18.855 -4.643  5.237   1.00 22.34 ? 225 ALA A O   1 
ATOM   734  C CB  . ALA A 1 97  ? -19.491 -6.583  2.528   1.00 24.56 ? 225 ALA A CB  1 
ATOM   735  N N   . ASP A 1 98  ? -20.976 -5.399  5.010   1.00 23.05 ? 226 ASP A N   1 
ATOM   736  C CA  . ASP A 1 98  ? -21.610 -4.306  5.763   1.00 24.47 ? 226 ASP A CA  1 
ATOM   737  C C   . ASP A 1 98  ? -21.069 -2.919  5.461   1.00 24.55 ? 226 ASP A C   1 
ATOM   738  O O   . ASP A 1 98  ? -20.665 -2.185  6.378   1.00 24.50 ? 226 ASP A O   1 
ATOM   739  C CB  . ASP A 1 98  ? -21.533 -4.564  7.276   1.00 24.30 ? 226 ASP A CB  1 
ATOM   740  C CG  . ASP A 1 98  ? -22.860 -4.939  7.877   1.00 25.88 ? 226 ASP A CG  1 
ATOM   741  O OD1 . ASP A 1 98  ? -23.900 -4.811  7.192   1.00 25.62 ? 226 ASP A OD1 1 
ATOM   742  O OD2 . ASP A 1 98  ? -22.866 -5.341  9.057   1.00 25.52 ? 226 ASP A OD2 1 
ATOM   743  N N   . GLY A 1 99  ? -21.040 -2.573  4.176   1.00 25.07 ? 227 GLY A N   1 
ATOM   744  C CA  . GLY A 1 99  ? -20.457 -1.312  3.743   1.00 24.69 ? 227 GLY A CA  1 
ATOM   745  C C   . GLY A 1 99  ? -19.143 -1.436  2.974   1.00 24.96 ? 227 GLY A C   1 
ATOM   746  O O   . GLY A 1 99  ? -18.884 -0.639  2.061   1.00 25.27 ? 227 GLY A O   1 
ATOM   747  N N   . LEU A 1 100 ? -18.321 -2.435  3.312   1.00 24.07 ? 228 LEU A N   1 
ATOM   748  C CA  . LEU A 1 100 ? -17.025 -2.590  2.646   1.00 23.08 ? 228 LEU A CA  1 
ATOM   749  C C   . LEU A 1 100 ? -17.244 -3.121  1.238   1.00 22.17 ? 228 LEU A C   1 
ATOM   750  O O   . LEU A 1 100 ? -18.197 -3.846  0.993   1.00 22.91 ? 228 LEU A O   1 
ATOM   751  C CB  . LEU A 1 100 ? -16.112 -3.555  3.412   1.00 23.20 ? 228 LEU A CB  1 
ATOM   752  C CG  . LEU A 1 100 ? -15.827 -3.245  4.881   1.00 22.90 ? 228 LEU A CG  1 
ATOM   753  C CD1 . LEU A 1 100 ? -15.021 -4.399  5.475   1.00 21.82 ? 228 LEU A CD1 1 
ATOM   754  C CD2 . LEU A 1 100 ? -15.096 -1.906  5.034   1.00 23.38 ? 228 LEU A CD2 1 
ATOM   755  N N   . ILE A 1 101 ? -16.365 -2.759  0.320   1.00 21.29 ? 229 ILE A N   1 
ATOM   756  C CA  . ILE A 1 101 ? -16.426 -3.272  -1.060  1.00 21.14 ? 229 ILE A CA  1 
ATOM   757  C C   . ILE A 1 101 ? -16.481 -4.818  -1.131  1.00 21.07 ? 229 ILE A C   1 
ATOM   758  O O   . ILE A 1 101 ? -17.072 -5.398  -2.052  1.00 20.42 ? 229 ILE A O   1 
ATOM   759  C CB  . ILE A 1 101 ? -15.253 -2.703  -1.910  1.00 20.95 ? 229 ILE A CB  1 
ATOM   760  C CG1 . ILE A 1 101 ? -15.396 -3.060  -3.395  1.00 23.43 ? 229 ILE A CG1 1 
ATOM   761  C CG2 . ILE A 1 101 ? -13.876 -3.137  -1.378  1.00 20.26 ? 229 ILE A CG2 1 
ATOM   762  C CD1 . ILE A 1 101 ? -16.309 -2.136  -4.160  1.00 26.91 ? 229 ILE A CD1 1 
ATOM   763  N N   . THR A 1 102 ? -15.862 -5.475  -0.151  1.00 21.50 ? 230 THR A N   1 
ATOM   764  C CA  . THR A 1 102 ? -15.841 -6.947  -0.058  1.00 21.12 ? 230 THR A CA  1 
ATOM   765  C C   . THR A 1 102 ? -15.511 -7.341  1.400   1.00 21.90 ? 230 THR A C   1 
ATOM   766  O O   . THR A 1 102 ? -15.279 -6.483  2.238   1.00 22.09 ? 230 THR A O   1 
ATOM   767  C CB  . THR A 1 102 ? -14.826 -7.570  -1.043  1.00 21.43 ? 230 THR A CB  1 
ATOM   768  O OG1 . THR A 1 102 ? -15.131 -8.948  -1.235  1.00 22.59 ? 230 THR A OG1 1 
ATOM   769  C CG2 . THR A 1 102 ? -13.403 -7.479  -0.508  1.00 22.23 ? 230 THR A CG2 1 
ATOM   770  N N   . THR A 1 103 ? -15.513 -8.635  1.698   1.00 21.90 ? 231 THR A N   1 
ATOM   771  C CA  . THR A 1 103 ? -15.211 -9.127  3.053   1.00 21.49 ? 231 THR A CA  1 
ATOM   772  C C   . THR A 1 103 ? -13.700 -9.248  3.332   1.00 19.75 ? 231 THR A C   1 
ATOM   773  O O   . THR A 1 103 ? -12.891 -9.386  2.404   1.00 19.97 ? 231 THR A O   1 
ATOM   774  C CB  . THR A 1 103 ? -15.889 -10.497 3.260   1.00 22.62 ? 231 THR A CB  1 
ATOM   775  O OG1 . THR A 1 103 ? -15.557 -11.340 2.144   1.00 24.43 ? 231 THR A OG1 1 
ATOM   776  C CG2 . THR A 1 103 ? -17.406 -10.341 3.289   1.00 22.85 ? 231 THR A CG2 1 
ATOM   777  N N   . LEU A 1 104 ? -13.328 -9.231  4.617   1.00 17.85 ? 232 LEU A N   1 
ATOM   778  C CA  . LEU A 1 104 ? -11.937 -9.228  5.037   1.00 17.50 ? 232 LEU A CA  1 
ATOM   779  C C   . LEU A 1 104 ? -11.502 -10.669 5.178   1.00 18.49 ? 232 LEU A C   1 
ATOM   780  O O   . LEU A 1 104 ? -11.725 -11.290 6.213   1.00 19.58 ? 232 LEU A O   1 
ATOM   781  C CB  . LEU A 1 104 ? -11.786 -8.526  6.386   1.00 17.26 ? 232 LEU A CB  1 
ATOM   782  C CG  . LEU A 1 104 ? -12.273 -7.076  6.471   1.00 16.78 ? 232 LEU A CG  1 
ATOM   783  C CD1 . LEU A 1 104 ? -12.068 -6.546  7.900   1.00 18.51 ? 232 LEU A CD1 1 
ATOM   784  C CD2 . LEU A 1 104 ? -11.585 -6.182  5.416   1.00 20.19 ? 232 LEU A CD2 1 
ATOM   785  N N   . HIS A 1 105 ? -10.887 -11.191 4.138   1.00 18.10 ? 233 HIS A N   1 
ATOM   786  C CA  . HIS A 1 105 ? -10.695 -12.619 4.046   1.00 18.40 ? 233 HIS A CA  1 
ATOM   787  C C   . HIS A 1 105 ? -9.278  -13.150 4.253   1.00 18.49 ? 233 HIS A C   1 
ATOM   788  O O   . HIS A 1 105 ? -9.130  -14.270 4.796   1.00 18.97 ? 233 HIS A O   1 
ATOM   789  C CB  . HIS A 1 105 ? -11.247 -13.084 2.708   1.00 18.55 ? 233 HIS A CB  1 
ATOM   790  C CG  . HIS A 1 105 ? -12.671 -13.525 2.792   1.00 18.81 ? 233 HIS A CG  1 
ATOM   791  N ND1 . HIS A 1 105 ? -13.284 -14.257 1.798   1.00 22.28 ? 233 HIS A ND1 1 
ATOM   792  C CD2 . HIS A 1 105 ? -13.593 -13.371 3.770   1.00 20.69 ? 233 HIS A CD2 1 
ATOM   793  C CE1 . HIS A 1 105 ? -14.528 -14.520 2.154   1.00 22.86 ? 233 HIS A CE1 1 
ATOM   794  N NE2 . HIS A 1 105 ? -14.744 -13.986 3.342   1.00 22.99 ? 233 HIS A NE2 1 
ATOM   795  N N   . TYR A 1 106 ? -8.271  -12.397 3.792   1.00 17.80 ? 234 TYR A N   1 
ATOM   796  C CA  . TYR A 1 106 ? -6.868  -12.850 3.817   1.00 18.27 ? 234 TYR A CA  1 
ATOM   797  C C   . TYR A 1 106 ? -5.905  -11.817 4.394   1.00 18.34 ? 234 TYR A C   1 
ATOM   798  O O   . TYR A 1 106 ? -5.477  -10.874 3.690   1.00 18.42 ? 234 TYR A O   1 
ATOM   799  C CB  . TYR A 1 106 ? -6.408  -13.265 2.414   1.00 17.53 ? 234 TYR A CB  1 
ATOM   800  C CG  . TYR A 1 106 ? -7.349  -14.239 1.765   1.00 17.57 ? 234 TYR A CG  1 
ATOM   801  C CD1 . TYR A 1 106 ? -7.387  -15.575 2.172   1.00 14.93 ? 234 TYR A CD1 1 
ATOM   802  C CD2 . TYR A 1 106 ? -8.206  -13.835 0.743   1.00 18.47 ? 234 TYR A CD2 1 
ATOM   803  C CE1 . TYR A 1 106 ? -8.282  -16.488 1.576   1.00 18.50 ? 234 TYR A CE1 1 
ATOM   804  C CE2 . TYR A 1 106 ? -9.097  -14.727 0.157   1.00 20.70 ? 234 TYR A CE2 1 
ATOM   805  C CZ  . TYR A 1 106 ? -9.129  -16.052 0.579   1.00 19.82 ? 234 TYR A CZ  1 
ATOM   806  O OH  . TYR A 1 106 ? -10.014 -16.922 -0.007  1.00 20.51 ? 234 TYR A OH  1 
ATOM   807  N N   . PRO A 1 107 ? -5.563  -11.969 5.685   1.00 17.86 ? 235 PRO A N   1 
ATOM   808  C CA  . PRO A 1 107 ? -4.616  -11.054 6.298   1.00 18.09 ? 235 PRO A CA  1 
ATOM   809  C C   . PRO A 1 107 ? -3.314  -10.989 5.492   1.00 18.47 ? 235 PRO A C   1 
ATOM   810  O O   . PRO A 1 107 ? -2.759  -12.008 5.118   1.00 17.67 ? 235 PRO A O   1 
ATOM   811  C CB  . PRO A 1 107 ? -4.351  -11.669 7.683   1.00 17.79 ? 235 PRO A CB  1 
ATOM   812  C CG  . PRO A 1 107 ? -5.537  -12.502 7.969   1.00 17.64 ? 235 PRO A CG  1 
ATOM   813  C CD  . PRO A 1 107 ? -6.104  -12.955 6.637   1.00 17.82 ? 235 PRO A CD  1 
ATOM   814  N N   . ALA A 1 108 ? -2.873  -9.778  5.187   1.00 19.07 ? 236 ALA A N   1 
ATOM   815  C CA  . ALA A 1 108 ? -1.657  -9.582  4.426   1.00 20.08 ? 236 ALA A CA  1 
ATOM   816  C C   . ALA A 1 108 ? -0.454  -10.077 5.256   1.00 21.38 ? 236 ALA A C   1 
ATOM   817  O O   . ALA A 1 108 ? -0.406  -9.835  6.465   1.00 20.10 ? 236 ALA A O   1 
ATOM   818  C CB  . ALA A 1 108 ? -1.516  -8.085  4.063   1.00 20.64 ? 236 ALA A CB  1 
ATOM   819  N N   . PRO A 1 109 ? 0.469   -10.834 4.623   1.00 23.25 ? 237 PRO A N   1 
ATOM   820  C CA  . PRO A 1 109 ? 1.701   -11.266 5.276   1.00 24.52 ? 237 PRO A CA  1 
ATOM   821  C C   . PRO A 1 109 ? 2.524   -10.052 5.730   1.00 25.01 ? 237 PRO A C   1 
ATOM   822  O O   . PRO A 1 109 ? 2.595   -9.046  5.016   1.00 25.56 ? 237 PRO A O   1 
ATOM   823  C CB  . PRO A 1 109 ? 2.432   -12.046 4.162   1.00 25.16 ? 237 PRO A CB  1 
ATOM   824  C CG  . PRO A 1 109 ? 1.301   -12.553 3.265   1.00 24.77 ? 237 PRO A CG  1 
ATOM   825  C CD  . PRO A 1 109 ? 0.375   -11.356 3.237   1.00 23.69 ? 237 PRO A CD  1 
ATOM   826  N N   . LYS A 1 110 ? 3.070   -10.129 6.937   1.00 25.59 ? 238 LYS A N   1 
ATOM   827  C CA  . LYS A 1 110 ? 3.905   -9.063  7.483   1.00 26.24 ? 238 LYS A CA  1 
ATOM   828  C C   . LYS A 1 110 ? 5.300   -9.135  6.909   1.00 26.71 ? 238 LYS A C   1 
ATOM   829  O O   . LYS A 1 110 ? 5.839   -10.230 6.735   1.00 26.60 ? 238 LYS A O   1 
ATOM   830  C CB  . LYS A 1 110 ? 3.951   -9.122  9.000   1.00 25.99 ? 238 LYS A CB  1 
ATOM   831  C CG  . LYS A 1 110 ? 2.613   -8.726  9.586   1.00 26.33 ? 238 LYS A CG  1 
ATOM   832  C CD  . LYS A 1 110 ? 2.515   -9.037  11.040  1.00 25.02 ? 238 LYS A CD  1 
ATOM   833  C CE  . LYS A 1 110 ? 1.231   -8.476  11.565  1.00 24.16 ? 238 LYS A CE  1 
ATOM   834  N NZ  . LYS A 1 110 ? 1.119   -8.554  13.032  1.00 19.55 ? 238 LYS A NZ  1 
ATOM   835  N N   . ARG A 1 111 ? 5.843   -7.966  6.572   1.00 26.57 ? 239 ARG A N   1 
ATOM   836  C CA  . ARG A 1 111 ? 7.167   -7.858  5.970   1.00 26.58 ? 239 ARG A CA  1 
ATOM   837  C C   . ARG A 1 111 ? 8.141   -7.280  7.005   1.00 26.86 ? 239 ARG A C   1 
ATOM   838  O O   . ARG A 1 111 ? 7.732   -6.601  7.960   1.00 26.03 ? 239 ARG A O   1 
ATOM   839  C CB  . ARG A 1 111 ? 7.121   -6.981  4.704   1.00 27.14 ? 239 ARG A CB  1 
ATOM   840  C CG  . ARG A 1 111 ? 6.238   -7.539  3.560   1.00 27.62 ? 239 ARG A CG  1 
ATOM   841  C CD  . ARG A 1 111 ? 6.324   -6.747  2.253   1.00 31.34 ? 239 ARG A CD  1 
ATOM   842  N NE  . ARG A 1 111 ? 5.287   -7.210  1.323   1.00 32.28 ? 239 ARG A NE  1 
ATOM   843  C CZ  . ARG A 1 111 ? 5.332   -7.119  -0.007  1.00 33.92 ? 239 ARG A CZ  1 
ATOM   844  N NH1 . ARG A 1 111 ? 6.371   -6.569  -0.615  1.00 33.96 ? 239 ARG A NH1 1 
ATOM   845  N NH2 . ARG A 1 111 ? 4.320   -7.587  -0.738  1.00 33.98 ? 239 ARG A NH2 1 
ATOM   846  N N   . ASN A 1 112 ? 9.431   -7.530  6.822   1.00 26.94 ? 240 ASN A N   1 
ATOM   847  C CA  . ASN A 1 112 ? 10.428  -6.891  7.666   1.00 27.60 ? 240 ASN A CA  1 
ATOM   848  C C   . ASN A 1 112 ? 10.393  -5.386  7.446   1.00 27.14 ? 240 ASN A C   1 
ATOM   849  O O   . ASN A 1 112 ? 10.258  -4.949  6.313   1.00 26.49 ? 240 ASN A O   1 
ATOM   850  C CB  . ASN A 1 112 ? 11.819  -7.436  7.335   1.00 28.28 ? 240 ASN A CB  1 
ATOM   851  C CG  . ASN A 1 112 ? 11.936  -8.934  7.640   1.00 31.33 ? 240 ASN A CG  1 
ATOM   852  O OD1 . ASN A 1 112 ? 11.402  -9.406  8.642   1.00 33.90 ? 240 ASN A OD1 1 
ATOM   853  N ND2 . ASN A 1 112 ? 12.612  -9.676  6.771   1.00 33.88 ? 240 ASN A ND2 1 
ATOM   854  N N   . LYS A 1 113 ? 10.478  -4.597  8.518   1.00 27.07 ? 241 LYS A N   1 
ATOM   855  C CA  . LYS A 1 113 ? 10.461  -3.130  8.345   1.00 27.80 ? 241 LYS A CA  1 
ATOM   856  C C   . LYS A 1 113 ? 11.618  -2.641  7.428   1.00 27.08 ? 241 LYS A C   1 
ATOM   857  O O   . LYS A 1 113 ? 12.704  -3.260  7.383   1.00 26.86 ? 241 LYS A O   1 
ATOM   858  C CB  . LYS A 1 113 ? 10.377  -2.370  9.693   1.00 28.41 ? 241 LYS A CB  1 
ATOM   859  C CG  . LYS A 1 113 ? 11.658  -2.373  10.476  1.00 31.37 ? 241 LYS A CG  1 
ATOM   860  C CD  . LYS A 1 113 ? 11.724  -1.276  11.545  1.00 36.53 ? 241 LYS A CD  1 
ATOM   861  C CE  . LYS A 1 113 ? 12.826  -1.633  12.565  1.00 36.97 ? 241 LYS A CE  1 
ATOM   862  N NZ  . LYS A 1 113 ? 13.553  -0.475  13.157  1.00 38.80 ? 241 LYS A NZ  1 
ATOM   863  N N   . PRO A 1 114 ? 11.378  -1.561  6.651   1.00 26.66 ? 242 PRO A N   1 
ATOM   864  C CA  . PRO A 1 114 ? 12.408  -1.181  5.696   1.00 26.09 ? 242 PRO A CA  1 
ATOM   865  C C   . PRO A 1 114 ? 13.691  -0.688  6.367   1.00 25.57 ? 242 PRO A C   1 
ATOM   866  O O   . PRO A 1 114 ? 13.687  -0.303  7.541   1.00 24.82 ? 242 PRO A O   1 
ATOM   867  C CB  . PRO A 1 114 ? 11.751  -0.036  4.893   1.00 26.24 ? 242 PRO A CB  1 
ATOM   868  C CG  . PRO A 1 114 ? 10.286  -0.207  5.129   1.00 26.60 ? 242 PRO A CG  1 
ATOM   869  C CD  . PRO A 1 114 ? 10.174  -0.722  6.516   1.00 26.60 ? 242 PRO A CD  1 
ATOM   870  N N   . THR A 1 115 ? 14.777  -0.710  5.607   1.00 25.37 ? 243 THR A N   1 
ATOM   871  C CA  . THR A 1 115 ? 16.024  -0.098  6.036   1.00 25.72 ? 243 THR A CA  1 
ATOM   872  C C   . THR A 1 115 ? 16.392  0.947   4.976   1.00 25.95 ? 243 THR A C   1 
ATOM   873  O O   . THR A 1 115 ? 15.664  1.120   4.011   1.00 25.79 ? 243 THR A O   1 
ATOM   874  C CB  . THR A 1 115 ? 17.154  -1.139  6.204   1.00 25.92 ? 243 THR A CB  1 
ATOM   875  O OG1 . THR A 1 115 ? 17.604  -1.571  4.919   1.00 25.74 ? 243 THR A OG1 1 
ATOM   876  C CG2 . THR A 1 115 ? 16.685  -2.370  7.048   1.00 24.73 ? 243 THR A CG2 1 
ATOM   877  N N   . VAL A 1 116 ? 17.523  1.627   5.127   1.00 27.04 ? 244 VAL A N   1 
ATOM   878  C CA  . VAL A 1 116 ? 17.950  2.567   4.080   1.00 28.06 ? 244 VAL A CA  1 
ATOM   879  C C   . VAL A 1 116 ? 18.149  1.874   2.719   1.00 28.63 ? 244 VAL A C   1 
ATOM   880  O O   . VAL A 1 116 ? 18.033  2.511   1.666   1.00 28.75 ? 244 VAL A O   1 
ATOM   881  C CB  . VAL A 1 116 ? 19.203  3.411   4.474   1.00 29.07 ? 244 VAL A CB  1 
ATOM   882  C CG1 . VAL A 1 116 ? 18.934  4.209   5.748   1.00 29.13 ? 244 VAL A CG1 1 
ATOM   883  C CG2 . VAL A 1 116 ? 20.442  2.550   4.628   1.00 28.26 ? 244 VAL A CG2 1 
ATOM   884  N N   . TYR A 1 117 ? 18.410  0.560   2.766   1.00 28.83 ? 245 TYR A N   1 
ATOM   885  C CA  . TYR A 1 117 ? 18.650  -0.271  1.567   1.00 29.04 ? 245 TYR A CA  1 
ATOM   886  C C   . TYR A 1 117 ? 17.373  -0.734  0.882   1.00 29.37 ? 245 TYR A C   1 
ATOM   887  O O   . TYR A 1 117 ? 17.426  -1.367  -0.189  1.00 29.88 ? 245 TYR A O   1 
ATOM   888  C CB  . TYR A 1 117 ? 19.529  -1.461  1.925   1.00 29.10 ? 245 TYR A CB  1 
ATOM   889  C CG  . TYR A 1 117 ? 20.862  -0.979  2.408   1.00 29.73 ? 245 TYR A CG  1 
ATOM   890  C CD1 . TYR A 1 117 ? 21.103  -0.803  3.769   1.00 31.32 ? 245 TYR A CD1 1 
ATOM   891  C CD2 . TYR A 1 117 ? 21.850  -0.605  1.500   1.00 29.44 ? 245 TYR A CD2 1 
ATOM   892  C CE1 . TYR A 1 117 ? 22.329  -0.318  4.215   1.00 33.64 ? 245 TYR A CE1 1 
ATOM   893  C CE2 . TYR A 1 117 ? 23.076  -0.129  1.931   1.00 31.37 ? 245 TYR A CE2 1 
ATOM   894  C CZ  . TYR A 1 117 ? 23.310  0.017   3.292   1.00 33.10 ? 245 TYR A CZ  1 
ATOM   895  O OH  . TYR A 1 117 ? 24.513  0.505   3.729   1.00 33.08 ? 245 TYR A OH  1 
ATOM   896  N N   . GLY A 1 118 ? 16.234  -0.407  1.486   1.00 28.87 ? 246 GLY A N   1 
ATOM   897  C CA  . GLY A 1 118 ? 14.948  -0.669  0.876   1.00 29.07 ? 246 GLY A CA  1 
ATOM   898  C C   . GLY A 1 118 ? 14.153  -1.717  1.612   1.00 29.97 ? 246 GLY A C   1 
ATOM   899  O O   . GLY A 1 118 ? 14.236  -1.838  2.836   1.00 29.11 ? 246 GLY A O   1 
ATOM   900  N N   . VAL A 1 119 ? 13.403  -2.492  0.834   1.00 30.72 ? 247 VAL A N   1 
ATOM   901  C CA  . VAL A 1 119 ? 12.397  -3.399  1.342   1.00 31.84 ? 247 VAL A CA  1 
ATOM   902  C C   . VAL A 1 119 ? 12.115  -4.431  0.244   1.00 32.18 ? 247 VAL A C   1 
ATOM   903  O O   . VAL A 1 119 ? 12.441  -4.197  -0.941  1.00 32.56 ? 247 VAL A O   1 
ATOM   904  C CB  . VAL A 1 119 ? 11.103  -2.629  1.712   1.00 31.85 ? 247 VAL A CB  1 
ATOM   905  C CG1 . VAL A 1 119 ? 10.466  -1.973  0.464   1.00 32.80 ? 247 VAL A CG1 1 
ATOM   906  C CG2 . VAL A 1 119 ? 10.136  -3.534  2.418   1.00 33.16 ? 247 VAL A CG2 1 
ATOM   907  N N   . SER B 2 2   ? -7.208  16.565  -8.478  1.00 43.30 ? 3   SER D N   1 
ATOM   908  C CA  . SER B 2 2   ? -5.799  16.189  -8.813  1.00 43.01 ? 3   SER D CA  1 
ATOM   909  C C   . SER B 2 2   ? -4.933  16.020  -7.563  1.00 42.59 ? 3   SER D C   1 
ATOM   910  O O   . SER B 2 2   ? -4.620  16.973  -6.810  1.00 41.41 ? 3   SER D O   1 
ATOM   911  C CB  . SER B 2 2   ? -5.152  17.152  -9.814  1.00 43.29 ? 3   SER D CB  1 
ATOM   912  O OG  . SER B 2 2   ? -4.110  16.489  -10.531 1.00 44.54 ? 3   SER D OG  1 
ATOM   913  N N   . VAL B 2 3   ? -4.575  14.762  -7.348  1.00 41.50 ? 4   VAL D N   1 
ATOM   914  C CA  . VAL B 2 3   ? -3.821  14.362  -6.187  1.00 40.74 ? 4   VAL D CA  1 
ATOM   915  C C   . VAL B 2 3   ? -2.356  14.576  -6.525  1.00 39.47 ? 4   VAL D C   1 
ATOM   916  O O   . VAL B 2 3   ? -1.925  14.337  -7.662  1.00 40.42 ? 4   VAL D O   1 
ATOM   917  C CB  . VAL B 2 3   ? -4.085  12.874  -5.843  1.00 40.86 ? 4   VAL D CB  1 
ATOM   918  C CG1 . VAL B 2 3   ? -3.519  12.531  -4.479  1.00 41.25 ? 4   VAL D CG1 1 
ATOM   919  C CG2 . VAL B 2 3   ? -5.582  12.558  -5.890  1.00 41.46 ? 4   VAL D CG2 1 
ATOM   920  N N   . SER B 2 4   ? -1.592  15.052  -5.557  1.00 37.52 ? 5   SER D N   1 
ATOM   921  C CA  . SER B 2 4   ? -0.162  15.083  -5.734  1.00 35.70 ? 5   SER D CA  1 
ATOM   922  C C   . SER B 2 4   ? 0.376   13.676  -5.505  1.00 33.54 ? 5   SER D C   1 
ATOM   923  O O   . SER B 2 4   ? -0.385  12.706  -5.318  1.00 33.54 ? 5   SER D O   1 
ATOM   924  C CB  . SER B 2 4   ? 0.499   16.093  -4.796  1.00 36.04 ? 5   SER D CB  1 
ATOM   925  O OG  . SER B 2 4   ? -0.038  15.988  -3.493  1.00 38.47 ? 5   SER D OG  1 
ATOM   926  N N   . SER B 2 5   ? 1.690   13.566  -5.557  1.00 30.85 ? 6   SER D N   1 
ATOM   927  C CA  . SER B 2 5   ? 2.354   12.291  -5.384  1.00 28.08 ? 6   SER D CA  1 
ATOM   928  C C   . SER B 2 5   ? 3.815   12.602  -5.122  1.00 26.62 ? 6   SER D C   1 
ATOM   929  O O   . SER B 2 5   ? 4.270   13.726  -5.373  1.00 25.96 ? 6   SER D O   1 
ATOM   930  C CB  . SER B 2 5   ? 2.199   11.449  -6.668  1.00 27.87 ? 6   SER D CB  1 
ATOM   931  O OG  . SER B 2 5   ? 2.864   12.077  -7.753  1.00 25.81 ? 6   SER D OG  1 
ATOM   932  N N   . VAL B 2 6   ? 4.560   11.628  -4.607  1.00 24.84 ? 7   VAL D N   1 
ATOM   933  C CA  . VAL B 2 6   ? 6.023   11.723  -4.643  1.00 23.76 ? 7   VAL D CA  1 
ATOM   934  C C   . VAL B 2 6   ? 6.503   10.336  -5.050  1.00 23.37 ? 7   VAL D C   1 
ATOM   935  O O   . VAL B 2 6   ? 6.147   9.371   -4.378  1.00 23.27 ? 7   VAL D O   1 
ATOM   936  C CB  . VAL B 2 6   ? 6.645   12.110  -3.299  1.00 23.63 ? 7   VAL D CB  1 
ATOM   937  C CG1 . VAL B 2 6   ? 8.183   12.047  -3.387  1.00 22.39 ? 7   VAL D CG1 1 
ATOM   938  C CG2 . VAL B 2 6   ? 6.187   13.509  -2.871  1.00 23.48 ? 7   VAL D CG2 1 
ATOM   939  N N   . PRO B 2 7   ? 7.293   10.230  -6.142  1.00 23.58 ? 8   PRO D N   1 
ATOM   940  C CA  . PRO B 2 7   ? 7.812   11.322  -6.998  1.00 23.57 ? 8   PRO D CA  1 
ATOM   941  C C   . PRO B 2 7   ? 6.722   11.869  -7.932  1.00 24.21 ? 8   PRO D C   1 
ATOM   942  O O   . PRO B 2 7   ? 5.576   11.402  -7.867  1.00 22.95 ? 8   PRO D O   1 
ATOM   943  C CB  . PRO B 2 7   ? 8.938   10.640  -7.784  1.00 23.74 ? 8   PRO D CB  1 
ATOM   944  C CG  . PRO B 2 7   ? 8.516   9.236   -7.895  1.00 23.48 ? 8   PRO D CG  1 
ATOM   945  C CD  . PRO B 2 7   ? 7.700   8.904   -6.651  1.00 23.67 ? 8   PRO D CD  1 
ATOM   946  N N   . THR B 2 8   ? 7.044   12.858  -8.767  1.00 25.88 ? 9   THR D N   1 
ATOM   947  C CA  . THR B 2 8   ? 5.970   13.510  -9.542  1.00 27.99 ? 9   THR D CA  1 
ATOM   948  C C   . THR B 2 8   ? 5.911   13.257  -11.036 1.00 29.26 ? 9   THR D C   1 
ATOM   949  O O   . THR B 2 8   ? 4.832   13.087  -11.597 1.00 31.96 ? 9   THR D O   1 
ATOM   950  C CB  . THR B 2 8   ? 5.922   15.052  -9.342  1.00 28.01 ? 9   THR D CB  1 
ATOM   951  O OG1 . THR B 2 8   ? 7.236   15.598  -9.446  1.00 28.51 ? 9   THR D OG1 1 
ATOM   952  C CG2 . THR B 2 8   ? 5.332   15.402  -7.996  1.00 27.79 ? 9   THR D CG2 1 
ATOM   953  N N   . LYS B 2 9   ? 7.012   13.259  -11.742 1.00 30.03 ? 10  LYS D N   1 
ATOM   954  C CA  . LYS B 2 9   ? 6.788   13.369  -13.186 1.00 30.05 ? 10  LYS D CA  1 
ATOM   955  C C   . LYS B 2 9   ? 7.184   12.091  -13.881 1.00 28.93 ? 10  LYS D C   1 
ATOM   956  O O   . LYS B 2 9   ? 8.189   12.075  -14.591 1.00 28.87 ? 10  LYS D O   1 
ATOM   957  C CB  . LYS B 2 9   ? 7.557   14.560  -13.745 1.00 29.95 ? 10  LYS D CB  1 
ATOM   958  C CG  . LYS B 2 9   ? 6.789   15.338  -14.765 1.00 33.59 ? 10  LYS D CG  1 
ATOM   959  C CD  . LYS B 2 9   ? 6.929   16.844  -14.482 1.00 37.92 ? 10  LYS D CD  1 
ATOM   960  C CE  . LYS B 2 9   ? 5.909   17.674  -15.272 1.00 41.13 ? 10  LYS D CE  1 
ATOM   961  N NZ  . LYS B 2 9   ? 5.886   19.112  -14.859 1.00 41.58 ? 10  LYS D NZ  1 
ATOM   962  N N   . LEU B 2 10  ? 6.400   11.029  -13.656 1.00 27.59 ? 11  LEU D N   1 
ATOM   963  C CA  . LEU B 2 10  ? 6.790   9.680   -14.086 1.00 26.00 ? 11  LEU D CA  1 
ATOM   964  C C   . LEU B 2 10  ? 6.500   9.473   -15.560 1.00 26.22 ? 11  LEU D C   1 
ATOM   965  O O   . LEU B 2 10  ? 5.382   9.698   -16.035 1.00 25.60 ? 11  LEU D O   1 
ATOM   966  C CB  . LEU B 2 10  ? 6.109   8.588   -13.247 1.00 25.30 ? 11  LEU D CB  1 
ATOM   967  C CG  . LEU B 2 10  ? 6.364   7.105   -13.573 1.00 23.28 ? 11  LEU D CG  1 
ATOM   968  C CD1 . LEU B 2 10  ? 7.847   6.701   -13.349 1.00 23.97 ? 11  LEU D CD1 1 
ATOM   969  C CD2 . LEU B 2 10  ? 5.434   6.193   -12.767 1.00 22.90 ? 11  LEU D CD2 1 
ATOM   970  N N   . GLU B 2 11  ? 7.519   9.046   -16.289 1.00 25.64 ? 12  GLU D N   1 
ATOM   971  C CA  . GLU B 2 11  ? 7.355   8.838   -17.724 1.00 26.08 ? 12  GLU D CA  1 
ATOM   972  C C   . GLU B 2 11  ? 8.313   7.789   -18.241 1.00 25.60 ? 12  GLU D C   1 
ATOM   973  O O   . GLU B 2 11  ? 9.319   7.472   -17.607 1.00 25.35 ? 12  GLU D O   1 
ATOM   974  C CB  . GLU B 2 11  ? 7.557   10.146  -18.495 1.00 26.27 ? 12  GLU D CB  1 
ATOM   975  C CG  . GLU B 2 11  ? 8.974   10.679  -18.434 1.00 29.49 ? 12  GLU D CG  1 
ATOM   976  C CD  . GLU B 2 11  ? 9.060   12.116  -18.915 1.00 34.98 ? 12  GLU D CD  1 
ATOM   977  O OE1 . GLU B 2 11  ? 8.594   12.398  -20.048 1.00 36.78 ? 12  GLU D OE1 1 
ATOM   978  O OE2 . GLU B 2 11  ? 9.573   12.962  -18.152 1.00 37.52 ? 12  GLU D OE2 1 
ATOM   979  N N   . VAL B 2 12  ? 7.963   7.232   -19.390 1.00 25.73 ? 13  VAL D N   1 
ATOM   980  C CA  . VAL B 2 12  ? 8.855   6.293   -20.067 1.00 25.03 ? 13  VAL D CA  1 
ATOM   981  C C   . VAL B 2 12  ? 9.718   7.185   -20.934 1.00 25.29 ? 13  VAL D C   1 
ATOM   982  O O   . VAL B 2 12  ? 9.199   7.943   -21.773 1.00 25.44 ? 13  VAL D O   1 
ATOM   983  C CB  . VAL B 2 12  ? 8.096   5.242   -20.924 1.00 25.05 ? 13  VAL D CB  1 
ATOM   984  C CG1 . VAL B 2 12  ? 9.092   4.466   -21.800 1.00 23.01 ? 13  VAL D CG1 1 
ATOM   985  C CG2 . VAL B 2 12  ? 7.335   4.270   -20.043 1.00 24.68 ? 13  VAL D CG2 1 
ATOM   986  N N   . VAL B 2 13  ? 11.016  7.111   -20.698 1.00 24.82 ? 14  VAL D N   1 
ATOM   987  C CA  . VAL B 2 13  ? 12.016  7.867   -21.449 1.00 26.23 ? 14  VAL D CA  1 
ATOM   988  C C   . VAL B 2 13  ? 12.412  7.097   -22.715 1.00 25.50 ? 14  VAL D C   1 
ATOM   989  O O   . VAL B 2 13  ? 12.648  7.703   -23.758 1.00 25.63 ? 14  VAL D O   1 
ATOM   990  C CB  . VAL B 2 13  ? 13.264  8.140   -20.575 1.00 26.33 ? 14  VAL D CB  1 
ATOM   991  C CG1 . VAL B 2 13  ? 14.473  8.558   -21.424 1.00 29.67 ? 14  VAL D CG1 1 
ATOM   992  C CG2 . VAL B 2 13  ? 12.952  9.243   -19.570 1.00 28.27 ? 14  VAL D CG2 1 
ATOM   993  N N   . ALA B 2 14  ? 12.499  5.768   -22.611 1.00 24.51 ? 15  ALA D N   1 
ATOM   994  C CA  . ALA B 2 14  ? 12.775  4.917   -23.786 1.00 23.92 ? 15  ALA D CA  1 
ATOM   995  C C   . ALA B 2 14  ? 12.080  3.577   -23.638 1.00 23.49 ? 15  ALA D C   1 
ATOM   996  O O   . ALA B 2 14  ? 11.986  3.041   -22.539 1.00 22.29 ? 15  ALA D O   1 
ATOM   997  C CB  . ALA B 2 14  ? 14.291  4.722   -23.980 1.00 23.91 ? 15  ALA D CB  1 
ATOM   998  N N   . ALA B 2 15  ? 11.622  3.019   -24.754 1.00 23.17 ? 16  ALA D N   1 
ATOM   999  C CA  . ALA B 2 15  ? 10.980  1.705   -24.714 1.00 22.62 ? 16  ALA D CA  1 
ATOM   1000 C C   . ALA B 2 15  ? 11.660  0.726   -25.685 1.00 22.44 ? 16  ALA D C   1 
ATOM   1001 O O   . ALA B 2 15  ? 12.176  1.133   -26.726 1.00 22.23 ? 16  ALA D O   1 
ATOM   1002 C CB  . ALA B 2 15  ? 9.505   1.832   -25.031 1.00 21.88 ? 16  ALA D CB  1 
ATOM   1003 N N   . THR B 2 16  ? 11.705  -0.547  -25.300 1.00 22.70 ? 17  THR D N   1 
ATOM   1004 C CA  . THR B 2 16  ? 12.047  -1.626  -26.225 1.00 23.58 ? 17  THR D CA  1 
ATOM   1005 C C   . THR B 2 16  ? 10.969  -2.707  -26.095 1.00 24.30 ? 17  THR D C   1 
ATOM   1006 O O   . THR B 2 16  ? 10.083  -2.592  -25.246 1.00 25.32 ? 17  THR D O   1 
ATOM   1007 C CB  . THR B 2 16  ? 13.395  -2.267  -25.898 1.00 22.96 ? 17  THR D CB  1 
ATOM   1008 O OG1 . THR B 2 16  ? 13.270  -2.985  -24.673 1.00 23.43 ? 17  THR D OG1 1 
ATOM   1009 C CG2 . THR B 2 16  ? 14.501  -1.233  -25.775 1.00 22.41 ? 17  THR D CG2 1 
ATOM   1010 N N   . PRO B 2 17  ? 11.028  -3.766  -26.939 1.00 24.67 ? 18  PRO D N   1 
ATOM   1011 C CA  . PRO B 2 17  ? 10.020  -4.825  -26.807 1.00 24.49 ? 18  PRO D CA  1 
ATOM   1012 C C   . PRO B 2 17  ? 9.972   -5.438  -25.406 1.00 24.04 ? 18  PRO D C   1 
ATOM   1013 O O   . PRO B 2 17  ? 8.901   -5.857  -24.964 1.00 24.25 ? 18  PRO D O   1 
ATOM   1014 C CB  . PRO B 2 17  ? 10.464  -5.868  -27.852 1.00 24.68 ? 18  PRO D CB  1 
ATOM   1015 C CG  . PRO B 2 17  ? 11.145  -5.032  -28.913 1.00 24.71 ? 18  PRO D CG  1 
ATOM   1016 C CD  . PRO B 2 17  ? 11.874  -3.955  -28.133 1.00 24.02 ? 18  PRO D CD  1 
ATOM   1017 N N   . THR B 2 18  ? 11.097  -5.445  -24.702 1.00 23.89 ? 19  THR D N   1 
ATOM   1018 C CA  . THR B 2 18  ? 11.191  -6.132  -23.406 1.00 24.49 ? 19  THR D CA  1 
ATOM   1019 C C   . THR B 2 18  ? 11.530  -5.235  -22.197 1.00 24.09 ? 19  THR D C   1 
ATOM   1020 O O   . THR B 2 18  ? 11.597  -5.722  -21.051 1.00 23.95 ? 19  THR D O   1 
ATOM   1021 C CB  . THR B 2 18  ? 12.221  -7.282  -23.459 1.00 24.99 ? 19  THR D CB  1 
ATOM   1022 O OG1 . THR B 2 18  ? 13.548  -6.752  -23.605 1.00 26.86 ? 19  THR D OG1 1 
ATOM   1023 C CG2 . THR B 2 18  ? 11.897  -8.278  -24.601 1.00 25.91 ? 19  THR D CG2 1 
ATOM   1024 N N   . SER B 2 19  ? 11.763  -3.946  -22.448 1.00 23.76 ? 20  SER D N   1 
ATOM   1025 C CA  . SER B 2 19  ? 12.255  -3.048  -21.407 1.00 23.61 ? 20  SER D CA  1 
ATOM   1026 C C   . SER B 2 19  ? 11.582  -1.703  -21.481 1.00 23.42 ? 20  SER D C   1 
ATOM   1027 O O   . SER B 2 19  ? 11.201  -1.241  -22.550 1.00 23.20 ? 20  SER D O   1 
ATOM   1028 C CB  . SER B 2 19  ? 13.763  -2.796  -21.557 1.00 24.20 ? 20  SER D CB  1 
ATOM   1029 O OG  . SER B 2 19  ? 14.544  -3.960  -21.354 1.00 25.87 ? 20  SER D OG  1 
ATOM   1030 N N   . LEU B 2 20  ? 11.486  -1.057  -20.324 1.00 23.28 ? 21  LEU D N   1 
ATOM   1031 C CA  . LEU B 2 20  ? 11.065  0.341   -20.260 1.00 22.86 ? 21  LEU D CA  1 
ATOM   1032 C C   . LEU B 2 20  ? 12.044  1.073   -19.391 1.00 22.93 ? 21  LEU D C   1 
ATOM   1033 O O   . LEU B 2 20  ? 12.297  0.646   -18.273 1.00 23.04 ? 21  LEU D O   1 
ATOM   1034 C CB  . LEU B 2 20  ? 9.677   0.453   -19.643 1.00 23.01 ? 21  LEU D CB  1 
ATOM   1035 C CG  . LEU B 2 20  ? 8.519   -0.142  -20.436 1.00 23.04 ? 21  LEU D CG  1 
ATOM   1036 C CD1 . LEU B 2 20  ? 7.251   -0.062  -19.587 1.00 23.49 ? 21  LEU D CD1 1 
ATOM   1037 C CD2 . LEU B 2 20  ? 8.344   0.560   -21.795 1.00 23.19 ? 21  LEU D CD2 1 
ATOM   1038 N N   . LEU B 2 21  ? 12.628  2.156   -19.916 1.00 22.90 ? 22  LEU D N   1 
ATOM   1039 C CA  . LEU B 2 21  ? 13.497  2.992   -19.115 1.00 22.37 ? 22  LEU D CA  1 
ATOM   1040 C C   . LEU B 2 21  ? 12.585  4.105   -18.636 1.00 22.48 ? 22  LEU D C   1 
ATOM   1041 O O   . LEU B 2 21  ? 11.964  4.780   -19.447 1.00 21.56 ? 22  LEU D O   1 
ATOM   1042 C CB  . LEU B 2 21  ? 14.639  3.540   -19.979 1.00 23.63 ? 22  LEU D CB  1 
ATOM   1043 C CG  . LEU B 2 21  ? 15.745  2.571   -20.421 1.00 25.25 ? 22  LEU D CG  1 
ATOM   1044 C CD1 . LEU B 2 21  ? 15.283  1.499   -21.455 1.00 27.68 ? 22  LEU D CD1 1 
ATOM   1045 C CD2 . LEU B 2 21  ? 16.905  3.400   -20.992 1.00 28.75 ? 22  LEU D CD2 1 
ATOM   1046 N N   . ILE B 2 22  ? 12.477  4.266   -17.321 1.00 21.91 ? 23  ILE D N   1 
ATOM   1047 C CA  . ILE B 2 22  ? 11.559  5.252   -16.758 1.00 22.71 ? 23  ILE D CA  1 
ATOM   1048 C C   . ILE B 2 22  ? 12.330  6.322   -16.008 1.00 22.91 ? 23  ILE D C   1 
ATOM   1049 O O   . ILE B 2 22  ? 13.458  6.099   -15.596 1.00 22.47 ? 23  ILE D O   1 
ATOM   1050 C CB  . ILE B 2 22  ? 10.486  4.595   -15.824 1.00 22.68 ? 23  ILE D CB  1 
ATOM   1051 C CG1 . ILE B 2 22  ? 11.141  3.811   -14.666 1.00 22.23 ? 23  ILE D CG1 1 
ATOM   1052 C CG2 . ILE B 2 22  ? 9.530   3.714   -16.628 1.00 22.71 ? 23  ILE D CG2 1 
ATOM   1053 C CD1 . ILE B 2 22  ? 10.162  3.391   -13.573 1.00 22.24 ? 23  ILE D CD1 1 
ATOM   1054 N N   . SER B 2 23  ? 11.721  7.488   -15.830 1.00 24.05 ? 24  SER D N   1 
ATOM   1055 C CA  . SER B 2 23  ? 12.334  8.519   -14.993 1.00 25.39 ? 24  SER D CA  1 
ATOM   1056 C C   . SER B 2 23  ? 11.259  9.359   -14.338 1.00 25.28 ? 24  SER D C   1 
ATOM   1057 O O   . SER B 2 23  ? 10.099  9.324   -14.734 1.00 24.28 ? 24  SER D O   1 
ATOM   1058 C CB  . SER B 2 23  ? 13.294  9.408   -15.799 1.00 26.14 ? 24  SER D CB  1 
ATOM   1059 O OG  . SER B 2 23  ? 12.578  10.437  -16.423 1.00 29.75 ? 24  SER D OG  1 
ATOM   1060 N N   . TRP B 2 24  ? 11.653  10.080  -13.296 1.00 25.26 ? 25  TRP D N   1 
ATOM   1061 C CA  . TRP B 2 24  ? 10.712  10.891  -12.548 1.00 24.82 ? 25  TRP D CA  1 
ATOM   1062 C C   . TRP B 2 24  ? 11.450  12.101  -12.025 1.00 25.58 ? 25  TRP D C   1 
ATOM   1063 O O   . TRP B 2 24  ? 12.690  12.159  -12.089 1.00 25.23 ? 25  TRP D O   1 
ATOM   1064 C CB  . TRP B 2 24  ? 10.105  10.068  -11.390 1.00 24.61 ? 25  TRP D CB  1 
ATOM   1065 C CG  . TRP B 2 24  ? 11.120  9.407   -10.454 1.00 22.52 ? 25  TRP D CG  1 
ATOM   1066 C CD1 . TRP B 2 24  ? 11.681  9.951   -9.320  1.00 21.47 ? 25  TRP D CD1 1 
ATOM   1067 C CD2 . TRP B 2 24  ? 11.645  8.077   -10.560 1.00 19.54 ? 25  TRP D CD2 1 
ATOM   1068 N NE1 . TRP B 2 24  ? 12.537  9.044   -8.731  1.00 21.04 ? 25  TRP D NE1 1 
ATOM   1069 C CE2 . TRP B 2 24  ? 12.541  7.891   -9.474  1.00 21.35 ? 25  TRP D CE2 1 
ATOM   1070 C CE3 . TRP B 2 24  ? 11.464  7.033   -11.484 1.00 21.57 ? 25  TRP D CE3 1 
ATOM   1071 C CZ2 . TRP B 2 24  ? 13.228  6.704   -9.267  1.00 21.37 ? 25  TRP D CZ2 1 
ATOM   1072 C CZ3 . TRP B 2 24  ? 12.165  5.845   -11.286 1.00 21.15 ? 25  TRP D CZ3 1 
ATOM   1073 C CH2 . TRP B 2 24  ? 13.053  5.699   -10.187 1.00 22.79 ? 25  TRP D CH2 1 
ATOM   1074 N N   . ASP B 2 25  ? 10.686  13.069  -11.527 1.00 26.78 ? 26  ASP D N   1 
ATOM   1075 C CA  . ASP B 2 25  ? 11.237  14.256  -10.882 1.00 28.70 ? 26  ASP D CA  1 
ATOM   1076 C C   . ASP B 2 25  ? 11.360  14.006  -9.383  1.00 29.01 ? 26  ASP D C   1 
ATOM   1077 O O   . ASP B 2 25  ? 10.405  13.572  -8.740  1.00 29.57 ? 26  ASP D O   1 
ATOM   1078 C CB  . ASP B 2 25  ? 10.340  15.468  -11.136 1.00 28.79 ? 26  ASP D CB  1 
ATOM   1079 C CG  . ASP B 2 25  ? 10.499  16.044  -12.543 1.00 32.24 ? 26  ASP D CG  1 
ATOM   1080 O OD1 . ASP B 2 25  ? 11.397  15.619  -13.289 1.00 32.26 ? 26  ASP D OD1 1 
ATOM   1081 O OD2 . ASP B 2 25  ? 9.720   16.950  -12.895 1.00 35.43 ? 26  ASP D OD2 1 
ATOM   1082 N N   . ALA B 2 26  ? 12.545  14.279  -8.846  1.00 29.52 ? 27  ALA D N   1 
ATOM   1083 C CA  . ALA B 2 26  ? 12.802  14.217  -7.411  1.00 30.02 ? 27  ALA D CA  1 
ATOM   1084 C C   . ALA B 2 26  ? 12.016  15.307  -6.666  1.00 29.64 ? 27  ALA D C   1 
ATOM   1085 O O   . ALA B 2 26  ? 11.868  16.427  -7.188  1.00 29.45 ? 27  ALA D O   1 
ATOM   1086 C CB  . ALA B 2 26  ? 14.308  14.378  -7.154  1.00 30.40 ? 27  ALA D CB  1 
ATOM   1087 N N   . PRO B 2 27  ? 11.509  14.998  -5.449  1.00 29.10 ? 28  PRO D N   1 
ATOM   1088 C CA  . PRO B 2 27  ? 10.842  16.054  -4.675  1.00 28.46 ? 28  PRO D CA  1 
ATOM   1089 C C   . PRO B 2 27  ? 11.854  16.977  -3.992  1.00 27.78 ? 28  PRO D C   1 
ATOM   1090 O O   . PRO B 2 27  ? 13.071  16.745  -4.067  1.00 27.87 ? 28  PRO D O   1 
ATOM   1091 C CB  . PRO B 2 27  ? 10.076  15.260  -3.610  1.00 28.55 ? 28  PRO D CB  1 
ATOM   1092 C CG  . PRO B 2 27  ? 10.974  14.114  -3.342  1.00 29.04 ? 28  PRO D CG  1 
ATOM   1093 C CD  . PRO B 2 27  ? 11.561  13.730  -4.690  1.00 29.19 ? 28  PRO D CD  1 
ATOM   1094 N N   . ALA B 2 28  ? 11.354  18.017  -3.331  1.00 27.00 ? 29  ALA D N   1 
ATOM   1095 C CA  . ALA B 2 28  ? 12.184  18.829  -2.449  1.00 26.29 ? 29  ALA D CA  1 
ATOM   1096 C C   . ALA B 2 28  ? 12.722  18.035  -1.272  1.00 25.60 ? 29  ALA D C   1 
ATOM   1097 O O   . ALA B 2 28  ? 13.828  18.284  -0.817  1.00 25.09 ? 29  ALA D O   1 
ATOM   1098 C CB  . ALA B 2 28  ? 11.409  20.060  -1.954  1.00 27.32 ? 29  ALA D CB  1 
ATOM   1099 N N   . VAL B 2 29  ? 11.948  17.063  -0.778  1.00 24.85 ? 30  VAL D N   1 
ATOM   1100 C CA  . VAL B 2 29  ? 12.324  16.365  0.450   1.00 23.62 ? 30  VAL D CA  1 
ATOM   1101 C C   . VAL B 2 29  ? 13.192  15.153  0.177   1.00 23.45 ? 30  VAL D C   1 
ATOM   1102 O O   . VAL B 2 29  ? 13.197  14.639  -0.933  1.00 23.53 ? 30  VAL D O   1 
ATOM   1103 C CB  . VAL B 2 29  ? 11.081  15.937  1.244   1.00 23.88 ? 30  VAL D CB  1 
ATOM   1104 C CG1 . VAL B 2 29  ? 10.239  17.184  1.586   1.00 22.53 ? 30  VAL D CG1 1 
ATOM   1105 C CG2 . VAL B 2 29  ? 10.269  14.938  0.428   1.00 23.05 ? 30  VAL D CG2 1 
ATOM   1106 N N   . THR B 2 30  ? 13.960  14.729  1.185   1.00 23.18 ? 31  THR D N   1 
ATOM   1107 C CA  . THR B 2 30  ? 14.703  13.460  1.140   1.00 23.06 ? 31  THR D CA  1 
ATOM   1108 C C   . THR B 2 30  ? 13.726  12.268  1.047   1.00 22.04 ? 31  THR D C   1 
ATOM   1109 O O   . THR B 2 30  ? 12.721  12.223  1.762   1.00 21.32 ? 31  THR D O   1 
ATOM   1110 C CB  . THR B 2 30  ? 15.601  13.269  2.408   1.00 23.71 ? 31  THR D CB  1 
ATOM   1111 O OG1 . THR B 2 30  ? 16.514  14.364  2.526   1.00 25.42 ? 31  THR D OG1 1 
ATOM   1112 C CG2 . THR B 2 30  ? 16.414  11.952  2.338   1.00 24.82 ? 31  THR D CG2 1 
ATOM   1113 N N   . VAL B 2 31  ? 14.058  11.311  0.180   1.00 21.37 ? 32  VAL D N   1 
ATOM   1114 C CA  . VAL B 2 31  ? 13.409  9.997   0.084   1.00 20.49 ? 32  VAL D CA  1 
ATOM   1115 C C   . VAL B 2 31  ? 14.526  8.967   0.268   1.00 20.27 ? 32  VAL D C   1 
ATOM   1116 O O   . VAL B 2 31  ? 15.596  9.103   -0.358  1.00 20.42 ? 32  VAL D O   1 
ATOM   1117 C CB  . VAL B 2 31  ? 12.804  9.810   -1.339  1.00 20.16 ? 32  VAL D CB  1 
ATOM   1118 C CG1 . VAL B 2 31  ? 12.260  8.399   -1.576  1.00 20.36 ? 32  VAL D CG1 1 
ATOM   1119 C CG2 . VAL B 2 31  ? 11.769  10.900  -1.660  1.00 20.91 ? 32  VAL D CG2 1 
ATOM   1120 N N   . ASP B 2 32  ? 14.310  7.952   1.111   1.00 19.72 ? 33  ASP D N   1 
ATOM   1121 C CA  . ASP B 2 32  ? 15.354  6.962   1.358   1.00 20.20 ? 33  ASP D CA  1 
ATOM   1122 C C   . ASP B 2 32  ? 15.597  5.982   0.198   1.00 20.14 ? 33  ASP D C   1 
ATOM   1123 O O   . ASP B 2 32  ? 16.749  5.691   -0.153  1.00 19.87 ? 33  ASP D O   1 
ATOM   1124 C CB  . ASP B 2 32  ? 15.129  6.211   2.668   1.00 20.22 ? 33  ASP D CB  1 
ATOM   1125 C CG  . ASP B 2 32  ? 15.267  7.117   3.889   1.00 22.96 ? 33  ASP D CG  1 
ATOM   1126 O OD1 . ASP B 2 32  ? 15.887  8.206   3.780   1.00 24.04 ? 33  ASP D OD1 1 
ATOM   1127 O OD2 . ASP B 2 32  ? 14.742  6.743   4.946   1.00 23.69 ? 33  ASP D OD2 1 
ATOM   1128 N N   . PHE B 2 33  ? 14.509  5.491   -0.382  1.00 20.18 ? 34  PHE D N   1 
ATOM   1129 C CA  . PHE B 2 33  ? 14.578  4.631   -1.548  1.00 20.06 ? 34  PHE D CA  1 
ATOM   1130 C C   . PHE B 2 33  ? 13.230  4.700   -2.247  1.00 20.29 ? 34  PHE D C   1 
ATOM   1131 O O   . PHE B 2 33  ? 12.206  5.083   -1.632  1.00 19.59 ? 34  PHE D O   1 
ATOM   1132 C CB  . PHE B 2 33  ? 14.866  3.174   -1.137  1.00 20.18 ? 34  PHE D CB  1 
ATOM   1133 C CG  . PHE B 2 33  ? 13.897  2.638   -0.126  1.00 20.36 ? 34  PHE D CG  1 
ATOM   1134 C CD1 . PHE B 2 33  ? 12.706  2.033   -0.528  1.00 21.02 ? 34  PHE D CD1 1 
ATOM   1135 C CD2 . PHE B 2 33  ? 14.149  2.792   1.252   1.00 20.06 ? 34  PHE D CD2 1 
ATOM   1136 C CE1 . PHE B 2 33  ? 11.802  1.558   0.426   1.00 18.90 ? 34  PHE D CE1 1 
ATOM   1137 C CE2 . PHE B 2 33  ? 13.248  2.322   2.199   1.00 18.65 ? 34  PHE D CE2 1 
ATOM   1138 C CZ  . PHE B 2 33  ? 12.081  1.708   1.792   1.00 18.99 ? 34  PHE D CZ  1 
ATOM   1139 N N   . TYR B 2 34  ? 13.217  4.284   -3.511  1.00 19.50 ? 35  TYR D N   1 
ATOM   1140 C CA  . TYR B 2 34  ? 11.963  4.169   -4.242  1.00 19.88 ? 35  TYR D CA  1 
ATOM   1141 C C   . TYR B 2 34  ? 11.670  2.704   -4.509  1.00 20.01 ? 35  TYR D C   1 
ATOM   1142 O O   . TYR B 2 34  ? 12.590  1.946   -4.884  1.00 20.09 ? 35  TYR D O   1 
ATOM   1143 C CB  . TYR B 2 34  ? 12.034  4.899   -5.579  1.00 18.83 ? 35  TYR D CB  1 
ATOM   1144 C CG  . TYR B 2 34  ? 12.169  6.401   -5.488  1.00 19.56 ? 35  TYR D CG  1 
ATOM   1145 C CD1 . TYR B 2 34  ? 11.055  7.212   -5.268  1.00 21.34 ? 35  TYR D CD1 1 
ATOM   1146 C CD2 . TYR B 2 34  ? 13.422  7.018   -5.613  1.00 20.70 ? 35  TYR D CD2 1 
ATOM   1147 C CE1 . TYR B 2 34  ? 11.185  8.609   -5.185  1.00 21.39 ? 35  TYR D CE1 1 
ATOM   1148 C CE2 . TYR B 2 34  ? 13.550  8.414   -5.543  1.00 21.90 ? 35  TYR D CE2 1 
ATOM   1149 C CZ  . TYR B 2 34  ? 12.423  9.194   -5.321  1.00 20.99 ? 35  TYR D CZ  1 
ATOM   1150 O OH  . TYR B 2 34  ? 12.546  10.567  -5.224  1.00 21.65 ? 35  TYR D OH  1 
ATOM   1151 N N   . VAL B 2 35  ? 10.404  2.312   -4.341  1.00 19.71 ? 36  VAL D N   1 
ATOM   1152 C CA  . VAL B 2 35  ? 9.942   0.991   -4.739  1.00 20.08 ? 36  VAL D CA  1 
ATOM   1153 C C   . VAL B 2 35  ? 9.242   1.108   -6.071  1.00 20.50 ? 36  VAL D C   1 
ATOM   1154 O O   . VAL B 2 35  ? 8.381   1.983   -6.247  1.00 20.02 ? 36  VAL D O   1 
ATOM   1155 C CB  . VAL B 2 35  ? 8.970   0.364   -3.693  1.00 20.87 ? 36  VAL D CB  1 
ATOM   1156 C CG1 . VAL B 2 35  ? 8.750   -1.115  -3.997  1.00 22.31 ? 36  VAL D CG1 1 
ATOM   1157 C CG2 . VAL B 2 35  ? 9.509   0.549   -2.293  1.00 20.88 ? 36  VAL D CG2 1 
ATOM   1158 N N   . ILE B 2 36  ? 9.644   0.279   -7.029  1.00 20.63 ? 37  ILE D N   1 
ATOM   1159 C CA  . ILE B 2 36  ? 8.986   0.263   -8.331  1.00 21.75 ? 37  ILE D CA  1 
ATOM   1160 C C   . ILE B 2 36  ? 8.217   -1.051  -8.403  1.00 21.89 ? 37  ILE D C   1 
ATOM   1161 O O   . ILE B 2 36  ? 8.818   -2.102  -8.221  1.00 21.31 ? 37  ILE D O   1 
ATOM   1162 C CB  . ILE B 2 36  ? 9.969   0.344   -9.516  1.00 22.45 ? 37  ILE D CB  1 
ATOM   1163 C CG1 . ILE B 2 36  ? 10.737  1.684   -9.549  1.00 22.30 ? 37  ILE D CG1 1 
ATOM   1164 C CG2 . ILE B 2 36  ? 9.191   0.193   -10.842 1.00 21.94 ? 37  ILE D CG2 1 
ATOM   1165 C CD1 . ILE B 2 36  ? 11.904  1.841   -8.579  1.00 24.18 ? 37  ILE D CD1 1 
ATOM   1166 N N   . THR B 2 37  ? 6.903   -0.986  -8.623  1.00 21.88 ? 38  THR D N   1 
ATOM   1167 C CA  . THR B 2 37  ? 6.113   -2.198  -8.900  1.00 22.39 ? 38  THR D CA  1 
ATOM   1168 C C   . THR B 2 37  ? 5.587   -2.108  -10.309 1.00 22.56 ? 38  THR D C   1 
ATOM   1169 O O   . THR B 2 37  ? 5.321   -1.018  -10.828 1.00 22.36 ? 38  THR D O   1 
ATOM   1170 C CB  . THR B 2 37  ? 4.930   -2.436  -7.930  1.00 21.55 ? 38  THR D CB  1 
ATOM   1171 O OG1 . THR B 2 37  ? 3.944   -1.417  -8.122  1.00 23.01 ? 38  THR D OG1 1 
ATOM   1172 C CG2 . THR B 2 37  ? 5.405   -2.438  -6.479  1.00 23.95 ? 38  THR D CG2 1 
ATOM   1173 N N   . TYR B 2 38  ? 5.438   -3.264  -10.933 1.00 24.03 ? 39  TYR D N   1 
ATOM   1174 C CA  . TYR B 2 38  ? 4.985   -3.311  -12.303 1.00 25.84 ? 39  TYR D CA  1 
ATOM   1175 C C   . TYR B 2 38  ? 4.314   -4.653  -12.565 1.00 27.59 ? 39  TYR D C   1 
ATOM   1176 O O   . TYR B 2 38  ? 4.771   -5.700  -12.091 1.00 27.85 ? 39  TYR D O   1 
ATOM   1177 C CB  . TYR B 2 38  ? 6.152   -3.037  -13.275 1.00 25.98 ? 39  TYR D CB  1 
ATOM   1178 C CG  . TYR B 2 38  ? 7.260   -4.070  -13.291 1.00 24.65 ? 39  TYR D CG  1 
ATOM   1179 C CD1 . TYR B 2 38  ? 7.237   -5.139  -14.196 1.00 23.43 ? 39  TYR D CD1 1 
ATOM   1180 C CD2 . TYR B 2 38  ? 8.339   -3.974  -12.415 1.00 26.59 ? 39  TYR D CD2 1 
ATOM   1181 C CE1 . TYR B 2 38  ? 8.267   -6.077  -14.214 1.00 23.27 ? 39  TYR D CE1 1 
ATOM   1182 C CE2 . TYR B 2 38  ? 9.362   -4.898  -12.428 1.00 23.94 ? 39  TYR D CE2 1 
ATOM   1183 C CZ  . TYR B 2 38  ? 9.319   -5.941  -13.333 1.00 24.32 ? 39  TYR D CZ  1 
ATOM   1184 O OH  . TYR B 2 38  ? 10.345  -6.847  -13.338 1.00 26.82 ? 39  TYR D OH  1 
ATOM   1185 N N   . GLY B 2 39  ? 3.205   -4.600  -13.292 1.00 29.78 ? 40  GLY D N   1 
ATOM   1186 C CA  . GLY B 2 39  ? 2.408   -5.782  -13.563 1.00 32.21 ? 40  GLY D CA  1 
ATOM   1187 C C   . GLY B 2 39  ? 1.471   -5.508  -14.714 1.00 34.03 ? 40  GLY D C   1 
ATOM   1188 O O   . GLY B 2 39  ? 1.162   -4.346  -15.020 1.00 33.82 ? 40  GLY D O   1 
ATOM   1189 N N   . GLU B 2 40  ? 1.039   -6.588  -15.363 1.00 36.26 ? 41  GLU D N   1 
ATOM   1190 C CA  . GLU B 2 40  ? 0.037   -6.509  -16.415 1.00 38.73 ? 41  GLU D CA  1 
ATOM   1191 C C   . GLU B 2 40  ? -1.222  -5.863  -15.840 1.00 39.50 ? 41  GLU D C   1 
ATOM   1192 O O   . GLU B 2 40  ? -1.697  -6.265  -14.784 1.00 39.72 ? 41  GLU D O   1 
ATOM   1193 C CB  . GLU B 2 40  ? -0.253  -7.911  -16.980 1.00 39.05 ? 41  GLU D CB  1 
ATOM   1194 C CG  . GLU B 2 40  ? -0.992  -7.898  -18.327 1.00 42.63 ? 41  GLU D CG  1 
ATOM   1195 C CD  . GLU B 2 40  ? -0.907  -9.235  -19.085 1.00 45.42 ? 41  GLU D CD  1 
ATOM   1196 O OE1 . GLU B 2 40  ? 0.034   -10.027 -18.819 1.00 47.22 ? 41  GLU D OE1 1 
ATOM   1197 O OE2 . GLU B 2 40  ? -1.781  -9.486  -19.953 1.00 46.42 ? 41  GLU D OE2 1 
ATOM   1198 N N   . THR B 2 41  ? -1.728  -4.841  -16.525 1.00 41.49 ? 42  THR D N   1 
ATOM   1199 C CA  . THR B 2 41  ? -2.885  -4.058  -16.054 1.00 43.25 ? 42  THR D CA  1 
ATOM   1200 C C   . THR B 2 41  ? -4.114  -4.958  -15.842 1.00 44.98 ? 42  THR D C   1 
ATOM   1201 O O   . THR B 2 41  ? -4.379  -5.863  -16.650 1.00 45.33 ? 42  THR D O   1 
ATOM   1202 C CB  . THR B 2 41  ? -3.196  -2.875  -17.024 1.00 43.14 ? 42  THR D CB  1 
ATOM   1203 O OG1 . THR B 2 41  ? -2.009  -2.101  -17.231 1.00 42.25 ? 42  THR D OG1 1 
ATOM   1204 C CG2 . THR B 2 41  ? -4.265  -1.945  -16.466 1.00 42.27 ? 42  THR D CG2 1 
ATOM   1205 N N   . GLY B 2 42  ? -4.827  -4.726  -14.736 1.00 46.74 ? 43  GLY D N   1 
ATOM   1206 C CA  . GLY B 2 42  ? -6.047  -5.468  -14.386 1.00 48.65 ? 43  GLY D CA  1 
ATOM   1207 C C   . GLY B 2 42  ? -5.785  -6.691  -13.520 1.00 50.09 ? 43  GLY D C   1 
ATOM   1208 O O   . GLY B 2 42  ? -5.472  -6.571  -12.324 1.00 50.63 ? 43  GLY D O   1 
ATOM   1209 N N   . GLY B 2 43  ? -5.947  -7.873  -14.113 1.00 50.96 ? 44  GLY D N   1 
ATOM   1210 C CA  . GLY B 2 43  ? -5.440  -9.111  -13.520 1.00 52.06 ? 44  GLY D CA  1 
ATOM   1211 C C   . GLY B 2 43  ? -4.132  -9.388  -14.234 1.00 52.65 ? 44  GLY D C   1 
ATOM   1212 O O   . GLY B 2 43  ? -3.605  -8.497  -14.898 1.00 52.76 ? 44  GLY D O   1 
ATOM   1213 N N   . ASN B 2 44  ? -3.589  -10.597 -14.125 1.00 53.23 ? 45  ASN D N   1 
ATOM   1214 C CA  . ASN B 2 44  ? -4.074  -11.661 -13.259 1.00 53.87 ? 45  ASN D CA  1 
ATOM   1215 C C   . ASN B 2 44  ? -2.887  -12.119 -12.421 1.00 53.62 ? 45  ASN D C   1 
ATOM   1216 O O   . ASN B 2 44  ? -3.037  -12.774 -11.383 1.00 53.88 ? 45  ASN D O   1 
ATOM   1217 C CB  . ASN B 2 44  ? -4.608  -12.832 -14.092 1.00 54.29 ? 45  ASN D CB  1 
ATOM   1218 C CG  . ASN B 2 44  ? -5.782  -12.434 -14.986 1.00 55.61 ? 45  ASN D CG  1 
ATOM   1219 O OD1 . ASN B 2 44  ? -6.911  -12.244 -14.515 1.00 57.10 ? 45  ASN D OD1 1 
ATOM   1220 N ND2 . ASN B 2 44  ? -5.521  -12.318 -16.283 1.00 56.68 ? 45  ASN D ND2 1 
ATOM   1221 N N   . SER B 2 45  ? -1.703  -11.745 -12.900 1.00 53.01 ? 46  SER D N   1 
ATOM   1222 C CA  . SER B 2 45  ? -0.430  -12.058 -12.263 1.00 52.13 ? 46  SER D CA  1 
ATOM   1223 C C   . SER B 2 45  ? -0.171  -11.148 -11.057 1.00 50.59 ? 46  SER D C   1 
ATOM   1224 O O   . SER B 2 45  ? -0.703  -10.032 -10.995 1.00 50.60 ? 46  SER D O   1 
ATOM   1225 C CB  . SER B 2 45  ? 0.702   -11.886 -13.289 1.00 52.37 ? 46  SER D CB  1 
ATOM   1226 O OG  . SER B 2 45  ? 0.740   -10.549 -13.795 1.00 54.02 ? 46  SER D OG  1 
ATOM   1227 N N   . PRO B 2 46  ? 0.647   -11.623 -10.095 1.00 48.86 ? 47  PRO D N   1 
ATOM   1228 C CA  . PRO B 2 46  ? 1.179   -10.695 -9.091  1.00 47.39 ? 47  PRO D CA  1 
ATOM   1229 C C   . PRO B 2 46  ? 2.167   -9.727  -9.742  1.00 45.39 ? 47  PRO D C   1 
ATOM   1230 O O   . PRO B 2 46  ? 2.820   -10.082 -10.743 1.00 45.37 ? 47  PRO D O   1 
ATOM   1231 C CB  . PRO B 2 46  ? 1.918   -11.608 -8.096  1.00 47.44 ? 47  PRO D CB  1 
ATOM   1232 C CG  . PRO B 2 46  ? 1.402   -12.997 -8.357  1.00 48.37 ? 47  PRO D CG  1 
ATOM   1233 C CD  . PRO B 2 46  ? 1.006   -13.027 -9.814  1.00 48.93 ? 47  PRO D CD  1 
ATOM   1234 N N   . VAL B 2 47  ? 2.262   -8.517  -9.188  1.00 42.82 ? 48  VAL D N   1 
ATOM   1235 C CA  . VAL B 2 47  ? 3.257   -7.539  -9.624  1.00 40.16 ? 48  VAL D CA  1 
ATOM   1236 C C   . VAL B 2 47  ? 4.678   -8.006  -9.271  1.00 37.89 ? 48  VAL D C   1 
ATOM   1237 O O   . VAL B 2 47  ? 4.876   -8.771  -8.327  1.00 37.74 ? 48  VAL D O   1 
ATOM   1238 C CB  . VAL B 2 47  ? 2.976   -6.117  -9.045  1.00 40.28 ? 48  VAL D CB  1 
ATOM   1239 C CG1 . VAL B 2 47  ? 1.560   -5.671  -9.392  1.00 41.40 ? 48  VAL D CG1 1 
ATOM   1240 C CG2 . VAL B 2 47  ? 3.193   -6.074  -7.537  1.00 40.21 ? 48  VAL D CG2 1 
ATOM   1241 N N   . GLN B 2 48  ? 5.651   -7.586  -10.069 1.00 34.91 ? 49  GLN D N   1 
ATOM   1242 C CA  . GLN B 2 48  ? 7.050   -7.721  -9.707  1.00 32.74 ? 49  GLN D CA  1 
ATOM   1243 C C   . GLN B 2 48  ? 7.431   -6.404  -9.038  1.00 30.84 ? 49  GLN D C   1 
ATOM   1244 O O   . GLN B 2 48  ? 6.721   -5.395  -9.192  1.00 29.10 ? 49  GLN D O   1 
ATOM   1245 C CB  . GLN B 2 48  ? 7.917   -7.949  -10.951 1.00 33.34 ? 49  GLN D CB  1 
ATOM   1246 C CG  . GLN B 2 48  ? 7.655   -9.269  -11.688 1.00 36.42 ? 49  GLN D CG  1 
ATOM   1247 C CD  . GLN B 2 48  ? 8.404   -10.444 -11.086 1.00 40.35 ? 49  GLN D CD  1 
ATOM   1248 O OE1 . GLN B 2 48  ? 9.352   -10.276 -10.299 1.00 42.97 ? 49  GLN D OE1 1 
ATOM   1249 N NE2 . GLN B 2 48  ? 7.983   -11.647 -11.451 1.00 43.48 ? 49  GLN D NE2 1 
ATOM   1250 N N   . GLU B 2 49  ? 8.535   -6.413  -8.298  1.00 28.56 ? 50  GLU D N   1 
ATOM   1251 C CA  . GLU B 2 49  ? 8.989   -5.206  -7.609  1.00 27.78 ? 50  GLU D CA  1 
ATOM   1252 C C   . GLU B 2 49  ? 10.502  -5.185  -7.483  1.00 27.31 ? 50  GLU D C   1 
ATOM   1253 O O   . GLU B 2 49  ? 11.151  -6.242  -7.484  1.00 27.38 ? 50  GLU D O   1 
ATOM   1254 C CB  . GLU B 2 49  ? 8.333   -5.075  -6.227  1.00 27.71 ? 50  GLU D CB  1 
ATOM   1255 C CG  . GLU B 2 49  ? 8.770   -6.140  -5.191  1.00 27.72 ? 50  GLU D CG  1 
ATOM   1256 C CD  . GLU B 2 49  ? 8.242   -5.843  -3.797  1.00 27.92 ? 50  GLU D CD  1 
ATOM   1257 O OE1 . GLU B 2 49  ? 9.001   -5.284  -2.980  1.00 26.73 ? 50  GLU D OE1 1 
ATOM   1258 O OE2 . GLU B 2 49  ? 7.061   -6.153  -3.522  1.00 27.47 ? 50  GLU D OE2 1 
ATOM   1259 N N   . PHE B 2 50  ? 11.051  -3.977  -7.427  1.00 25.67 ? 51  PHE D N   1 
ATOM   1260 C CA  . PHE B 2 50  ? 12.439  -3.766  -7.048  1.00 24.84 ? 51  PHE D CA  1 
ATOM   1261 C C   . PHE B 2 50  ? 12.568  -2.394  -6.398  1.00 24.29 ? 51  PHE D C   1 
ATOM   1262 O O   . PHE B 2 50  ? 11.623  -1.613  -6.432  1.00 23.10 ? 51  PHE D O   1 
ATOM   1263 C CB  . PHE B 2 50  ? 13.379  -3.935  -8.250  1.00 24.25 ? 51  PHE D CB  1 
ATOM   1264 C CG  . PHE B 2 50  ? 13.156  -2.960  -9.382  1.00 23.16 ? 51  PHE D CG  1 
ATOM   1265 C CD1 . PHE B 2 50  ? 13.978  -1.844  -9.516  1.00 21.54 ? 51  PHE D CD1 1 
ATOM   1266 C CD2 . PHE B 2 50  ? 12.199  -3.204  -10.358 1.00 24.25 ? 51  PHE D CD2 1 
ATOM   1267 C CE1 . PHE B 2 50  ? 13.809  -0.966  -10.573 1.00 23.35 ? 51  PHE D CE1 1 
ATOM   1268 C CE2 . PHE B 2 50  ? 12.026  -2.337  -11.436 1.00 24.11 ? 51  PHE D CE2 1 
ATOM   1269 C CZ  . PHE B 2 50  ? 12.835  -1.204  -11.544 1.00 22.37 ? 51  PHE D CZ  1 
ATOM   1270 N N   . THR B 2 51  ? 13.715  -2.105  -5.791  1.00 23.90 ? 52  THR D N   1 
ATOM   1271 C CA  . THR B 2 51  ? 13.959  -0.764  -5.257  1.00 23.91 ? 52  THR D CA  1 
ATOM   1272 C C   . THR B 2 51  ? 15.214  -0.141  -5.840  1.00 23.30 ? 52  THR D C   1 
ATOM   1273 O O   . THR B 2 51  ? 16.093  -0.855  -6.330  1.00 23.51 ? 52  THR D O   1 
ATOM   1274 C CB  . THR B 2 51  ? 14.080  -0.736  -3.729  1.00 24.95 ? 52  THR D CB  1 
ATOM   1275 O OG1 . THR B 2 51  ? 15.278  -1.413  -3.335  1.00 27.32 ? 52  THR D OG1 1 
ATOM   1276 C CG2 . THR B 2 51  ? 12.853  -1.401  -3.081  1.00 25.12 ? 52  THR D CG2 1 
ATOM   1277 N N   . VAL B 2 52  ? 15.266  1.187   -5.822  1.00 21.80 ? 53  VAL D N   1 
ATOM   1278 C CA  . VAL B 2 52  ? 16.466  1.934   -6.179  1.00 21.69 ? 53  VAL D CA  1 
ATOM   1279 C C   . VAL B 2 52  ? 16.713  2.968   -5.074  1.00 21.82 ? 53  VAL D C   1 
ATOM   1280 O O   . VAL B 2 52  ? 15.768  3.351   -4.381  1.00 21.10 ? 53  VAL D O   1 
ATOM   1281 C CB  . VAL B 2 52  ? 16.367  2.628   -7.577  1.00 21.08 ? 53  VAL D CB  1 
ATOM   1282 C CG1 . VAL B 2 52  ? 16.154  1.611   -8.723  1.00 20.65 ? 53  VAL D CG1 1 
ATOM   1283 C CG2 . VAL B 2 52  ? 15.320  3.732   -7.602  1.00 21.51 ? 53  VAL D CG2 1 
ATOM   1284 N N   . PRO B 2 53  ? 17.978  3.412   -4.900  1.00 22.00 ? 54  PRO D N   1 
ATOM   1285 C CA  . PRO B 2 53  ? 18.303  4.435   -3.903  1.00 21.73 ? 54  PRO D CA  1 
ATOM   1286 C C   . PRO B 2 53  ? 17.531  5.705   -4.140  1.00 22.11 ? 54  PRO D C   1 
ATOM   1287 O O   . PRO B 2 53  ? 17.176  6.008   -5.284  1.00 21.57 ? 54  PRO D O   1 
ATOM   1288 C CB  . PRO B 2 53  ? 19.794  4.702   -4.154  1.00 22.07 ? 54  PRO D CB  1 
ATOM   1289 C CG  . PRO B 2 53  ? 20.298  3.421   -4.691  1.00 23.00 ? 54  PRO D CG  1 
ATOM   1290 C CD  . PRO B 2 53  ? 19.191  2.952   -5.600  1.00 22.03 ? 54  PRO D CD  1 
ATOM   1291 N N   . GLY B 2 54  ? 17.295  6.444   -3.060  1.00 22.72 ? 55  GLY D N   1 
ATOM   1292 C CA  . GLY B 2 54  ? 16.581  7.715   -3.115  1.00 24.67 ? 55  GLY D CA  1 
ATOM   1293 C C   . GLY B 2 54  ? 17.311  8.765   -3.919  1.00 25.47 ? 55  GLY D C   1 
ATOM   1294 O O   . GLY B 2 54  ? 16.711  9.736   -4.375  1.00 27.15 ? 55  GLY D O   1 
ATOM   1295 N N   . SER B 2 55  ? 18.608  8.576   -4.093  1.00 25.78 ? 56  SER D N   1 
ATOM   1296 C CA  . SER B 2 55  ? 19.404  9.459   -4.928  1.00 26.79 ? 56  SER D CA  1 
ATOM   1297 C C   . SER B 2 55  ? 19.080  9.299   -6.433  1.00 27.10 ? 56  SER D C   1 
ATOM   1298 O O   . SER B 2 55  ? 19.415  10.179  -7.243  1.00 27.53 ? 56  SER D O   1 
ATOM   1299 C CB  . SER B 2 55  ? 20.891  9.225   -4.650  1.00 26.85 ? 56  SER D CB  1 
ATOM   1300 O OG  . SER B 2 55  ? 21.235  7.880   -4.901  1.00 28.91 ? 56  SER D OG  1 
ATOM   1301 N N   . LYS B 2 56  ? 18.405  8.207   -6.798  1.00 26.24 ? 57  LYS D N   1 
ATOM   1302 C CA  . LYS B 2 56  ? 18.088  7.944   -8.207  1.00 26.91 ? 57  LYS D CA  1 
ATOM   1303 C C   . LYS B 2 56  ? 16.797  8.604   -8.647  1.00 25.98 ? 57  LYS D C   1 
ATOM   1304 O O   . LYS B 2 56  ? 15.869  8.788   -7.845  1.00 25.25 ? 57  LYS D O   1 
ATOM   1305 C CB  . LYS B 2 56  ? 18.030  6.435   -8.483  1.00 27.13 ? 57  LYS D CB  1 
ATOM   1306 C CG  . LYS B 2 56  ? 19.346  5.710   -8.186  1.00 31.37 ? 57  LYS D CG  1 
ATOM   1307 C CD  . LYS B 2 56  ? 20.363  5.909   -9.316  1.00 36.98 ? 57  LYS D CD  1 
ATOM   1308 C CE  . LYS B 2 56  ? 21.803  5.850   -8.809  1.00 40.73 ? 57  LYS D CE  1 
ATOM   1309 N NZ  . LYS B 2 56  ? 22.267  7.166   -8.240  1.00 42.79 ? 57  LYS D NZ  1 
ATOM   1310 N N   . SER B 2 57  ? 16.752  8.983   -9.921  1.00 25.34 ? 58  SER D N   1 
ATOM   1311 C CA  . SER B 2 57  ? 15.535  9.479   -10.547 1.00 25.95 ? 58  SER D CA  1 
ATOM   1312 C C   . SER B 2 57  ? 15.212  8.730   -11.842 1.00 25.24 ? 58  SER D C   1 
ATOM   1313 O O   . SER B 2 57  ? 14.331  9.143   -12.577 1.00 24.63 ? 58  SER D O   1 
ATOM   1314 C CB  . SER B 2 57  ? 15.584  10.996  -10.786 1.00 26.77 ? 58  SER D CB  1 
ATOM   1315 O OG  . SER B 2 57  ? 16.529  11.319  -11.786 1.00 27.24 ? 58  SER D OG  1 
ATOM   1316 N N   . THR B 2 58  ? 15.893  7.607   -12.073 1.00 24.35 ? 59  THR D N   1 
ATOM   1317 C CA  . THR B 2 58  ? 15.687  6.782   -13.276 1.00 24.07 ? 59  THR D CA  1 
ATOM   1318 C C   . THR B 2 58  ? 15.743  5.305   -12.871 1.00 24.04 ? 59  THR D C   1 
ATOM   1319 O O   . THR B 2 58  ? 16.286  4.970   -11.806 1.00 24.11 ? 59  THR D O   1 
ATOM   1320 C CB  . THR B 2 58  ? 16.788  7.023   -14.342 1.00 24.51 ? 59  THR D CB  1 
ATOM   1321 O OG1 . THR B 2 58  ? 18.086  6.767   -13.772 1.00 25.55 ? 59  THR D OG1 1 
ATOM   1322 C CG2 . THR B 2 58  ? 16.725  8.465   -14.931 1.00 24.24 ? 59  THR D CG2 1 
ATOM   1323 N N   . ALA B 2 59  ? 15.182  4.434   -13.708 1.00 23.54 ? 60  ALA D N   1 
ATOM   1324 C CA  . ALA B 2 59  ? 15.291  2.977   -13.523 1.00 23.49 ? 60  ALA D CA  1 
ATOM   1325 C C   . ALA B 2 59  ? 14.941  2.270   -14.818 1.00 23.62 ? 60  ALA D C   1 
ATOM   1326 O O   . ALA B 2 59  ? 14.225  2.816   -15.672 1.00 23.31 ? 60  ALA D O   1 
ATOM   1327 C CB  . ALA B 2 59  ? 14.365  2.491   -12.411 1.00 23.06 ? 60  ALA D CB  1 
ATOM   1328 N N   . THR B 2 60  ? 15.442  1.050   -14.958 1.00 23.17 ? 61  THR D N   1 
ATOM   1329 C CA  . THR B 2 60  ? 15.147  0.223   -16.112 1.00 23.92 ? 61  THR D CA  1 
ATOM   1330 C C   . THR B 2 60  ? 14.337  -0.975  -15.650 1.00 23.69 ? 61  THR D C   1 
ATOM   1331 O O   . THR B 2 60  ? 14.765  -1.726  -14.755 1.00 23.63 ? 61  THR D O   1 
ATOM   1332 C CB  . THR B 2 60  ? 16.443  -0.261  -16.791 1.00 23.95 ? 61  THR D CB  1 
ATOM   1333 O OG1 . THR B 2 60  ? 17.170  0.883   -17.261 1.00 25.19 ? 61  THR D OG1 1 
ATOM   1334 C CG2 . THR B 2 60  ? 16.137  -1.182  -17.957 1.00 25.95 ? 61  THR D CG2 1 
ATOM   1335 N N   . ILE B 2 61  ? 13.163  -1.132  -16.238 1.00 22.73 ? 62  ILE D N   1 
ATOM   1336 C CA  . ILE B 2 61  ? 12.342  -2.305  -15.986 1.00 23.00 ? 62  ILE D CA  1 
ATOM   1337 C C   . ILE B 2 61  ? 12.605  -3.296  -17.122 1.00 23.54 ? 62  ILE D C   1 
ATOM   1338 O O   . ILE B 2 61  ? 12.444  -2.945  -18.282 1.00 22.52 ? 62  ILE D O   1 
ATOM   1339 C CB  . ILE B 2 61  ? 10.846  -1.938  -15.911 1.00 22.68 ? 62  ILE D CB  1 
ATOM   1340 C CG1 . ILE B 2 61  ? 10.612  -0.966  -14.744 1.00 22.53 ? 62  ILE D CG1 1 
ATOM   1341 C CG2 . ILE B 2 61  ? 9.981   -3.203  -15.754 1.00 23.58 ? 62  ILE D CG2 1 
ATOM   1342 C CD1 . ILE B 2 61  ? 9.212   -0.310  -14.728 1.00 23.48 ? 62  ILE D CD1 1 
ATOM   1343 N N   . SER B 2 62  ? 13.010  -4.515  -16.757 1.00 24.29 ? 63  SER D N   1 
ATOM   1344 C CA  . SER B 2 62  ? 13.422  -5.561  -17.711 1.00 26.39 ? 63  SER D CA  1 
ATOM   1345 C C   . SER B 2 62  ? 12.454  -6.751  -17.741 1.00 26.34 ? 63  SER D C   1 
ATOM   1346 O O   . SER B 2 62  ? 11.597  -6.892  -16.857 1.00 26.39 ? 63  SER D O   1 
ATOM   1347 C CB  . SER B 2 62  ? 14.804  -6.087  -17.329 1.00 26.58 ? 63  SER D CB  1 
ATOM   1348 O OG  . SER B 2 62  ? 15.709  -5.022  -17.125 1.00 31.70 ? 63  SER D OG  1 
ATOM   1349 N N   . GLY B 2 63  ? 12.614  -7.611  -18.751 1.00 26.50 ? 64  GLY D N   1 
ATOM   1350 C CA  . GLY B 2 63  ? 11.879  -8.881  -18.820 1.00 26.37 ? 64  GLY D CA  1 
ATOM   1351 C C   . GLY B 2 63  ? 10.390  -8.785  -19.106 1.00 26.46 ? 64  GLY D C   1 
ATOM   1352 O O   . GLY B 2 63  ? 9.613   -9.670  -18.718 1.00 26.24 ? 64  GLY D O   1 
ATOM   1353 N N   . LEU B 2 64  ? 9.983   -7.715  -19.779 1.00 26.34 ? 65  LEU D N   1 
ATOM   1354 C CA  . LEU B 2 64  ? 8.590   -7.532  -20.181 1.00 26.77 ? 65  LEU D CA  1 
ATOM   1355 C C   . LEU B 2 64  ? 8.316   -8.257  -21.507 1.00 28.01 ? 65  LEU D C   1 
ATOM   1356 O O   . LEU B 2 64  ? 9.234   -8.796  -22.116 1.00 27.43 ? 65  LEU D O   1 
ATOM   1357 C CB  . LEU B 2 64  ? 8.299   -6.041  -20.326 1.00 26.10 ? 65  LEU D CB  1 
ATOM   1358 C CG  . LEU B 2 64  ? 8.622   -5.161  -19.098 1.00 26.65 ? 65  LEU D CG  1 
ATOM   1359 C CD1 . LEU B 2 64  ? 8.278   -3.721  -19.456 1.00 24.81 ? 65  LEU D CD1 1 
ATOM   1360 C CD2 . LEU B 2 64  ? 7.871   -5.594  -17.841 1.00 27.03 ? 65  LEU D CD2 1 
ATOM   1361 N N   . SER B 2 65  ? 7.050   -8.275  -21.917 1.00 30.22 ? 66  SER D N   1 
ATOM   1362 C CA  . SER B 2 65  ? 6.606   -8.867  -23.190 1.00 32.55 ? 66  SER D CA  1 
ATOM   1363 C C   . SER B 2 65  ? 6.005   -7.771  -24.058 1.00 33.76 ? 66  SER D C   1 
ATOM   1364 O O   . SER B 2 65  ? 5.270   -6.924  -23.541 1.00 33.88 ? 66  SER D O   1 
ATOM   1365 C CB  . SER B 2 65  ? 5.541   -9.943  -22.951 1.00 32.79 ? 66  SER D CB  1 
ATOM   1366 O OG  . SER B 2 65  ? 6.003   -10.964 -22.066 1.00 35.16 ? 66  SER D OG  1 
ATOM   1367 N N   . PRO B 2 66  ? 6.305   -7.784  -25.379 1.00 34.97 ? 67  PRO D N   1 
ATOM   1368 C CA  . PRO B 2 66  ? 5.751   -6.792  -26.304 1.00 35.86 ? 67  PRO D CA  1 
ATOM   1369 C C   . PRO B 2 66  ? 4.224   -6.868  -26.423 1.00 36.74 ? 67  PRO D C   1 
ATOM   1370 O O   . PRO B 2 66  ? 3.631   -7.935  -26.229 1.00 37.13 ? 67  PRO D O   1 
ATOM   1371 C CB  . PRO B 2 66  ? 6.422   -7.135  -27.649 1.00 36.05 ? 67  PRO D CB  1 
ATOM   1372 C CG  . PRO B 2 66  ? 6.904   -8.530  -27.504 1.00 35.59 ? 67  PRO D CG  1 
ATOM   1373 C CD  . PRO B 2 66  ? 7.258   -8.682  -26.058 1.00 34.93 ? 67  PRO D CD  1 
ATOM   1374 N N   . GLY B 2 67  ? 3.608   -5.731  -26.726 1.00 37.49 ? 68  GLY D N   1 
ATOM   1375 C CA  . GLY B 2 67  ? 2.161   -5.656  -26.970 1.00 38.17 ? 68  GLY D CA  1 
ATOM   1376 C C   . GLY B 2 67  ? 1.283   -5.849  -25.748 1.00 38.85 ? 68  GLY D C   1 
ATOM   1377 O O   . GLY B 2 67  ? 0.096   -6.155  -25.875 1.00 39.40 ? 68  GLY D O   1 
ATOM   1378 N N   . VAL B 2 68  ? 1.864   -5.665  -24.567 1.00 38.64 ? 69  VAL D N   1 
ATOM   1379 C CA  . VAL B 2 68  ? 1.168   -5.879  -23.300 1.00 38.63 ? 69  VAL D CA  1 
ATOM   1380 C C   . VAL B 2 68  ? 0.976   -4.527  -22.581 1.00 38.18 ? 69  VAL D C   1 
ATOM   1381 O O   . VAL B 2 68  ? 1.837   -3.645  -22.652 1.00 38.05 ? 69  VAL D O   1 
ATOM   1382 C CB  . VAL B 2 68  ? 1.967   -6.862  -22.406 1.00 38.60 ? 69  VAL D CB  1 
ATOM   1383 C CG1 . VAL B 2 68  ? 1.344   -6.990  -21.018 1.00 39.48 ? 69  VAL D CG1 1 
ATOM   1384 C CG2 . VAL B 2 68  ? 2.083   -8.236  -23.072 1.00 39.97 ? 69  VAL D CG2 1 
ATOM   1385 N N   . ASP B 2 69  ? -0.165  -4.368  -21.916 1.00 37.66 ? 70  ASP D N   1 
ATOM   1386 C CA  . ASP B 2 69  ? -0.435  -3.180  -21.120 1.00 37.02 ? 70  ASP D CA  1 
ATOM   1387 C C   . ASP B 2 69  ? 0.083   -3.396  -19.707 1.00 35.57 ? 70  ASP D C   1 
ATOM   1388 O O   . ASP B 2 69  ? -0.274  -4.368  -19.049 1.00 35.64 ? 70  ASP D O   1 
ATOM   1389 C CB  . ASP B 2 69  ? -1.930  -2.875  -21.091 1.00 37.57 ? 70  ASP D CB  1 
ATOM   1390 C CG  . ASP B 2 69  ? -2.443  -2.347  -22.417 1.00 40.42 ? 70  ASP D CG  1 
ATOM   1391 O OD1 . ASP B 2 69  ? -1.878  -1.351  -22.929 1.00 43.80 ? 70  ASP D OD1 1 
ATOM   1392 O OD2 . ASP B 2 69  ? -3.428  -2.920  -22.943 1.00 42.78 ? 70  ASP D OD2 1 
ATOM   1393 N N   . TYR B 2 70  ? 0.941   -2.490  -19.257 1.00 34.28 ? 71  TYR D N   1 
ATOM   1394 C CA  . TYR B 2 70  ? 1.533   -2.590  -17.931 1.00 32.53 ? 71  TYR D CA  1 
ATOM   1395 C C   . TYR B 2 70  ? 1.155   -1.381  -17.094 1.00 31.14 ? 71  TYR D C   1 
ATOM   1396 O O   . TYR B 2 70  ? 1.009   -0.269  -17.619 1.00 31.09 ? 71  TYR D O   1 
ATOM   1397 C CB  . TYR B 2 70  ? 3.060   -2.664  -18.026 1.00 32.28 ? 71  TYR D CB  1 
ATOM   1398 C CG  . TYR B 2 70  ? 3.596   -3.992  -18.495 1.00 32.96 ? 71  TYR D CG  1 
ATOM   1399 C CD1 . TYR B 2 70  ? 3.669   -5.085  -17.630 1.00 33.29 ? 71  TYR D CD1 1 
ATOM   1400 C CD2 . TYR B 2 70  ? 4.051   -4.152  -19.807 1.00 32.83 ? 71  TYR D CD2 1 
ATOM   1401 C CE1 . TYR B 2 70  ? 4.181   -6.317  -18.060 1.00 34.48 ? 71  TYR D CE1 1 
ATOM   1402 C CE2 . TYR B 2 70  ? 4.548   -5.371  -20.249 1.00 34.34 ? 71  TYR D CE2 1 
ATOM   1403 C CZ  . TYR B 2 70  ? 4.610   -6.445  -19.380 1.00 34.91 ? 71  TYR D CZ  1 
ATOM   1404 O OH  . TYR B 2 70  ? 5.115   -7.640  -19.839 1.00 37.73 ? 71  TYR D OH  1 
ATOM   1405 N N   . THR B 2 71  ? 1.004   -1.614  -15.794 1.00 29.64 ? 72  THR D N   1 
ATOM   1406 C CA  . THR B 2 71  ? 0.806   -0.552  -14.812 1.00 28.14 ? 72  THR D CA  1 
ATOM   1407 C C   . THR B 2 71  ? 2.032   -0.499  -13.905 1.00 26.89 ? 72  THR D C   1 
ATOM   1408 O O   . THR B 2 71  ? 2.413   -1.502  -13.284 1.00 26.73 ? 72  THR D O   1 
ATOM   1409 C CB  . THR B 2 71  ? -0.458  -0.794  -14.011 1.00 28.49 ? 72  THR D CB  1 
ATOM   1410 O OG1 . THR B 2 71  ? -1.582  -0.671  -14.896 1.00 29.95 ? 72  THR D OG1 1 
ATOM   1411 C CG2 . THR B 2 71  ? -0.593  0.213   -12.865 1.00 28.11 ? 72  THR D CG2 1 
ATOM   1412 N N   . ILE B 2 72  ? 2.647   0.679   -13.870 1.00 24.84 ? 73  ILE D N   1 
ATOM   1413 C CA  . ILE B 2 72  ? 3.919   0.890   -13.177 1.00 23.63 ? 73  ILE D CA  1 
ATOM   1414 C C   . ILE B 2 72  ? 3.645   1.906   -12.100 1.00 22.30 ? 73  ILE D C   1 
ATOM   1415 O O   . ILE B 2 72  ? 3.102   2.963   -12.397 1.00 20.83 ? 73  ILE D O   1 
ATOM   1416 C CB  . ILE B 2 72  ? 4.992   1.464   -14.129 1.00 23.79 ? 73  ILE D CB  1 
ATOM   1417 C CG1 . ILE B 2 72  ? 5.284   0.472   -15.255 1.00 24.59 ? 73  ILE D CG1 1 
ATOM   1418 C CG2 . ILE B 2 72  ? 6.273   1.804   -13.367 1.00 24.08 ? 73  ILE D CG2 1 
ATOM   1419 C CD1 . ILE B 2 72  ? 5.970   1.102   -16.442 1.00 29.00 ? 73  ILE D CD1 1 
ATOM   1420 N N   . THR B 2 73  ? 4.046   1.570   -10.869 1.00 22.01 ? 74  THR D N   1 
ATOM   1421 C CA  . THR B 2 73  ? 3.798   2.404   -9.700  1.00 21.33 ? 74  THR D CA  1 
ATOM   1422 C C   . THR B 2 73  ? 5.149   2.626   -8.995  1.00 20.61 ? 74  THR D C   1 
ATOM   1423 O O   . THR B 2 73  ? 5.948   1.682   -8.854  1.00 20.86 ? 74  THR D O   1 
ATOM   1424 C CB  . THR B 2 73  ? 2.766   1.725   -8.745  1.00 21.32 ? 74  THR D CB  1 
ATOM   1425 O OG1 . THR B 2 73  ? 1.559   1.450   -9.466  1.00 23.41 ? 74  THR D OG1 1 
ATOM   1426 C CG2 . THR B 2 73  ? 2.403   2.630   -7.574  1.00 22.30 ? 74  THR D CG2 1 
ATOM   1427 N N   . VAL B 2 74  ? 5.392   3.870   -8.576  1.00 19.23 ? 75  VAL D N   1 
ATOM   1428 C CA  . VAL B 2 74  ? 6.594   4.227   -7.831  1.00 18.29 ? 75  VAL D CA  1 
ATOM   1429 C C   . VAL B 2 74  ? 6.196   4.835   -6.480  1.00 18.78 ? 75  VAL D C   1 
ATOM   1430 O O   . VAL B 2 74  ? 5.432   5.811   -6.449  1.00 18.05 ? 75  VAL D O   1 
ATOM   1431 C CB  . VAL B 2 74  ? 7.494   5.221   -8.634  1.00 17.95 ? 75  VAL D CB  1 
ATOM   1432 C CG1 . VAL B 2 74  ? 8.772   5.484   -7.910  1.00 17.80 ? 75  VAL D CG1 1 
ATOM   1433 C CG2 . VAL B 2 74  ? 7.827   4.646   -10.022 1.00 16.43 ? 75  VAL D CG2 1 
ATOM   1434 N N   . TYR B 2 75  ? 6.721   4.248   -5.404  1.00 17.24 ? 76  TYR D N   1 
ATOM   1435 C CA  . TYR B 2 75  ? 6.500   4.701   -4.035  1.00 18.04 ? 76  TYR D CA  1 
ATOM   1436 C C   . TYR B 2 75  ? 7.788   5.320   -3.508  1.00 18.25 ? 76  TYR D C   1 
ATOM   1437 O O   . TYR B 2 75  ? 8.890   4.808   -3.800  1.00 18.42 ? 76  TYR D O   1 
ATOM   1438 C CB  . TYR B 2 75  ? 6.193   3.494   -3.136  1.00 17.60 ? 76  TYR D CB  1 
ATOM   1439 C CG  . TYR B 2 75  ? 4.955   2.706   -3.466  1.00 18.50 ? 76  TYR D CG  1 
ATOM   1440 C CD1 . TYR B 2 75  ? 3.771   2.912   -2.758  1.00 19.71 ? 76  TYR D CD1 1 
ATOM   1441 C CD2 . TYR B 2 75  ? 4.971   1.723   -4.445  1.00 17.48 ? 76  TYR D CD2 1 
ATOM   1442 C CE1 . TYR B 2 75  ? 2.613   2.175   -3.050  1.00 18.63 ? 76  TYR D CE1 1 
ATOM   1443 C CE2 . TYR B 2 75  ? 3.839   0.980   -4.740  1.00 18.95 ? 76  TYR D CE2 1 
ATOM   1444 C CZ  . TYR B 2 75  ? 2.664   1.209   -4.048  1.00 17.72 ? 76  TYR D CZ  1 
ATOM   1445 O OH  . TYR B 2 75  ? 1.554   0.478   -4.358  1.00 20.52 ? 76  TYR D OH  1 
ATOM   1446 N N   . ALA B 2 76  ? 7.652   6.403   -2.736  1.00 18.58 ? 77  ALA D N   1 
ATOM   1447 C CA  . ALA B 2 76  ? 8.754   6.958   -1.925  1.00 18.85 ? 77  ALA D CA  1 
ATOM   1448 C C   . ALA B 2 76  ? 8.773   6.267   -0.553  1.00 19.35 ? 77  ALA D C   1 
ATOM   1449 O O   . ALA B 2 76  ? 7.800   6.363   0.212   1.00 18.71 ? 77  ALA D O   1 
ATOM   1450 C CB  . ALA B 2 76  ? 8.603   8.487   -1.753  1.00 19.72 ? 77  ALA D CB  1 
ATOM   1451 N N   . GLY B 2 77  ? 9.867   5.567   -0.248  1.00 18.19 ? 78  GLY D N   1 
ATOM   1452 C CA  . GLY B 2 77  ? 9.924   4.732   0.953   1.00 19.60 ? 78  GLY D CA  1 
ATOM   1453 C C   . GLY B 2 77  ? 10.966  5.234   1.934   1.00 20.18 ? 78  GLY D C   1 
ATOM   1454 O O   . GLY B 2 77  ? 11.910  5.981   1.541   1.00 18.79 ? 78  GLY D O   1 
ATOM   1455 N N   . TYR B 2 78  ? 10.798  4.822   3.199   1.00 20.62 ? 79  TYR D N   1 
ATOM   1456 C CA  . TYR B 2 78  ? 11.597  5.336   4.314   1.00 21.19 ? 79  TYR D CA  1 
ATOM   1457 C C   . TYR B 2 78  ? 12.099  4.229   5.241   1.00 22.36 ? 79  TYR D C   1 
ATOM   1458 O O   . TYR B 2 78  ? 11.392  3.264   5.529   1.00 22.13 ? 79  TYR D O   1 
ATOM   1459 C CB  . TYR B 2 78  ? 10.831  6.428   5.079   1.00 20.88 ? 79  TYR D CB  1 
ATOM   1460 C CG  . TYR B 2 78  ? 10.656  7.628   4.187   1.00 21.42 ? 79  TYR D CG  1 
ATOM   1461 C CD1 . TYR B 2 78  ? 11.691  8.562   4.065   1.00 20.20 ? 79  TYR D CD1 1 
ATOM   1462 C CD2 . TYR B 2 78  ? 9.519   7.773   3.378   1.00 22.53 ? 79  TYR D CD2 1 
ATOM   1463 C CE1 . TYR B 2 78  ? 11.590  9.636   3.218   1.00 20.75 ? 79  TYR D CE1 1 
ATOM   1464 C CE2 . TYR B 2 78  ? 9.405   8.890   2.486   1.00 20.89 ? 79  TYR D CE2 1 
ATOM   1465 C CZ  . TYR B 2 78  ? 10.453  9.796   2.424   1.00 21.85 ? 79  TYR D CZ  1 
ATOM   1466 O OH  . TYR B 2 78  ? 10.428  10.888  1.578   1.00 22.71 ? 79  TYR D OH  1 
ATOM   1467 N N   . SER B 2 79  ? 13.345  4.380   5.669   1.00 23.33 ? 80  SER D N   1 
ATOM   1468 C CA  . SER B 2 79  ? 14.004  3.428   6.568   1.00 24.31 ? 80  SER D CA  1 
ATOM   1469 C C   . SER B 2 79  ? 13.340  3.414   7.936   1.00 24.42 ? 80  SER D C   1 
ATOM   1470 O O   . SER B 2 79  ? 12.907  4.461   8.440   1.00 24.31 ? 80  SER D O   1 
ATOM   1471 C CB  . SER B 2 79  ? 15.472  3.849   6.732   1.00 25.02 ? 80  SER D CB  1 
ATOM   1472 O OG  . SER B 2 79  ? 16.208  2.865   7.439   1.00 27.14 ? 80  SER D OG  1 
ATOM   1473 N N   . ASP B 2 80  ? 13.267  2.227   8.538   1.00 25.31 ? 81  ASP D N   1 
ATOM   1474 C CA  . ASP B 2 80  ? 12.793  2.068   9.915   1.00 26.28 ? 81  ASP D CA  1 
ATOM   1475 C C   . ASP B 2 80  ? 11.373  2.534   10.145  1.00 26.36 ? 81  ASP D C   1 
ATOM   1476 O O   . ASP B 2 80  ? 11.026  2.926   11.253  1.00 27.09 ? 81  ASP D O   1 
ATOM   1477 C CB  . ASP B 2 80  ? 13.709  2.793   10.898  1.00 26.63 ? 81  ASP D CB  1 
ATOM   1478 C CG  . ASP B 2 80  ? 15.028  2.092   11.063  1.00 29.65 ? 81  ASP D CG  1 
ATOM   1479 O OD1 . ASP B 2 80  ? 15.029  0.988   11.637  1.00 29.69 ? 81  ASP D OD1 1 
ATOM   1480 O OD2 . ASP B 2 80  ? 16.050  2.637   10.592  1.00 33.77 ? 81  ASP D OD2 1 
ATOM   1481 N N   . SER B 2 81  ? 10.557  2.510   9.097   1.00 25.83 ? 82  SER D N   1 
ATOM   1482 C CA  . SER B 2 81  ? 9.238   3.082   9.197   1.00 24.99 ? 82  SER D CA  1 
ATOM   1483 C C   . SER B 2 81  ? 8.380   2.605   8.050   1.00 23.97 ? 82  SER D C   1 
ATOM   1484 O O   . SER B 2 81  ? 8.866   2.427   6.936   1.00 23.95 ? 82  SER D O   1 
ATOM   1485 C CB  . SER B 2 81  ? 9.340   4.609   9.123   1.00 25.81 ? 82  SER D CB  1 
ATOM   1486 O OG  . SER B 2 81  ? 8.072   5.216   9.284   1.00 25.85 ? 82  SER D OG  1 
ATOM   1487 N N   . TRP B 2 82  ? 7.102   2.411   8.345   1.00 23.20 ? 83  TRP D N   1 
ATOM   1488 C CA  . TRP B 2 82  ? 6.084   2.230   7.322   1.00 23.04 ? 83  TRP D CA  1 
ATOM   1489 C C   . TRP B 2 82  ? 5.255   3.506   7.204   1.00 23.15 ? 83  TRP D C   1 
ATOM   1490 O O   . TRP B 2 82  ? 4.214   3.512   6.549   1.00 23.53 ? 83  TRP D O   1 
ATOM   1491 C CB  . TRP B 2 82  ? 5.151   1.067   7.679   1.00 22.62 ? 83  TRP D CB  1 
ATOM   1492 C CG  . TRP B 2 82  ? 5.787   -0.309  7.619   1.00 23.03 ? 83  TRP D CG  1 
ATOM   1493 C CD1 . TRP B 2 82  ? 5.972   -1.171  8.670   1.00 25.36 ? 83  TRP D CD1 1 
ATOM   1494 C CD2 . TRP B 2 82  ? 6.277   -0.988  6.454   1.00 22.38 ? 83  TRP D CD2 1 
ATOM   1495 N NE1 . TRP B 2 82  ? 6.550   -2.348  8.226   1.00 22.82 ? 83  TRP D NE1 1 
ATOM   1496 C CE2 . TRP B 2 82  ? 6.762   -2.251  6.875   1.00 22.98 ? 83  TRP D CE2 1 
ATOM   1497 C CE3 . TRP B 2 82  ? 6.370   -0.649  5.094   1.00 21.96 ? 83  TRP D CE3 1 
ATOM   1498 C CZ2 . TRP B 2 82  ? 7.317   -3.171  5.986   1.00 22.73 ? 83  TRP D CZ2 1 
ATOM   1499 C CZ3 . TRP B 2 82  ? 6.937   -1.561  4.211   1.00 20.94 ? 83  TRP D CZ3 1 
ATOM   1500 C CH2 . TRP B 2 82  ? 7.397   -2.810  4.660   1.00 22.30 ? 83  TRP D CH2 1 
ATOM   1501 N N   . ASN B 2 83  ? 5.671   4.573   7.878   1.00 22.64 ? 84  ASN D N   1 
ATOM   1502 C CA  . ASN B 2 83  ? 4.969   5.847   7.720   1.00 22.71 ? 84  ASN D CA  1 
ATOM   1503 C C   . ASN B 2 83  ? 5.450   6.514   6.440   1.00 22.19 ? 84  ASN D C   1 
ATOM   1504 O O   . ASN B 2 83  ? 6.273   7.418   6.488   1.00 23.16 ? 84  ASN D O   1 
ATOM   1505 C CB  . ASN B 2 83  ? 5.154   6.747   8.961   1.00 23.12 ? 84  ASN D CB  1 
ATOM   1506 C CG  . ASN B 2 83  ? 4.304   8.018   8.895   1.00 24.72 ? 84  ASN D CG  1 
ATOM   1507 O OD1 . ASN B 2 83  ? 3.305   8.090   8.157   1.00 27.46 ? 84  ASN D OD1 1 
ATOM   1508 N ND2 . ASN B 2 83  ? 4.692   9.020   9.668   1.00 25.18 ? 84  ASN D ND2 1 
ATOM   1509 N N   . TRP B 2 84  ? 5.015   6.004   5.283   1.00 21.35 ? 85  TRP D N   1 
ATOM   1510 C CA  . TRP B 2 84  ? 5.371   6.634   4.011   1.00 20.53 ? 85  TRP D CA  1 
ATOM   1511 C C   . TRP B 2 84  ? 4.289   7.676   3.729   1.00 20.52 ? 85  TRP D C   1 
ATOM   1512 O O   . TRP B 2 84  ? 3.123   7.321   3.468   1.00 19.95 ? 85  TRP D O   1 
ATOM   1513 C CB  . TRP B 2 84  ? 5.487   5.596   2.862   1.00 20.25 ? 85  TRP D CB  1 
ATOM   1514 C CG  . TRP B 2 84  ? 6.442   4.478   3.150   1.00 19.62 ? 85  TRP D CG  1 
ATOM   1515 C CD1 . TRP B 2 84  ? 7.263   4.359   4.232   1.00 19.35 ? 85  TRP D CD1 1 
ATOM   1516 C CD2 . TRP B 2 84  ? 6.692   3.322   2.333   1.00 17.52 ? 85  TRP D CD2 1 
ATOM   1517 N NE1 . TRP B 2 84  ? 8.010   3.204   4.142   1.00 19.90 ? 85  TRP D NE1 1 
ATOM   1518 C CE2 . TRP B 2 84  ? 7.681   2.553   2.986   1.00 18.37 ? 85  TRP D CE2 1 
ATOM   1519 C CE3 . TRP B 2 84  ? 6.188   2.875   1.113   1.00 19.42 ? 85  TRP D CE3 1 
ATOM   1520 C CZ2 . TRP B 2 84  ? 8.159   1.340   2.469   1.00 19.31 ? 85  TRP D CZ2 1 
ATOM   1521 C CZ3 . TRP B 2 84  ? 6.666   1.679   0.594   1.00 18.70 ? 85  TRP D CZ3 1 
ATOM   1522 C CH2 . TRP B 2 84  ? 7.645   0.918   1.276   1.00 18.74 ? 85  TRP D CH2 1 
ATOM   1523 N N   . PRO B 2 85  ? 4.652   8.961   3.797   1.00 20.55 ? 86  PRO D N   1 
ATOM   1524 C CA  . PRO B 2 85  ? 3.594   9.989   3.821   1.00 20.70 ? 86  PRO D CA  1 
ATOM   1525 C C   . PRO B 2 85  ? 3.049   10.468  2.469   1.00 20.82 ? 86  PRO D C   1 
ATOM   1526 O O   . PRO B 2 85  ? 2.069   11.239  2.446   1.00 20.51 ? 86  PRO D O   1 
ATOM   1527 C CB  . PRO B 2 85  ? 4.262   11.162  4.547   1.00 20.43 ? 86  PRO D CB  1 
ATOM   1528 C CG  . PRO B 2 85  ? 5.764   10.913  4.495   1.00 21.97 ? 86  PRO D CG  1 
ATOM   1529 C CD  . PRO B 2 85  ? 6.005   9.559   3.791   1.00 20.21 ? 86  PRO D CD  1 
ATOM   1530 N N   . TYR B 2 86  ? 3.652   10.038  1.360   1.00 20.28 ? 87  TYR D N   1 
ATOM   1531 C CA  . TYR B 2 86  ? 3.273   10.558  0.055   1.00 20.37 ? 87  TYR D CA  1 
ATOM   1532 C C   . TYR B 2 86  ? 2.595   9.521   -0.808  1.00 20.52 ? 87  TYR D C   1 
ATOM   1533 O O   . TYR B 2 86  ? 2.974   8.347   -0.780  1.00 20.21 ? 87  TYR D O   1 
ATOM   1534 C CB  . TYR B 2 86  ? 4.491   11.109  -0.687  1.00 20.17 ? 87  TYR D CB  1 
ATOM   1535 C CG  . TYR B 2 86  ? 5.294   11.996  0.195   1.00 20.14 ? 87  TYR D CG  1 
ATOM   1536 C CD1 . TYR B 2 86  ? 4.802   13.245  0.592   1.00 20.98 ? 87  TYR D CD1 1 
ATOM   1537 C CD2 . TYR B 2 86  ? 6.533   11.584  0.680   1.00 20.37 ? 87  TYR D CD2 1 
ATOM   1538 C CE1 . TYR B 2 86  ? 5.535   14.062  1.445   1.00 20.11 ? 87  TYR D CE1 1 
ATOM   1539 C CE2 . TYR B 2 86  ? 7.271   12.388  1.523   1.00 19.99 ? 87  TYR D CE2 1 
ATOM   1540 C CZ  . TYR B 2 86  ? 6.776   13.631  1.882   1.00 19.79 ? 87  TYR D CZ  1 
ATOM   1541 O OH  . TYR B 2 86  ? 7.521   14.406  2.726   1.00 18.68 ? 87  TYR D OH  1 
ATOM   1542 N N   . SER B 2 87  ? 1.593   9.967   -1.561  1.00 19.94 ? 88  SER D N   1 
ATOM   1543 C CA  . SER B 2 87  ? 0.923   9.145   -2.531  1.00 19.98 ? 88  SER D CA  1 
ATOM   1544 C C   . SER B 2 87  ? 1.889   8.672   -3.609  1.00 20.06 ? 88  SER D C   1 
ATOM   1545 O O   . SER B 2 87  ? 2.733   9.435   -4.081  1.00 20.01 ? 88  SER D O   1 
ATOM   1546 C CB  . SER B 2 87  ? -0.251  9.898   -3.156  1.00 20.33 ? 88  SER D CB  1 
ATOM   1547 O OG  . SER B 2 87  ? -1.302  10.022  -2.198  1.00 21.16 ? 88  SER D OG  1 
ATOM   1548 N N   . PRO B 2 88  ? 1.782   7.387   -3.982  1.00 19.76 ? 89  PRO D N   1 
ATOM   1549 C CA  . PRO B 2 88  ? 2.638   6.908   -5.037  1.00 19.69 ? 89  PRO D CA  1 
ATOM   1550 C C   . PRO B 2 88  ? 2.163   7.469   -6.378  1.00 19.88 ? 89  PRO D C   1 
ATOM   1551 O O   . PRO B 2 88  ? 1.049   7.978   -6.471  1.00 19.98 ? 89  PRO D O   1 
ATOM   1552 C CB  . PRO B 2 88  ? 2.447   5.396   -4.959  1.00 19.60 ? 89  PRO D CB  1 
ATOM   1553 C CG  . PRO B 2 88  ? 1.098   5.202   -4.503  1.00 20.88 ? 89  PRO D CG  1 
ATOM   1554 C CD  . PRO B 2 88  ? 0.859   6.344   -3.506  1.00 19.37 ? 89  PRO D CD  1 
ATOM   1555 N N   . ILE B 2 89  ? 3.001   7.384   -7.406  1.00 19.98 ? 90  ILE D N   1 
ATOM   1556 C CA  . ILE B 2 89  ? 2.598   7.817   -8.735  1.00 20.82 ? 90  ILE D CA  1 
ATOM   1557 C C   . ILE B 2 89  ? 2.564   6.609   -9.666  1.00 21.84 ? 90  ILE D C   1 
ATOM   1558 O O   . ILE B 2 89  ? 3.376   5.690   -9.532  1.00 21.41 ? 90  ILE D O   1 
ATOM   1559 C CB  . ILE B 2 89  ? 3.534   8.916   -9.288  1.00 20.88 ? 90  ILE D CB  1 
ATOM   1560 C CG1 . ILE B 2 89  ? 3.074   9.336   -10.695 1.00 21.62 ? 90  ILE D CG1 1 
ATOM   1561 C CG2 . ILE B 2 89  ? 5.009   8.446   -9.274  1.00 17.23 ? 90  ILE D CG2 1 
ATOM   1562 C CD1 . ILE B 2 89  ? 3.521   10.728  -11.129 1.00 23.01 ? 90  ILE D CD1 1 
ATOM   1563 N N   . SER B 2 90  ? 1.620   6.602   -10.602 1.00 23.08 ? 91  SER D N   1 
ATOM   1564 C CA  . SER B 2 90  ? 1.518   5.466   -11.507 1.00 25.31 ? 91  SER D CA  1 
ATOM   1565 C C   . SER B 2 90  ? 1.186   5.862   -12.938 1.00 25.44 ? 91  SER D C   1 
ATOM   1566 O O   . SER B 2 90  ? 0.557   6.893   -13.195 1.00 24.40 ? 91  SER D O   1 
ATOM   1567 C CB  . SER B 2 90  ? 0.510   4.449   -10.974 1.00 25.31 ? 91  SER D CB  1 
ATOM   1568 O OG  . SER B 2 90  ? -0.773  5.034   -10.898 1.00 31.04 ? 91  SER D OG  1 
ATOM   1569 N N   . ILE B 2 91  ? 1.642   5.038   -13.870 1.00 27.09 ? 92  ILE D N   1 
ATOM   1570 C CA  . ILE B 2 91  ? 1.325   5.231   -15.283 1.00 28.98 ? 92  ILE D CA  1 
ATOM   1571 C C   . ILE B 2 91  ? 0.983   3.906   -15.915 1.00 30.26 ? 92  ILE D C   1 
ATOM   1572 O O   . ILE B 2 91  ? 1.246   2.839   -15.341 1.00 29.52 ? 92  ILE D O   1 
ATOM   1573 C CB  . ILE B 2 91  ? 2.470   5.920   -16.107 1.00 29.21 ? 92  ILE D CB  1 
ATOM   1574 C CG1 . ILE B 2 91  ? 3.771   5.105   -16.036 1.00 30.36 ? 92  ILE D CG1 1 
ATOM   1575 C CG2 . ILE B 2 91  ? 2.625   7.398   -15.725 1.00 29.84 ? 92  ILE D CG2 1 
ATOM   1576 C CD1 . ILE B 2 91  ? 4.916   5.632   -16.911 1.00 30.94 ? 92  ILE D CD1 1 
ATOM   1577 N N   . ASN B 2 92  ? 0.366   3.989   -17.090 1.00 31.86 ? 93  ASN D N   1 
ATOM   1578 C CA  . ASN B 2 92  ? 0.108   2.831   -17.933 1.00 34.04 ? 93  ASN D CA  1 
ATOM   1579 C C   . ASN B 2 92  ? 0.879   2.973   -19.224 1.00 34.19 ? 93  ASN D C   1 
ATOM   1580 O O   . ASN B 2 92  ? 1.030   4.085   -19.751 1.00 34.23 ? 93  ASN D O   1 
ATOM   1581 C CB  . ASN B 2 92  ? -1.382  2.706   -18.234 1.00 35.18 ? 93  ASN D CB  1 
ATOM   1582 C CG  . ASN B 2 92  ? -2.174  2.191   -17.048 1.00 38.31 ? 93  ASN D CG  1 
ATOM   1583 O OD1 . ASN B 2 92  ? -1.637  1.517   -16.162 1.00 41.08 ? 93  ASN D OD1 1 
ATOM   1584 N ND2 . ASN B 2 92  ? -3.467  2.503   -17.026 1.00 41.90 ? 93  ASN D ND2 1 
ATOM   1585 N N   . TYR B 2 93  ? 1.407   1.856   -19.709 1.00 34.67 ? 94  TYR D N   1 
ATOM   1586 C CA  . TYR B 2 93  ? 2.178   1.864   -20.926 1.00 35.61 ? 94  TYR D CA  1 
ATOM   1587 C C   . TYR B 2 93  ? 2.091   0.498   -21.603 1.00 36.24 ? 94  TYR D C   1 
ATOM   1588 O O   . TYR B 2 93  ? 2.167   -0.541  -20.945 1.00 36.54 ? 94  TYR D O   1 
ATOM   1589 C CB  . TYR B 2 93  ? 3.635   2.260   -20.648 1.00 35.56 ? 94  TYR D CB  1 
ATOM   1590 C CG  . TYR B 2 93  ? 4.387   2.696   -21.886 1.00 36.89 ? 94  TYR D CG  1 
ATOM   1591 C CD1 . TYR B 2 93  ? 4.478   4.048   -22.245 1.00 38.07 ? 94  TYR D CD1 1 
ATOM   1592 C CD2 . TYR B 2 93  ? 4.990   1.751   -22.724 1.00 37.63 ? 94  TYR D CD2 1 
ATOM   1593 C CE1 . TYR B 2 93  ? 5.174   4.439   -23.405 1.00 39.46 ? 94  TYR D CE1 1 
ATOM   1594 C CE2 . TYR B 2 93  ? 5.667   2.130   -23.877 1.00 38.97 ? 94  TYR D CE2 1 
ATOM   1595 C CZ  . TYR B 2 93  ? 5.759   3.467   -24.212 1.00 40.01 ? 94  TYR D CZ  1 
ATOM   1596 O OH  . TYR B 2 93  ? 6.441   3.809   -25.361 1.00 43.78 ? 94  TYR D OH  1 
ATOM   1597 N N   . ARG B 2 94  ? 1.916   0.521   -22.921 1.00 37.30 ? 95  ARG D N   1 
ATOM   1598 C CA  . ARG B 2 94  ? 1.888   -0.693  -23.736 1.00 38.48 ? 95  ARG D CA  1 
ATOM   1599 C C   . ARG B 2 94  ? 3.157   -0.780  -24.582 1.00 38.34 ? 95  ARG D C   1 
ATOM   1600 O O   . ARG B 2 94  ? 3.438   0.138   -25.344 1.00 38.42 ? 95  ARG D O   1 
ATOM   1601 C CB  . ARG B 2 94  ? 0.645   -0.665  -24.642 1.00 38.90 ? 95  ARG D CB  1 
ATOM   1602 C CG  . ARG B 2 94  ? 0.437   -1.900  -25.502 1.00 40.96 ? 95  ARG D CG  1 
ATOM   1603 C CD  . ARG B 2 94  ? -0.756  -1.727  -26.426 1.00 43.99 ? 95  ARG D CD  1 
ATOM   1604 N NE  . ARG B 2 94  ? -0.955  -2.919  -27.255 1.00 49.03 ? 95  ARG D NE  1 
ATOM   1605 C CZ  . ARG B 2 94  ? -1.870  -3.865  -27.026 1.00 51.37 ? 95  ARG D CZ  1 
ATOM   1606 N NH1 . ARG B 2 94  ? -1.963  -4.914  -27.839 1.00 50.49 ? 95  ARG D NH1 1 
ATOM   1607 N NH2 . ARG B 2 94  ? -2.700  -3.765  -25.988 1.00 53.43 ? 95  ARG D NH2 1 
ATOM   1608 N N   . THR B 2 95  ? 3.916   -1.870  -24.441 1.00 38.41 ? 96  THR D N   1 
ATOM   1609 C CA  . THR B 2 95  ? 5.087   -2.124  -25.293 1.00 39.14 ? 96  THR D CA  1 
ATOM   1610 C C   . THR B 2 95  ? 4.670   -2.567  -26.705 1.00 38.95 ? 96  THR D C   1 
ATOM   1611 O O   . THR B 2 95  ? 3.478   -2.727  -26.988 1.00 38.77 ? 96  THR D O   1 
ATOM   1612 C CB  . THR B 2 95  ? 6.033   -3.212  -24.709 1.00 39.37 ? 96  THR D CB  1 
ATOM   1613 O OG1 . THR B 2 95  ? 5.265   -4.370  -24.358 1.00 41.07 ? 96  THR D OG1 1 
ATOM   1614 C CG2 . THR B 2 95  ? 6.771   -2.699  -23.471 1.00 39.31 ? 96  THR D CG2 1 
HETATM 1615 S S   . SO4 C 3 .   ? -6.454  6.661   4.386   1.00 23.59 ? 1   SO4 A S   1 
HETATM 1616 O O1  . SO4 C 3 .   ? -5.310  7.152   5.161   1.00 38.60 ? 1   SO4 A O1  1 
HETATM 1617 O O2  . SO4 C 3 .   ? -7.505  6.123   5.240   1.00 39.33 ? 1   SO4 A O2  1 
HETATM 1618 O O3  . SO4 C 3 .   ? -7.009  7.708   3.541   1.00 40.44 ? 1   SO4 A O3  1 
HETATM 1619 O O4  . SO4 C 3 .   ? -6.087  5.580   3.485   1.00 37.37 ? 1   SO4 A O4  1 
HETATM 1620 O O   . HOH D 4 .   ? -21.933 2.535   20.153  1.00 20.35 ? 3   HOH A O   1 
HETATM 1621 O O   . HOH D 4 .   ? 4.109   -5.499  7.778   1.00 29.66 ? 5   HOH A O   1 
HETATM 1622 O O   . HOH D 4 .   ? -19.055 -1.818  11.172  1.00 18.88 ? 6   HOH A O   1 
HETATM 1623 O O   . HOH D 4 .   ? -9.715  4.365   -0.511  1.00 18.44 ? 7   HOH A O   1 
HETATM 1624 O O   . HOH D 4 .   ? -10.119 -19.181 1.256   1.00 25.87 ? 9   HOH A O   1 
HETATM 1625 O O   . HOH D 4 .   ? 2.598   -8.046  2.307   1.00 27.11 ? 10  HOH A O   1 
HETATM 1626 O O   . HOH D 4 .   ? -21.709 7.764   18.695  1.00 23.90 ? 11  HOH A O   1 
HETATM 1627 O O   . HOH D 4 .   ? -19.153 -6.371  21.009  1.00 34.30 ? 12  HOH A O   1 
HETATM 1628 O O   . HOH D 4 .   ? -24.590 6.898   18.048  1.00 26.14 ? 13  HOH A O   1 
HETATM 1629 O O   . HOH D 4 .   ? -4.960  5.066   10.282  1.00 25.31 ? 14  HOH A O   1 
HETATM 1630 O O   . HOH D 4 .   ? -1.851  7.550   5.944   1.00 20.82 ? 15  HOH A O   1 
HETATM 1631 O O   . HOH D 4 .   ? -9.278  -6.371  19.876  1.00 20.30 ? 17  HOH A O   1 
HETATM 1632 O O   . HOH D 4 .   ? -24.149 0.535   20.905  1.00 22.45 ? 18  HOH A O   1 
HETATM 1633 O O   . HOH D 4 .   ? -15.859 4.454   7.989   1.00 29.97 ? 21  HOH A O   1 
HETATM 1634 O O   . HOH D 4 .   ? -7.577  -8.319  20.376  1.00 26.29 ? 25  HOH A O   1 
HETATM 1635 O O   . HOH D 4 .   ? -18.835 -12.852 10.776  1.00 40.29 ? 26  HOH A O   1 
HETATM 1636 O O   . HOH D 4 .   ? -8.467  -12.430 -6.606  1.00 24.78 ? 28  HOH A O   1 
HETATM 1637 O O   . HOH D 4 .   ? -14.421 4.976   5.637   1.00 27.45 ? 29  HOH A O   1 
HETATM 1638 O O   . HOH D 4 .   ? -2.566  4.828   9.168   1.00 21.65 ? 30  HOH A O   1 
HETATM 1639 O O   . HOH D 4 .   ? -9.832  6.448   12.418  1.00 41.98 ? 31  HOH A O   1 
HETATM 1640 O O   . HOH D 4 .   ? -4.440  -13.353 14.047  1.00 19.01 ? 33  HOH A O   1 
HETATM 1641 O O   . HOH D 4 .   ? -0.535  -14.451 17.377  1.00 35.12 ? 34  HOH A O   1 
HETATM 1642 O O   . HOH D 4 .   ? -2.657  5.609   -4.441  1.00 33.18 ? 37  HOH A O   1 
HETATM 1643 O O   . HOH D 4 .   ? -5.244  7.698   9.227   1.00 29.17 ? 39  HOH A O   1 
HETATM 1644 O O   . HOH D 4 .   ? -0.110  -8.582  22.395  1.00 26.69 ? 41  HOH A O   1 
HETATM 1645 O O   . HOH D 4 .   ? -13.136 8.211   12.962  1.00 34.94 ? 42  HOH A O   1 
HETATM 1646 O O   . HOH D 4 .   ? -1.520  -2.389  -4.161  1.00 28.15 ? 44  HOH A O   1 
HETATM 1647 O O   . HOH D 4 .   ? -0.913  -1.495  23.026  1.00 28.34 ? 45  HOH A O   1 
HETATM 1648 O O   . HOH D 4 .   ? -26.619 4.441   13.866  1.00 30.52 ? 46  HOH A O   1 
HETATM 1649 O O   . HOH D 4 .   ? 5.970   2.540   11.015  1.00 23.32 ? 47  HOH A O   1 
HETATM 1650 O O   . HOH D 4 .   ? 3.124   -6.252  13.128  1.00 30.43 ? 49  HOH A O   1 
HETATM 1651 O O   . HOH D 4 .   ? -23.106 -7.056  3.600   1.00 27.66 ? 51  HOH A O   1 
HETATM 1652 O O   . HOH D 4 .   ? -13.354 -10.847 -2.252  1.00 28.94 ? 53  HOH A O   1 
HETATM 1653 O O   . HOH D 4 .   ? -1.332  7.148   8.697   1.00 35.29 ? 54  HOH A O   1 
HETATM 1654 O O   . HOH D 4 .   ? -5.340  0.981   -5.410  1.00 27.04 ? 56  HOH A O   1 
HETATM 1655 O O   . HOH D 4 .   ? -17.441 -10.296 15.885  1.00 26.87 ? 57  HOH A O   1 
HETATM 1656 O O   . HOH D 4 .   ? -21.426 -10.779 13.075  1.00 26.69 ? 59  HOH A O   1 
HETATM 1657 O O   . HOH D 4 .   ? -3.315  -11.417 1.672   1.00 27.10 ? 60  HOH A O   1 
HETATM 1658 O O   . HOH D 4 .   ? 1.933   -7.334  20.301  1.00 31.25 ? 61  HOH A O   1 
HETATM 1659 O O   . HOH D 4 .   ? 14.312  -4.712  5.531   1.00 24.73 ? 62  HOH A O   1 
HETATM 1660 O O   . HOH D 4 .   ? 10.070  4.732   21.756  1.00 28.11 ? 65  HOH A O   1 
HETATM 1661 O O   . HOH D 4 .   ? -11.834 -2.732  -7.670  1.00 29.57 ? 66  HOH A O   1 
HETATM 1662 O O   . HOH D 4 .   ? 4.823   -0.551  16.237  1.00 34.54 ? 67  HOH A O   1 
HETATM 1663 O O   . HOH D 4 .   ? 1.398   -11.421 13.529  1.00 31.56 ? 68  HOH A O   1 
HETATM 1664 O O   . HOH D 4 .   ? -27.405 2.305   14.982  1.00 38.02 ? 69  HOH A O   1 
HETATM 1665 O O   . HOH D 4 .   ? -14.853 -0.072  23.079  1.00 43.28 ? 70  HOH A O   1 
HETATM 1666 O O   . HOH D 4 .   ? -14.226 8.333   15.357  1.00 24.93 ? 72  HOH A O   1 
HETATM 1667 O O   . HOH D 4 .   ? -14.975 -12.041 17.638  1.00 33.39 ? 73  HOH A O   1 
HETATM 1668 O O   . HOH D 4 .   ? 18.721  5.070   1.656   1.00 41.00 ? 74  HOH A O   1 
HETATM 1669 O O   . HOH D 4 .   ? -11.114 -12.830 10.887  1.00 41.43 ? 75  HOH A O   1 
HETATM 1670 O O   . HOH D 4 .   ? 3.111   -9.214  18.489  1.00 45.77 ? 76  HOH A O   1 
HETATM 1671 O O   . HOH D 4 .   ? -12.695 3.043   22.141  1.00 35.35 ? 77  HOH A O   1 
HETATM 1672 O O   . HOH D 4 .   ? 14.544  -1.793  9.673   1.00 37.31 ? 78  HOH A O   1 
HETATM 1673 O O   . HOH D 4 .   ? -26.174 -0.407  15.246  1.00 38.15 ? 80  HOH A O   1 
HETATM 1674 O O   . HOH D 4 .   ? 9.041   -6.263  1.037   1.00 58.06 ? 81  HOH A O   1 
HETATM 1675 O O   . HOH D 4 .   ? -2.835  -14.083 3.094   1.00 42.26 ? 82  HOH A O   1 
HETATM 1676 O O   . HOH D 4 .   ? 2.402   -11.330 19.698  1.00 35.28 ? 84  HOH A O   1 
HETATM 1677 O O   . HOH D 4 .   ? -17.880 -14.760 12.745  1.00 32.33 ? 87  HOH A O   1 
HETATM 1678 O O   . HOH D 4 .   ? -17.800 8.589   15.873  1.00 32.86 ? 89  HOH A O   1 
HETATM 1679 O O   . HOH D 4 .   ? -7.397  -7.945  -6.609  1.00 33.24 ? 91  HOH A O   1 
HETATM 1680 O O   . HOH D 4 .   ? 2.748   12.351  18.438  1.00 42.26 ? 92  HOH A O   1 
HETATM 1681 O O   . HOH D 4 .   ? -8.853  8.652   7.756   1.00 38.17 ? 95  HOH A O   1 
HETATM 1682 O O   . HOH D 4 .   ? -23.939 9.361   19.813  1.00 35.10 ? 96  HOH A O   1 
HETATM 1683 O O   . HOH D 4 .   ? -8.131  -12.737 14.406  1.00 35.57 ? 97  HOH A O   1 
HETATM 1684 O O   . HOH D 4 .   ? -12.183 -9.236  21.340  1.00 34.95 ? 98  HOH A O   1 
HETATM 1685 O O   . HOH D 4 .   ? 0.280   2.059   19.386  1.00 31.95 ? 101 HOH A O   1 
HETATM 1686 O O   . HOH D 4 .   ? -9.873  -12.778 8.092   1.00 33.98 ? 102 HOH A O   1 
HETATM 1687 O O   . HOH D 4 .   ? -9.970  4.299   14.866  1.00 33.42 ? 103 HOH A O   1 
HETATM 1688 O O   . HOH D 4 .   ? -9.175  -10.503 20.731  1.00 31.27 ? 104 HOH A O   1 
HETATM 1689 O O   . HOH D 4 .   ? 18.647  2.416   -0.996  1.00 33.53 ? 106 HOH A O   1 
HETATM 1690 O O   . HOH D 4 .   ? -2.610  7.277   -1.472  1.00 36.50 ? 107 HOH A O   1 
HETATM 1691 O O   . HOH D 4 .   ? -4.937  -8.890  -7.289  1.00 39.27 ? 108 HOH A O   1 
HETATM 1692 O O   . HOH D 4 .   ? 3.765   -12.734 7.634   1.00 33.64 ? 112 HOH A O   1 
HETATM 1693 O O   . HOH D 4 .   ? -17.625 -13.216 0.913   1.00 39.32 ? 114 HOH A O   1 
HETATM 1694 O O   . HOH D 4 .   ? -6.415  -7.970  22.530  1.00 30.82 ? 115 HOH A O   1 
HETATM 1695 O O   . HOH D 4 .   ? 1.008   5.054   16.307  1.00 45.14 ? 116 HOH A O   1 
HETATM 1696 O O   . HOH D 4 .   ? -26.828 -3.518  8.297   1.00 52.11 ? 118 HOH A O   1 
HETATM 1697 O O   . HOH D 4 .   ? -10.274 -13.979 -3.364  1.00 33.79 ? 120 HOH A O   1 
HETATM 1698 O O   . HOH D 4 .   ? 16.607  -4.008  4.017   1.00 36.03 ? 123 HOH A O   1 
HETATM 1699 O O   . HOH D 4 .   ? -15.014 9.636   19.188  1.00 42.38 ? 125 HOH A O   1 
HETATM 1700 O O   . HOH D 4 .   ? 9.857   -9.161  4.288   1.00 40.16 ? 126 HOH A O   1 
HETATM 1701 O O   . HOH D 4 .   ? -29.978 -1.809  8.130   1.00 37.79 ? 127 HOH A O   1 
HETATM 1702 O O   . HOH D 4 .   ? -8.386  6.178   7.050   1.00 25.76 ? 252 HOH A O   1 
HETATM 1703 O O   . HOH D 4 .   ? 4.335   -4.957  10.279  1.00 36.52 ? 253 HOH A O   1 
HETATM 1704 O O   . HOH D 4 .   ? -3.519  3.730   17.508  1.00 57.44 ? 254 HOH A O   1 
HETATM 1705 O O   . HOH E 4 .   ? 1.268   13.099  -1.761  1.00 14.50 ? 1   HOH D O   1 
HETATM 1706 O O   . HOH E 4 .   ? 5.630   7.998   0.638   1.00 18.29 ? 97  HOH D O   1 
HETATM 1707 O O   . HOH E 4 .   ? 11.986  13.877  4.198   1.00 23.50 ? 98  HOH D O   1 
HETATM 1708 O O   . HOH E 4 .   ? 20.059  7.542   -1.659  1.00 37.40 ? 99  HOH D O   1 
HETATM 1709 O O   . HOH E 4 .   ? 8.828   8.662   8.119   1.00 43.25 ? 100 HOH D O   1 
HETATM 1710 O O   . HOH E 4 .   ? 5.079   7.602   -2.727  1.00 21.34 ? 101 HOH D O   1 
HETATM 1711 O O   . HOH E 4 .   ? 9.500   13.494  4.282   1.00 26.11 ? 102 HOH D O   1 
HETATM 1712 O O   . HOH E 4 .   ? 12.863  -5.314  -13.885 1.00 31.45 ? 103 HOH D O   1 
HETATM 1713 O O   . HOH E 4 .   ? 8.798   14.652  -7.130  1.00 46.78 ? 104 HOH D O   1 
HETATM 1714 O O   . HOH E 4 .   ? -1.197  1.784   -9.344  1.00 37.91 ? 105 HOH D O   1 
HETATM 1715 O O   . HOH E 4 .   ? 15.928  5.467   -17.456 1.00 28.22 ? 106 HOH D O   1 
HETATM 1716 O O   . HOH E 4 .   ? 19.094  8.470   -11.635 1.00 32.53 ? 107 HOH D O   1 
HETATM 1717 O O   . HOH E 4 .   ? -0.699  1.921   -5.011  1.00 26.25 ? 108 HOH D O   1 
HETATM 1718 O O   . HOH E 4 .   ? 2.683   2.693   -26.375 1.00 47.22 ? 109 HOH D O   1 
HETATM 1719 O O   . HOH E 4 .   ? 1.203   2.833   -24.281 1.00 39.91 ? 110 HOH D O   1 
HETATM 1720 O O   . HOH E 4 .   ? 18.172  9.245   0.181   1.00 37.79 ? 111 HOH D O   1 
HETATM 1721 O O   . HOH E 4 .   ? 2.121   -1.324  -10.560 1.00 27.67 ? 112 HOH D O   1 
HETATM 1722 O O   . HOH E 4 .   ? 14.379  7.893   7.490   1.00 41.60 ? 113 HOH D O   1 
HETATM 1723 O O   . HOH E 4 .   ? 10.532  -8.498  -15.358 1.00 32.94 ? 114 HOH D O   1 
HETATM 1724 O O   . HOH E 4 .   ? -0.548  8.679   -10.387 1.00 28.52 ? 115 HOH D O   1 
HETATM 1725 O O   . HOH E 4 .   ? -2.684  0.097   -5.144  1.00 37.32 ? 116 HOH D O   1 
HETATM 1726 O O   . HOH E 4 .   ? 5.175   7.975   -20.160 1.00 39.19 ? 117 HOH D O   1 
HETATM 1727 O O   . HOH E 4 .   ? 0.305   10.868  4.729   1.00 31.76 ? 118 HOH D O   1 
HETATM 1728 O O   . HOH E 4 .   ? 10.315  12.749  -15.697 1.00 45.40 ? 119 HOH D O   1 
HETATM 1729 O O   . HOH E 4 .   ? 17.389  4.525   9.520   1.00 35.64 ? 120 HOH D O   1 
HETATM 1730 O O   . HOH E 4 .   ? -0.875  16.007  -10.181 1.00 43.53 ? 121 HOH D O   1 
HETATM 1731 O O   . HOH E 4 .   ? 3.982   9.980   -18.165 1.00 34.94 ? 122 HOH D O   1 
HETATM 1732 O O   . HOH E 4 .   ? 15.113  18.876  1.587   1.00 23.68 ? 123 HOH D O   1 
HETATM 1733 O O   . HOH E 4 .   ? 1.615   13.509  -9.505  1.00 40.06 ? 124 HOH D O   1 
HETATM 1734 O O   . HOH E 4 .   ? -1.055  10.226  0.763   1.00 25.07 ? 125 HOH D O   1 
HETATM 1735 O O   . HOH E 4 .   ? 1.748   -1.280  -6.306  1.00 24.80 ? 126 HOH D O   1 
HETATM 1736 O O   . HOH E 4 .   ? 1.666   14.189  2.375   1.00 28.52 ? 127 HOH D O   1 
HETATM 1737 O O   . HOH E 4 .   ? 1.013   9.867   -13.633 1.00 38.94 ? 128 HOH D O   1 
HETATM 1738 O O   . HOH E 4 .   ? -7.940  13.569  -9.154  1.00 48.38 ? 129 HOH D O   1 
HETATM 1739 O O   . HOH E 4 .   ? 19.549  1.977   -9.406  1.00 31.84 ? 130 HOH D O   1 
HETATM 1740 O O   . HOH E 4 .   ? 16.168  11.926  -1.657  1.00 31.68 ? 131 HOH D O   1 
HETATM 1741 O O   . HOH E 4 .   ? 17.686  7.398   6.236   1.00 36.92 ? 132 HOH D O   1 
HETATM 1742 O O   . HOH E 4 .   ? 15.569  -4.251  -5.392  1.00 29.15 ? 133 HOH D O   1 
HETATM 1743 O O   . HOH E 4 .   ? 3.090   14.317  -12.192 1.00 38.22 ? 134 HOH D O   1 
HETATM 1744 O O   . HOH E 4 .   ? 1.533   6.273   9.537   1.00 42.79 ? 135 HOH D O   1 
HETATM 1745 O O   . HOH E 4 .   ? 3.443   11.117  -14.642 1.00 31.69 ? 136 HOH D O   1 
HETATM 1746 O O   . HOH E 4 .   ? -2.695  12.616  -1.792  1.00 40.54 ? 137 HOH D O   1 
HETATM 1747 O O   . HOH E 4 .   ? 15.313  11.376  -6.824  1.00 40.87 ? 138 HOH D O   1 
HETATM 1748 O O   . HOH E 4 .   ? 10.645  4.911   -26.520 1.00 36.47 ? 139 HOH D O   1 
HETATM 1749 O O   . HOH E 4 .   ? 17.294  -0.068  -12.772 1.00 31.50 ? 140 HOH D O   1 
HETATM 1750 O O   . HOH E 4 .   ? 18.393  4.031   -14.300 1.00 33.24 ? 141 HOH D O   1 
HETATM 1751 O O   . HOH E 4 .   ? 18.480  3.369   -11.416 1.00 43.58 ? 142 HOH D O   1 
HETATM 1752 O O   . HOH E 4 .   ? 18.276  9.143   2.863   1.00 33.48 ? 143 HOH D O   1 
HETATM 1753 O O   . HOH E 4 .   ? 9.479   -9.288  -7.869  1.00 42.58 ? 144 HOH D O   1 
# 
loop_
_pdbx_poly_seq_scheme.asym_id 
_pdbx_poly_seq_scheme.entity_id 
_pdbx_poly_seq_scheme.seq_id 
_pdbx_poly_seq_scheme.mon_id 
_pdbx_poly_seq_scheme.ndb_seq_num 
_pdbx_poly_seq_scheme.pdb_seq_num 
_pdbx_poly_seq_scheme.auth_seq_num 
_pdbx_poly_seq_scheme.pdb_mon_id 
_pdbx_poly_seq_scheme.auth_mon_id 
_pdbx_poly_seq_scheme.pdb_strand_id 
_pdbx_poly_seq_scheme.pdb_ins_code 
_pdbx_poly_seq_scheme.hetero 
A 1 1   GLY 1   129 ?   ?   ?   A . n 
A 1 2   SER 2   130 ?   ?   ?   A . n 
A 1 3   PRO 3   131 ?   ?   ?   A . n 
A 1 4   SER 4   132 ?   ?   ?   A . n 
A 1 5   ASN 5   133 ?   ?   ?   A . n 
A 1 6   TYR 6   134 134 TYR TYR A . n 
A 1 7   ILE 7   135 135 ILE ILE A . n 
A 1 8   THR 8   136 136 THR THR A . n 
A 1 9   PRO 9   137 137 PRO PRO A . n 
A 1 10  VAL 10  138 138 VAL VAL A . n 
A 1 11  ASN 11  139 139 ASN ASN A . n 
A 1 12  SER 12  140 140 SER SER A . n 
A 1 13  LEU 13  141 141 LEU LEU A . n 
A 1 14  GLU 14  142 142 GLU GLU A . n 
A 1 15  LYS 15  143 143 LYS LYS A . n 
A 1 16  HIS 16  144 144 HIS HIS A . n 
A 1 17  SER 17  145 145 SER SER A . n 
A 1 18  TRP 18  146 146 TRP TRP A . n 
A 1 19  TYR 19  147 147 TYR TYR A . n 
A 1 20  HIS 20  148 148 HIS HIS A . n 
A 1 21  GLY 21  149 149 GLY GLY A . n 
A 1 22  PRO 22  150 150 PRO PRO A . n 
A 1 23  VAL 23  151 151 VAL VAL A . n 
A 1 24  SER 24  152 152 SER SER A . n 
A 1 25  ARG 25  153 153 ARG ARG A . n 
A 1 26  ASN 26  154 154 ASN ASN A . n 
A 1 27  ALA 27  155 155 ALA ALA A . n 
A 1 28  ALA 28  156 156 ALA ALA A . n 
A 1 29  GLU 29  157 157 GLU GLU A . n 
A 1 30  TYR 30  158 158 TYR TYR A . n 
A 1 31  LEU 31  159 159 LEU LEU A . n 
A 1 32  LEU 32  160 160 LEU LEU A . n 
A 1 33  SER 33  161 161 SER SER A . n 
A 1 34  SER 34  162 162 SER SER A . n 
A 1 35  GLY 35  163 163 GLY GLY A . n 
A 1 36  ILE 36  164 164 ILE ILE A . n 
A 1 37  ASN 37  165 165 ASN ASN A . n 
A 1 38  GLY 38  166 166 GLY GLY A . n 
A 1 39  SER 39  167 167 SER SER A . n 
A 1 40  PHE 40  168 168 PHE PHE A . n 
A 1 41  LEU 41  169 169 LEU LEU A . n 
A 1 42  VAL 42  170 170 VAL VAL A . n 
A 1 43  ARG 43  171 171 ARG ARG A . n 
A 1 44  GLU 44  172 172 GLU GLU A . n 
A 1 45  SER 45  173 173 SER SER A . n 
A 1 46  GLU 46  174 174 GLU GLU A . n 
A 1 47  SER 47  175 175 SER SER A . n 
A 1 48  SER 48  176 176 SER SER A . n 
A 1 49  PRO 49  177 177 PRO PRO A . n 
A 1 50  GLY 50  178 178 GLY GLY A . n 
A 1 51  GLN 51  179 179 GLN GLN A . n 
A 1 52  ARG 52  180 180 ARG ARG A . n 
A 1 53  SER 53  181 181 SER SER A . n 
A 1 54  ILE 54  182 182 ILE ILE A . n 
A 1 55  SER 55  183 183 SER SER A . n 
A 1 56  LEU 56  184 184 LEU LEU A . n 
A 1 57  ARG 57  185 185 ARG ARG A . n 
A 1 58  TYR 58  186 186 TYR TYR A . n 
A 1 59  GLU 59  187 187 GLU GLU A . n 
A 1 60  GLY 60  188 188 GLY GLY A . n 
A 1 61  ARG 61  189 189 ARG ARG A . n 
A 1 62  VAL 62  190 190 VAL VAL A . n 
A 1 63  TYR 63  191 191 TYR TYR A . n 
A 1 64  HIS 64  192 192 HIS HIS A . n 
A 1 65  TYR 65  193 193 TYR TYR A . n 
A 1 66  ARG 66  194 194 ARG ARG A . n 
A 1 67  ILE 67  195 195 ILE ILE A . n 
A 1 68  ASN 68  196 196 ASN ASN A . n 
A 1 69  THR 69  197 197 THR THR A . n 
A 1 70  ALA 70  198 198 ALA ALA A . n 
A 1 71  SER 71  199 199 SER SER A . n 
A 1 72  ASP 72  200 200 ASP ASP A . n 
A 1 73  GLY 73  201 201 GLY GLY A . n 
A 1 74  LYS 74  202 202 LYS LYS A . n 
A 1 75  LEU 75  203 203 LEU LEU A . n 
A 1 76  TYR 76  204 204 TYR TYR A . n 
A 1 77  VAL 77  205 205 VAL VAL A . n 
A 1 78  SER 78  206 206 SER SER A . n 
A 1 79  SER 79  207 207 SER SER A . n 
A 1 80  GLU 80  208 208 GLU GLU A . n 
A 1 81  SER 81  209 209 SER SER A . n 
A 1 82  ARG 82  210 210 ARG ARG A . n 
A 1 83  PHE 83  211 211 PHE PHE A . n 
A 1 84  ASN 84  212 212 ASN ASN A . n 
A 1 85  THR 85  213 213 THR THR A . n 
A 1 86  LEU 86  214 214 LEU LEU A . n 
A 1 87  ALA 87  215 215 ALA ALA A . n 
A 1 88  GLU 88  216 216 GLU GLU A . n 
A 1 89  LEU 89  217 217 LEU LEU A . n 
A 1 90  VAL 90  218 218 VAL VAL A . n 
A 1 91  HIS 91  219 219 HIS HIS A . n 
A 1 92  HIS 92  220 220 HIS HIS A . n 
A 1 93  HIS 93  221 221 HIS HIS A . n 
A 1 94  SER 94  222 222 SER SER A . n 
A 1 95  THR 95  223 223 THR THR A . n 
A 1 96  VAL 96  224 224 VAL VAL A . n 
A 1 97  ALA 97  225 225 ALA ALA A . n 
A 1 98  ASP 98  226 226 ASP ASP A . n 
A 1 99  GLY 99  227 227 GLY GLY A . n 
A 1 100 LEU 100 228 228 LEU LEU A . n 
A 1 101 ILE 101 229 229 ILE ILE A . n 
A 1 102 THR 102 230 230 THR THR A . n 
A 1 103 THR 103 231 231 THR THR A . n 
A 1 104 LEU 104 232 232 LEU LEU A . n 
A 1 105 HIS 105 233 233 HIS HIS A . n 
A 1 106 TYR 106 234 234 TYR TYR A . n 
A 1 107 PRO 107 235 235 PRO PRO A . n 
A 1 108 ALA 108 236 236 ALA ALA A . n 
A 1 109 PRO 109 237 237 PRO PRO A . n 
A 1 110 LYS 110 238 238 LYS LYS A . n 
A 1 111 ARG 111 239 239 ARG ARG A . n 
A 1 112 ASN 112 240 240 ASN ASN A . n 
A 1 113 LYS 113 241 241 LYS LYS A . n 
A 1 114 PRO 114 242 242 PRO PRO A . n 
A 1 115 THR 115 243 243 THR THR A . n 
A 1 116 VAL 116 244 244 VAL VAL A . n 
A 1 117 TYR 117 245 245 TYR TYR A . n 
A 1 118 GLY 118 246 246 GLY GLY A . n 
A 1 119 VAL 119 247 247 VAL VAL A . n 
A 1 120 SER 120 248 ?   ?   ?   A . n 
A 1 121 PRO 121 249 ?   ?   ?   A . n 
A 1 122 ASN 122 250 ?   ?   ?   A . n 
A 1 123 TYR 123 251 ?   ?   ?   A . n 
B 2 1   GLY 1   2   ?   ?   ?   D . n 
B 2 2   SER 2   3   3   SER SER D . n 
B 2 3   VAL 3   4   4   VAL VAL D . n 
B 2 4   SER 4   5   5   SER SER D . n 
B 2 5   SER 5   6   6   SER SER D . n 
B 2 6   VAL 6   7   7   VAL VAL D . n 
B 2 7   PRO 7   8   8   PRO PRO D . n 
B 2 8   THR 8   9   9   THR THR D . n 
B 2 9   LYS 9   10  10  LYS LYS D . n 
B 2 10  LEU 10  11  11  LEU LEU D . n 
B 2 11  GLU 11  12  12  GLU GLU D . n 
B 2 12  VAL 12  13  13  VAL VAL D . n 
B 2 13  VAL 13  14  14  VAL VAL D . n 
B 2 14  ALA 14  15  15  ALA ALA D . n 
B 2 15  ALA 15  16  16  ALA ALA D . n 
B 2 16  THR 16  17  17  THR THR D . n 
B 2 17  PRO 17  18  18  PRO PRO D . n 
B 2 18  THR 18  19  19  THR THR D . n 
B 2 19  SER 19  20  20  SER SER D . n 
B 2 20  LEU 20  21  21  LEU LEU D . n 
B 2 21  LEU 21  22  22  LEU LEU D . n 
B 2 22  ILE 22  23  23  ILE ILE D . n 
B 2 23  SER 23  24  24  SER SER D . n 
B 2 24  TRP 24  25  25  TRP TRP D . n 
B 2 25  ASP 25  26  26  ASP ASP D . n 
B 2 26  ALA 26  27  27  ALA ALA D . n 
B 2 27  PRO 27  28  28  PRO PRO D . n 
B 2 28  ALA 28  29  29  ALA ALA D . n 
B 2 29  VAL 29  30  30  VAL VAL D . n 
B 2 30  THR 30  31  31  THR THR D . n 
B 2 31  VAL 31  32  32  VAL VAL D . n 
B 2 32  ASP 32  33  33  ASP ASP D . n 
B 2 33  PHE 33  34  34  PHE PHE D . n 
B 2 34  TYR 34  35  35  TYR TYR D . n 
B 2 35  VAL 35  36  36  VAL VAL D . n 
B 2 36  ILE 36  37  37  ILE ILE D . n 
B 2 37  THR 37  38  38  THR THR D . n 
B 2 38  TYR 38  39  39  TYR TYR D . n 
B 2 39  GLY 39  40  40  GLY GLY D . n 
B 2 40  GLU 40  41  41  GLU GLU D . n 
B 2 41  THR 41  42  42  THR THR D . n 
B 2 42  GLY 42  43  43  GLY GLY D . n 
B 2 43  GLY 43  44  44  GLY GLY D . n 
B 2 44  ASN 44  45  45  ASN ASN D . n 
B 2 45  SER 45  46  46  SER SER D . n 
B 2 46  PRO 46  47  47  PRO PRO D . n 
B 2 47  VAL 47  48  48  VAL VAL D . n 
B 2 48  GLN 48  49  49  GLN GLN D . n 
B 2 49  GLU 49  50  50  GLU GLU D . n 
B 2 50  PHE 50  51  51  PHE PHE D . n 
B 2 51  THR 51  52  52  THR THR D . n 
B 2 52  VAL 52  53  53  VAL VAL D . n 
B 2 53  PRO 53  54  54  PRO PRO D . n 
B 2 54  GLY 54  55  55  GLY GLY D . n 
B 2 55  SER 55  56  56  SER SER D . n 
B 2 56  LYS 56  57  57  LYS LYS D . n 
B 2 57  SER 57  58  58  SER SER D . n 
B 2 58  THR 58  59  59  THR THR D . n 
B 2 59  ALA 59  60  60  ALA ALA D . n 
B 2 60  THR 60  61  61  THR THR D . n 
B 2 61  ILE 61  62  62  ILE ILE D . n 
B 2 62  SER 62  63  63  SER SER D . n 
B 2 63  GLY 63  64  64  GLY GLY D . n 
B 2 64  LEU 64  65  65  LEU LEU D . n 
B 2 65  SER 65  66  66  SER SER D . n 
B 2 66  PRO 66  67  67  PRO PRO D . n 
B 2 67  GLY 67  68  68  GLY GLY D . n 
B 2 68  VAL 68  69  69  VAL VAL D . n 
B 2 69  ASP 69  70  70  ASP ASP D . n 
B 2 70  TYR 70  71  71  TYR TYR D . n 
B 2 71  THR 71  72  72  THR THR D . n 
B 2 72  ILE 72  73  73  ILE ILE D . n 
B 2 73  THR 73  74  74  THR THR D . n 
B 2 74  VAL 74  75  75  VAL VAL D . n 
B 2 75  TYR 75  76  76  TYR TYR D . n 
B 2 76  ALA 76  77  77  ALA ALA D . n 
B 2 77  GLY 77  78  78  GLY GLY D . n 
B 2 78  TYR 78  79  79  TYR TYR D . n 
B 2 79  SER 79  80  80  SER SER D . n 
B 2 80  ASP 80  81  81  ASP ASP D . n 
B 2 81  SER 81  82  82  SER SER D . n 
B 2 82  TRP 82  83  83  TRP TRP D . n 
B 2 83  ASN 83  84  84  ASN ASN D . n 
B 2 84  TRP 84  85  85  TRP TRP D . n 
B 2 85  PRO 85  86  86  PRO PRO D . n 
B 2 86  TYR 86  87  87  TYR TYR D . n 
B 2 87  SER 87  88  88  SER SER D . n 
B 2 88  PRO 88  89  89  PRO PRO D . n 
B 2 89  ILE 89  90  90  ILE ILE D . n 
B 2 90  SER 90  91  91  SER SER D . n 
B 2 91  ILE 91  92  92  ILE ILE D . n 
B 2 92  ASN 92  93  93  ASN ASN D . n 
B 2 93  TYR 93  94  94  TYR TYR D . n 
B 2 94  ARG 94  95  95  ARG ARG D . n 
B 2 95  THR 95  96  96  THR THR D . n 
# 
loop_
_pdbx_nonpoly_scheme.asym_id 
_pdbx_nonpoly_scheme.entity_id 
_pdbx_nonpoly_scheme.mon_id 
_pdbx_nonpoly_scheme.ndb_seq_num 
_pdbx_nonpoly_scheme.pdb_seq_num 
_pdbx_nonpoly_scheme.auth_seq_num 
_pdbx_nonpoly_scheme.pdb_mon_id 
_pdbx_nonpoly_scheme.auth_mon_id 
_pdbx_nonpoly_scheme.pdb_strand_id 
_pdbx_nonpoly_scheme.pdb_ins_code 
C 3 SO4 1  1   1   SO4 SO4 A . 
D 4 HOH 1  3   3   HOH HOH A . 
D 4 HOH 2  5   5   HOH HOH A . 
D 4 HOH 3  6   6   HOH HOH A . 
D 4 HOH 4  7   7   HOH HOH A . 
D 4 HOH 5  9   9   HOH HOH A . 
D 4 HOH 6  10  10  HOH HOH A . 
D 4 HOH 7  11  11  HOH HOH A . 
D 4 HOH 8  12  12  HOH HOH A . 
D 4 HOH 9  13  13  HOH HOH A . 
D 4 HOH 10 14  14  HOH HOH A . 
D 4 HOH 11 15  15  HOH HOH A . 
D 4 HOH 12 17  17  HOH HOH A . 
D 4 HOH 13 18  18  HOH HOH A . 
D 4 HOH 14 21  21  HOH HOH A . 
D 4 HOH 15 25  25  HOH HOH A . 
D 4 HOH 16 26  26  HOH HOH A . 
D 4 HOH 17 28  28  HOH HOH A . 
D 4 HOH 18 29  29  HOH HOH A . 
D 4 HOH 19 30  30  HOH HOH A . 
D 4 HOH 20 31  31  HOH HOH A . 
D 4 HOH 21 33  33  HOH HOH A . 
D 4 HOH 22 34  34  HOH HOH A . 
D 4 HOH 23 37  37  HOH HOH A . 
D 4 HOH 24 39  39  HOH HOH A . 
D 4 HOH 25 41  41  HOH HOH A . 
D 4 HOH 26 42  42  HOH HOH A . 
D 4 HOH 27 44  44  HOH HOH A . 
D 4 HOH 28 45  45  HOH HOH A . 
D 4 HOH 29 46  46  HOH HOH A . 
D 4 HOH 30 47  47  HOH HOH A . 
D 4 HOH 31 49  49  HOH HOH A . 
D 4 HOH 32 51  51  HOH HOH A . 
D 4 HOH 33 53  53  HOH HOH A . 
D 4 HOH 34 54  54  HOH HOH A . 
D 4 HOH 35 56  56  HOH HOH A . 
D 4 HOH 36 57  57  HOH HOH A . 
D 4 HOH 37 59  59  HOH HOH A . 
D 4 HOH 38 60  60  HOH HOH A . 
D 4 HOH 39 61  61  HOH HOH A . 
D 4 HOH 40 62  62  HOH HOH A . 
D 4 HOH 41 65  65  HOH HOH A . 
D 4 HOH 42 66  66  HOH HOH A . 
D 4 HOH 43 67  67  HOH HOH A . 
D 4 HOH 44 68  68  HOH HOH A . 
D 4 HOH 45 69  69  HOH HOH A . 
D 4 HOH 46 70  70  HOH HOH A . 
D 4 HOH 47 72  72  HOH HOH A . 
D 4 HOH 48 73  73  HOH HOH A . 
D 4 HOH 49 74  74  HOH HOH A . 
D 4 HOH 50 75  75  HOH HOH A . 
D 4 HOH 51 76  76  HOH HOH A . 
D 4 HOH 52 77  77  HOH HOH A . 
D 4 HOH 53 78  78  HOH HOH A . 
D 4 HOH 54 80  80  HOH HOH A . 
D 4 HOH 55 81  81  HOH HOH A . 
D 4 HOH 56 82  82  HOH HOH A . 
D 4 HOH 57 84  84  HOH HOH A . 
D 4 HOH 58 87  87  HOH HOH A . 
D 4 HOH 59 89  89  HOH HOH A . 
D 4 HOH 60 91  91  HOH HOH A . 
D 4 HOH 61 92  92  HOH HOH A . 
D 4 HOH 62 95  95  HOH HOH A . 
D 4 HOH 63 96  96  HOH HOH A . 
D 4 HOH 64 97  97  HOH HOH A . 
D 4 HOH 65 98  98  HOH HOH A . 
D 4 HOH 66 101 101 HOH HOH A . 
D 4 HOH 67 102 102 HOH HOH A . 
D 4 HOH 68 103 103 HOH HOH A . 
D 4 HOH 69 104 104 HOH HOH A . 
D 4 HOH 70 106 106 HOH HOH A . 
D 4 HOH 71 107 107 HOH HOH A . 
D 4 HOH 72 108 108 HOH HOH A . 
D 4 HOH 73 112 112 HOH HOH A . 
D 4 HOH 74 114 114 HOH HOH A . 
D 4 HOH 75 115 115 HOH HOH A . 
D 4 HOH 76 116 116 HOH HOH A . 
D 4 HOH 77 118 118 HOH HOH A . 
D 4 HOH 78 120 120 HOH HOH A . 
D 4 HOH 79 123 123 HOH HOH A . 
D 4 HOH 80 125 125 HOH HOH A . 
D 4 HOH 81 126 126 HOH HOH A . 
D 4 HOH 82 127 127 HOH HOH A . 
D 4 HOH 83 252 252 HOH HOH A . 
D 4 HOH 84 253 253 HOH HOH A . 
D 4 HOH 85 254 254 HOH HOH A . 
E 4 HOH 1  1   1   HOH HOH D . 
E 4 HOH 2  97  97  HOH HOH D . 
E 4 HOH 3  98  98  HOH HOH D . 
E 4 HOH 4  99  99  HOH HOH D . 
E 4 HOH 5  100 100 HOH HOH D . 
E 4 HOH 6  101 101 HOH HOH D . 
E 4 HOH 7  102 102 HOH HOH D . 
E 4 HOH 8  103 103 HOH HOH D . 
E 4 HOH 9  104 104 HOH HOH D . 
E 4 HOH 10 105 105 HOH HOH D . 
E 4 HOH 11 106 106 HOH HOH D . 
E 4 HOH 12 107 107 HOH HOH D . 
E 4 HOH 13 108 108 HOH HOH D . 
E 4 HOH 14 109 109 HOH HOH D . 
E 4 HOH 15 110 110 HOH HOH D . 
E 4 HOH 16 111 111 HOH HOH D . 
E 4 HOH 17 112 112 HOH HOH D . 
E 4 HOH 18 113 113 HOH HOH D . 
E 4 HOH 19 114 114 HOH HOH D . 
E 4 HOH 20 115 115 HOH HOH D . 
E 4 HOH 21 116 116 HOH HOH D . 
E 4 HOH 22 117 117 HOH HOH D . 
E 4 HOH 23 118 118 HOH HOH D . 
E 4 HOH 24 119 119 HOH HOH D . 
E 4 HOH 25 120 120 HOH HOH D . 
E 4 HOH 26 121 121 HOH HOH D . 
E 4 HOH 27 122 122 HOH HOH D . 
E 4 HOH 28 123 123 HOH HOH D . 
E 4 HOH 29 124 124 HOH HOH D . 
E 4 HOH 30 125 125 HOH HOH D . 
E 4 HOH 31 126 126 HOH HOH D . 
E 4 HOH 32 127 127 HOH HOH D . 
E 4 HOH 33 128 128 HOH HOH D . 
E 4 HOH 34 129 129 HOH HOH D . 
E 4 HOH 35 130 130 HOH HOH D . 
E 4 HOH 36 131 131 HOH HOH D . 
E 4 HOH 37 132 132 HOH HOH D . 
E 4 HOH 38 133 133 HOH HOH D . 
E 4 HOH 39 134 134 HOH HOH D . 
E 4 HOH 40 135 135 HOH HOH D . 
E 4 HOH 41 136 136 HOH HOH D . 
E 4 HOH 42 137 137 HOH HOH D . 
E 4 HOH 43 138 138 HOH HOH D . 
E 4 HOH 44 139 139 HOH HOH D . 
E 4 HOH 45 140 140 HOH HOH D . 
E 4 HOH 46 141 141 HOH HOH D . 
E 4 HOH 47 142 142 HOH HOH D . 
E 4 HOH 48 143 143 HOH HOH D . 
E 4 HOH 49 144 144 HOH HOH D . 
# 
_pdbx_struct_assembly.id                   1 
_pdbx_struct_assembly.details              author_and_software_defined_assembly 
_pdbx_struct_assembly.method_details       PISA 
_pdbx_struct_assembly.oligomeric_details   dimeric 
_pdbx_struct_assembly.oligomeric_count     2 
# 
_pdbx_struct_assembly_gen.assembly_id       1 
_pdbx_struct_assembly_gen.oper_expression   1 
_pdbx_struct_assembly_gen.asym_id_list      A,B,C,D,E 
# 
loop_
_pdbx_struct_assembly_prop.biol_id 
_pdbx_struct_assembly_prop.type 
_pdbx_struct_assembly_prop.value 
_pdbx_struct_assembly_prop.details 
1 'ABSA (A^2)' 1950  ? 
1 MORE         -23   ? 
1 'SSA (A^2)'  10990 ? 
# 
_pdbx_struct_oper_list.id                   1 
_pdbx_struct_oper_list.type                 'identity operation' 
_pdbx_struct_oper_list.name                 1_555 
_pdbx_struct_oper_list.symmetry_operation   x,y,z 
_pdbx_struct_oper_list.matrix[1][1]         1.0000000000 
_pdbx_struct_oper_list.matrix[1][2]         0.0000000000 
_pdbx_struct_oper_list.matrix[1][3]         0.0000000000 
_pdbx_struct_oper_list.vector[1]            0.0000000000 
_pdbx_struct_oper_list.matrix[2][1]         0.0000000000 
_pdbx_struct_oper_list.matrix[2][2]         1.0000000000 
_pdbx_struct_oper_list.matrix[2][3]         0.0000000000 
_pdbx_struct_oper_list.vector[2]            0.0000000000 
_pdbx_struct_oper_list.matrix[3][1]         0.0000000000 
_pdbx_struct_oper_list.matrix[3][2]         0.0000000000 
_pdbx_struct_oper_list.matrix[3][3]         1.0000000000 
_pdbx_struct_oper_list.vector[3]            0.0000000000 
# 
loop_
_pdbx_audit_revision_history.ordinal 
_pdbx_audit_revision_history.data_content_type 
_pdbx_audit_revision_history.major_revision 
_pdbx_audit_revision_history.minor_revision 
_pdbx_audit_revision_history.revision_date 
1 'Structure model' 1 0 2011-12-28 
2 'Structure model' 1 1 2012-04-18 
3 'Structure model' 1 2 2023-09-13 
# 
_pdbx_audit_revision_details.ordinal             1 
_pdbx_audit_revision_details.revision_ordinal    1 
_pdbx_audit_revision_details.data_content_type   'Structure model' 
_pdbx_audit_revision_details.provider            repository 
_pdbx_audit_revision_details.type                'Initial release' 
_pdbx_audit_revision_details.description         ? 
_pdbx_audit_revision_details.details             ? 
# 
loop_
_pdbx_audit_revision_group.ordinal 
_pdbx_audit_revision_group.revision_ordinal 
_pdbx_audit_revision_group.data_content_type 
_pdbx_audit_revision_group.group 
1 2 'Structure model' 'Database references'    
2 3 'Structure model' 'Data collection'        
3 3 'Structure model' 'Database references'    
4 3 'Structure model' 'Derived calculations'   
5 3 'Structure model' 'Refinement description' 
# 
loop_
_pdbx_audit_revision_category.ordinal 
_pdbx_audit_revision_category.revision_ordinal 
_pdbx_audit_revision_category.data_content_type 
_pdbx_audit_revision_category.category 
1 3 'Structure model' chem_comp_atom                
2 3 'Structure model' chem_comp_bond                
3 3 'Structure model' database_2                    
4 3 'Structure model' pdbx_initial_refinement_model 
5 3 'Structure model' struct_ref_seq_dif            
6 3 'Structure model' struct_site                   
# 
loop_
_pdbx_audit_revision_item.ordinal 
_pdbx_audit_revision_item.revision_ordinal 
_pdbx_audit_revision_item.data_content_type 
_pdbx_audit_revision_item.item 
1 3 'Structure model' '_database_2.pdbx_DOI'                
2 3 'Structure model' '_database_2.pdbx_database_accession' 
3 3 'Structure model' '_struct_ref_seq_dif.details'         
4 3 'Structure model' '_struct_site.pdbx_auth_asym_id'      
5 3 'Structure model' '_struct_site.pdbx_auth_comp_id'      
6 3 'Structure model' '_struct_site.pdbx_auth_seq_id'       
# 
loop_
_software.name 
_software.classification 
_software.version 
_software.citation_id 
_software.pdbx_ordinal 
PHASER    phasing          .        ? 1 
REFMAC    refinement       5.5.0109 ? 2 
DENZO     'data reduction' .        ? 3 
SCALEPACK 'data scaling'   .        ? 4 
# 
_pdbx_validate_close_contact.id               1 
_pdbx_validate_close_contact.PDB_model_num    1 
_pdbx_validate_close_contact.auth_atom_id_1   O2 
_pdbx_validate_close_contact.auth_asym_id_1   A 
_pdbx_validate_close_contact.auth_comp_id_1   SO4 
_pdbx_validate_close_contact.auth_seq_id_1    1 
_pdbx_validate_close_contact.PDB_ins_code_1   ? 
_pdbx_validate_close_contact.label_alt_id_1   ? 
_pdbx_validate_close_contact.auth_atom_id_2   O 
_pdbx_validate_close_contact.auth_asym_id_2   A 
_pdbx_validate_close_contact.auth_comp_id_2   HOH 
_pdbx_validate_close_contact.auth_seq_id_2    252 
_pdbx_validate_close_contact.PDB_ins_code_2   ? 
_pdbx_validate_close_contact.label_alt_id_2   ? 
_pdbx_validate_close_contact.dist             2.01 
# 
_pdbx_validate_symm_contact.id                1 
_pdbx_validate_symm_contact.PDB_model_num     1 
_pdbx_validate_symm_contact.auth_atom_id_1    O 
_pdbx_validate_symm_contact.auth_asym_id_1    A 
_pdbx_validate_symm_contact.auth_comp_id_1    HOH 
_pdbx_validate_symm_contact.auth_seq_id_1     115 
_pdbx_validate_symm_contact.PDB_ins_code_1    ? 
_pdbx_validate_symm_contact.label_alt_id_1    ? 
_pdbx_validate_symm_contact.site_symmetry_1   1_555 
_pdbx_validate_symm_contact.auth_atom_id_2    O 
_pdbx_validate_symm_contact.auth_asym_id_2    D 
_pdbx_validate_symm_contact.auth_comp_id_2    HOH 
_pdbx_validate_symm_contact.auth_seq_id_2     137 
_pdbx_validate_symm_contact.PDB_ins_code_2    ? 
_pdbx_validate_symm_contact.label_alt_id_2    ? 
_pdbx_validate_symm_contact.site_symmetry_2   3_556 
_pdbx_validate_symm_contact.dist              2.17 
# 
loop_
_pdbx_validate_torsion.id 
_pdbx_validate_torsion.PDB_model_num 
_pdbx_validate_torsion.auth_comp_id 
_pdbx_validate_torsion.auth_asym_id 
_pdbx_validate_torsion.auth_seq_id 
_pdbx_validate_torsion.PDB_ins_code 
_pdbx_validate_torsion.label_alt_id 
_pdbx_validate_torsion.phi 
_pdbx_validate_torsion.psi 
1 1 PRO A 177 ? ? -58.51  172.33 
2 1 LYS D 10  ? ? -112.44 69.77  
# 
loop_
_pdbx_unobs_or_zero_occ_residues.id 
_pdbx_unobs_or_zero_occ_residues.PDB_model_num 
_pdbx_unobs_or_zero_occ_residues.polymer_flag 
_pdbx_unobs_or_zero_occ_residues.occupancy_flag 
_pdbx_unobs_or_zero_occ_residues.auth_asym_id 
_pdbx_unobs_or_zero_occ_residues.auth_comp_id 
_pdbx_unobs_or_zero_occ_residues.auth_seq_id 
_pdbx_unobs_or_zero_occ_residues.PDB_ins_code 
_pdbx_unobs_or_zero_occ_residues.label_asym_id 
_pdbx_unobs_or_zero_occ_residues.label_comp_id 
_pdbx_unobs_or_zero_occ_residues.label_seq_id 
1  1 Y 1 A GLY 129 ? A GLY 1   
2  1 Y 1 A SER 130 ? A SER 2   
3  1 Y 1 A PRO 131 ? A PRO 3   
4  1 Y 1 A SER 132 ? A SER 4   
5  1 Y 1 A ASN 133 ? A ASN 5   
6  1 Y 1 A SER 248 ? A SER 120 
7  1 Y 1 A PRO 249 ? A PRO 121 
8  1 Y 1 A ASN 250 ? A ASN 122 
9  1 Y 1 A TYR 251 ? A TYR 123 
10 1 Y 1 D GLY 2   ? B GLY 1   
# 
loop_
_chem_comp_atom.comp_id 
_chem_comp_atom.atom_id 
_chem_comp_atom.type_symbol 
_chem_comp_atom.pdbx_aromatic_flag 
_chem_comp_atom.pdbx_stereo_config 
_chem_comp_atom.pdbx_ordinal 
ALA N    N N N 1   
ALA CA   C N S 2   
ALA C    C N N 3   
ALA O    O N N 4   
ALA CB   C N N 5   
ALA OXT  O N N 6   
ALA H    H N N 7   
ALA H2   H N N 8   
ALA HA   H N N 9   
ALA HB1  H N N 10  
ALA HB2  H N N 11  
ALA HB3  H N N 12  
ALA HXT  H N N 13  
ARG N    N N N 14  
ARG CA   C N S 15  
ARG C    C N N 16  
ARG O    O N N 17  
ARG CB   C N N 18  
ARG CG   C N N 19  
ARG CD   C N N 20  
ARG NE   N N N 21  
ARG CZ   C N N 22  
ARG NH1  N N N 23  
ARG NH2  N N N 24  
ARG OXT  O N N 25  
ARG H    H N N 26  
ARG H2   H N N 27  
ARG HA   H N N 28  
ARG HB2  H N N 29  
ARG HB3  H N N 30  
ARG HG2  H N N 31  
ARG HG3  H N N 32  
ARG HD2  H N N 33  
ARG HD3  H N N 34  
ARG HE   H N N 35  
ARG HH11 H N N 36  
ARG HH12 H N N 37  
ARG HH21 H N N 38  
ARG HH22 H N N 39  
ARG HXT  H N N 40  
ASN N    N N N 41  
ASN CA   C N S 42  
ASN C    C N N 43  
ASN O    O N N 44  
ASN CB   C N N 45  
ASN CG   C N N 46  
ASN OD1  O N N 47  
ASN ND2  N N N 48  
ASN OXT  O N N 49  
ASN H    H N N 50  
ASN H2   H N N 51  
ASN HA   H N N 52  
ASN HB2  H N N 53  
ASN HB3  H N N 54  
ASN HD21 H N N 55  
ASN HD22 H N N 56  
ASN HXT  H N N 57  
ASP N    N N N 58  
ASP CA   C N S 59  
ASP C    C N N 60  
ASP O    O N N 61  
ASP CB   C N N 62  
ASP CG   C N N 63  
ASP OD1  O N N 64  
ASP OD2  O N N 65  
ASP OXT  O N N 66  
ASP H    H N N 67  
ASP H2   H N N 68  
ASP HA   H N N 69  
ASP HB2  H N N 70  
ASP HB3  H N N 71  
ASP HD2  H N N 72  
ASP HXT  H N N 73  
GLN N    N N N 74  
GLN CA   C N S 75  
GLN C    C N N 76  
GLN O    O N N 77  
GLN CB   C N N 78  
GLN CG   C N N 79  
GLN CD   C N N 80  
GLN OE1  O N N 81  
GLN NE2  N N N 82  
GLN OXT  O N N 83  
GLN H    H N N 84  
GLN H2   H N N 85  
GLN HA   H N N 86  
GLN HB2  H N N 87  
GLN HB3  H N N 88  
GLN HG2  H N N 89  
GLN HG3  H N N 90  
GLN HE21 H N N 91  
GLN HE22 H N N 92  
GLN HXT  H N N 93  
GLU N    N N N 94  
GLU CA   C N S 95  
GLU C    C N N 96  
GLU O    O N N 97  
GLU CB   C N N 98  
GLU CG   C N N 99  
GLU CD   C N N 100 
GLU OE1  O N N 101 
GLU OE2  O N N 102 
GLU OXT  O N N 103 
GLU H    H N N 104 
GLU H2   H N N 105 
GLU HA   H N N 106 
GLU HB2  H N N 107 
GLU HB3  H N N 108 
GLU HG2  H N N 109 
GLU HG3  H N N 110 
GLU HE2  H N N 111 
GLU HXT  H N N 112 
GLY N    N N N 113 
GLY CA   C N N 114 
GLY C    C N N 115 
GLY O    O N N 116 
GLY OXT  O N N 117 
GLY H    H N N 118 
GLY H2   H N N 119 
GLY HA2  H N N 120 
GLY HA3  H N N 121 
GLY HXT  H N N 122 
HIS N    N N N 123 
HIS CA   C N S 124 
HIS C    C N N 125 
HIS O    O N N 126 
HIS CB   C N N 127 
HIS CG   C Y N 128 
HIS ND1  N Y N 129 
HIS CD2  C Y N 130 
HIS CE1  C Y N 131 
HIS NE2  N Y N 132 
HIS OXT  O N N 133 
HIS H    H N N 134 
HIS H2   H N N 135 
HIS HA   H N N 136 
HIS HB2  H N N 137 
HIS HB3  H N N 138 
HIS HD1  H N N 139 
HIS HD2  H N N 140 
HIS HE1  H N N 141 
HIS HE2  H N N 142 
HIS HXT  H N N 143 
HOH O    O N N 144 
HOH H1   H N N 145 
HOH H2   H N N 146 
ILE N    N N N 147 
ILE CA   C N S 148 
ILE C    C N N 149 
ILE O    O N N 150 
ILE CB   C N S 151 
ILE CG1  C N N 152 
ILE CG2  C N N 153 
ILE CD1  C N N 154 
ILE OXT  O N N 155 
ILE H    H N N 156 
ILE H2   H N N 157 
ILE HA   H N N 158 
ILE HB   H N N 159 
ILE HG12 H N N 160 
ILE HG13 H N N 161 
ILE HG21 H N N 162 
ILE HG22 H N N 163 
ILE HG23 H N N 164 
ILE HD11 H N N 165 
ILE HD12 H N N 166 
ILE HD13 H N N 167 
ILE HXT  H N N 168 
LEU N    N N N 169 
LEU CA   C N S 170 
LEU C    C N N 171 
LEU O    O N N 172 
LEU CB   C N N 173 
LEU CG   C N N 174 
LEU CD1  C N N 175 
LEU CD2  C N N 176 
LEU OXT  O N N 177 
LEU H    H N N 178 
LEU H2   H N N 179 
LEU HA   H N N 180 
LEU HB2  H N N 181 
LEU HB3  H N N 182 
LEU HG   H N N 183 
LEU HD11 H N N 184 
LEU HD12 H N N 185 
LEU HD13 H N N 186 
LEU HD21 H N N 187 
LEU HD22 H N N 188 
LEU HD23 H N N 189 
LEU HXT  H N N 190 
LYS N    N N N 191 
LYS CA   C N S 192 
LYS C    C N N 193 
LYS O    O N N 194 
LYS CB   C N N 195 
LYS CG   C N N 196 
LYS CD   C N N 197 
LYS CE   C N N 198 
LYS NZ   N N N 199 
LYS OXT  O N N 200 
LYS H    H N N 201 
LYS H2   H N N 202 
LYS HA   H N N 203 
LYS HB2  H N N 204 
LYS HB3  H N N 205 
LYS HG2  H N N 206 
LYS HG3  H N N 207 
LYS HD2  H N N 208 
LYS HD3  H N N 209 
LYS HE2  H N N 210 
LYS HE3  H N N 211 
LYS HZ1  H N N 212 
LYS HZ2  H N N 213 
LYS HZ3  H N N 214 
LYS HXT  H N N 215 
PHE N    N N N 216 
PHE CA   C N S 217 
PHE C    C N N 218 
PHE O    O N N 219 
PHE CB   C N N 220 
PHE CG   C Y N 221 
PHE CD1  C Y N 222 
PHE CD2  C Y N 223 
PHE CE1  C Y N 224 
PHE CE2  C Y N 225 
PHE CZ   C Y N 226 
PHE OXT  O N N 227 
PHE H    H N N 228 
PHE H2   H N N 229 
PHE HA   H N N 230 
PHE HB2  H N N 231 
PHE HB3  H N N 232 
PHE HD1  H N N 233 
PHE HD2  H N N 234 
PHE HE1  H N N 235 
PHE HE2  H N N 236 
PHE HZ   H N N 237 
PHE HXT  H N N 238 
PRO N    N N N 239 
PRO CA   C N S 240 
PRO C    C N N 241 
PRO O    O N N 242 
PRO CB   C N N 243 
PRO CG   C N N 244 
PRO CD   C N N 245 
PRO OXT  O N N 246 
PRO H    H N N 247 
PRO HA   H N N 248 
PRO HB2  H N N 249 
PRO HB3  H N N 250 
PRO HG2  H N N 251 
PRO HG3  H N N 252 
PRO HD2  H N N 253 
PRO HD3  H N N 254 
PRO HXT  H N N 255 
SER N    N N N 256 
SER CA   C N S 257 
SER C    C N N 258 
SER O    O N N 259 
SER CB   C N N 260 
SER OG   O N N 261 
SER OXT  O N N 262 
SER H    H N N 263 
SER H2   H N N 264 
SER HA   H N N 265 
SER HB2  H N N 266 
SER HB3  H N N 267 
SER HG   H N N 268 
SER HXT  H N N 269 
SO4 S    S N N 270 
SO4 O1   O N N 271 
SO4 O2   O N N 272 
SO4 O3   O N N 273 
SO4 O4   O N N 274 
THR N    N N N 275 
THR CA   C N S 276 
THR C    C N N 277 
THR O    O N N 278 
THR CB   C N R 279 
THR OG1  O N N 280 
THR CG2  C N N 281 
THR OXT  O N N 282 
THR H    H N N 283 
THR H2   H N N 284 
THR HA   H N N 285 
THR HB   H N N 286 
THR HG1  H N N 287 
THR HG21 H N N 288 
THR HG22 H N N 289 
THR HG23 H N N 290 
THR HXT  H N N 291 
TRP N    N N N 292 
TRP CA   C N S 293 
TRP C    C N N 294 
TRP O    O N N 295 
TRP CB   C N N 296 
TRP CG   C Y N 297 
TRP CD1  C Y N 298 
TRP CD2  C Y N 299 
TRP NE1  N Y N 300 
TRP CE2  C Y N 301 
TRP CE3  C Y N 302 
TRP CZ2  C Y N 303 
TRP CZ3  C Y N 304 
TRP CH2  C Y N 305 
TRP OXT  O N N 306 
TRP H    H N N 307 
TRP H2   H N N 308 
TRP HA   H N N 309 
TRP HB2  H N N 310 
TRP HB3  H N N 311 
TRP HD1  H N N 312 
TRP HE1  H N N 313 
TRP HE3  H N N 314 
TRP HZ2  H N N 315 
TRP HZ3  H N N 316 
TRP HH2  H N N 317 
TRP HXT  H N N 318 
TYR N    N N N 319 
TYR CA   C N S 320 
TYR C    C N N 321 
TYR O    O N N 322 
TYR CB   C N N 323 
TYR CG   C Y N 324 
TYR CD1  C Y N 325 
TYR CD2  C Y N 326 
TYR CE1  C Y N 327 
TYR CE2  C Y N 328 
TYR CZ   C Y N 329 
TYR OH   O N N 330 
TYR OXT  O N N 331 
TYR H    H N N 332 
TYR H2   H N N 333 
TYR HA   H N N 334 
TYR HB2  H N N 335 
TYR HB3  H N N 336 
TYR HD1  H N N 337 
TYR HD2  H N N 338 
TYR HE1  H N N 339 
TYR HE2  H N N 340 
TYR HH   H N N 341 
TYR HXT  H N N 342 
VAL N    N N N 343 
VAL CA   C N S 344 
VAL C    C N N 345 
VAL O    O N N 346 
VAL CB   C N N 347 
VAL CG1  C N N 348 
VAL CG2  C N N 349 
VAL OXT  O N N 350 
VAL H    H N N 351 
VAL H2   H N N 352 
VAL HA   H N N 353 
VAL HB   H N N 354 
VAL HG11 H N N 355 
VAL HG12 H N N 356 
VAL HG13 H N N 357 
VAL HG21 H N N 358 
VAL HG22 H N N 359 
VAL HG23 H N N 360 
VAL HXT  H N N 361 
# 
loop_
_chem_comp_bond.comp_id 
_chem_comp_bond.atom_id_1 
_chem_comp_bond.atom_id_2 
_chem_comp_bond.value_order 
_chem_comp_bond.pdbx_aromatic_flag 
_chem_comp_bond.pdbx_stereo_config 
_chem_comp_bond.pdbx_ordinal 
ALA N   CA   sing N N 1   
ALA N   H    sing N N 2   
ALA N   H2   sing N N 3   
ALA CA  C    sing N N 4   
ALA CA  CB   sing N N 5   
ALA CA  HA   sing N N 6   
ALA C   O    doub N N 7   
ALA C   OXT  sing N N 8   
ALA CB  HB1  sing N N 9   
ALA CB  HB2  sing N N 10  
ALA CB  HB3  sing N N 11  
ALA OXT HXT  sing N N 12  
ARG N   CA   sing N N 13  
ARG N   H    sing N N 14  
ARG N   H2   sing N N 15  
ARG CA  C    sing N N 16  
ARG CA  CB   sing N N 17  
ARG CA  HA   sing N N 18  
ARG C   O    doub N N 19  
ARG C   OXT  sing N N 20  
ARG CB  CG   sing N N 21  
ARG CB  HB2  sing N N 22  
ARG CB  HB3  sing N N 23  
ARG CG  CD   sing N N 24  
ARG CG  HG2  sing N N 25  
ARG CG  HG3  sing N N 26  
ARG CD  NE   sing N N 27  
ARG CD  HD2  sing N N 28  
ARG CD  HD3  sing N N 29  
ARG NE  CZ   sing N N 30  
ARG NE  HE   sing N N 31  
ARG CZ  NH1  sing N N 32  
ARG CZ  NH2  doub N N 33  
ARG NH1 HH11 sing N N 34  
ARG NH1 HH12 sing N N 35  
ARG NH2 HH21 sing N N 36  
ARG NH2 HH22 sing N N 37  
ARG OXT HXT  sing N N 38  
ASN N   CA   sing N N 39  
ASN N   H    sing N N 40  
ASN N   H2   sing N N 41  
ASN CA  C    sing N N 42  
ASN CA  CB   sing N N 43  
ASN CA  HA   sing N N 44  
ASN C   O    doub N N 45  
ASN C   OXT  sing N N 46  
ASN CB  CG   sing N N 47  
ASN CB  HB2  sing N N 48  
ASN CB  HB3  sing N N 49  
ASN CG  OD1  doub N N 50  
ASN CG  ND2  sing N N 51  
ASN ND2 HD21 sing N N 52  
ASN ND2 HD22 sing N N 53  
ASN OXT HXT  sing N N 54  
ASP N   CA   sing N N 55  
ASP N   H    sing N N 56  
ASP N   H2   sing N N 57  
ASP CA  C    sing N N 58  
ASP CA  CB   sing N N 59  
ASP CA  HA   sing N N 60  
ASP C   O    doub N N 61  
ASP C   OXT  sing N N 62  
ASP CB  CG   sing N N 63  
ASP CB  HB2  sing N N 64  
ASP CB  HB3  sing N N 65  
ASP CG  OD1  doub N N 66  
ASP CG  OD2  sing N N 67  
ASP OD2 HD2  sing N N 68  
ASP OXT HXT  sing N N 69  
GLN N   CA   sing N N 70  
GLN N   H    sing N N 71  
GLN N   H2   sing N N 72  
GLN CA  C    sing N N 73  
GLN CA  CB   sing N N 74  
GLN CA  HA   sing N N 75  
GLN C   O    doub N N 76  
GLN C   OXT  sing N N 77  
GLN CB  CG   sing N N 78  
GLN CB  HB2  sing N N 79  
GLN CB  HB3  sing N N 80  
GLN CG  CD   sing N N 81  
GLN CG  HG2  sing N N 82  
GLN CG  HG3  sing N N 83  
GLN CD  OE1  doub N N 84  
GLN CD  NE2  sing N N 85  
GLN NE2 HE21 sing N N 86  
GLN NE2 HE22 sing N N 87  
GLN OXT HXT  sing N N 88  
GLU N   CA   sing N N 89  
GLU N   H    sing N N 90  
GLU N   H2   sing N N 91  
GLU CA  C    sing N N 92  
GLU CA  CB   sing N N 93  
GLU CA  HA   sing N N 94  
GLU C   O    doub N N 95  
GLU C   OXT  sing N N 96  
GLU CB  CG   sing N N 97  
GLU CB  HB2  sing N N 98  
GLU CB  HB3  sing N N 99  
GLU CG  CD   sing N N 100 
GLU CG  HG2  sing N N 101 
GLU CG  HG3  sing N N 102 
GLU CD  OE1  doub N N 103 
GLU CD  OE2  sing N N 104 
GLU OE2 HE2  sing N N 105 
GLU OXT HXT  sing N N 106 
GLY N   CA   sing N N 107 
GLY N   H    sing N N 108 
GLY N   H2   sing N N 109 
GLY CA  C    sing N N 110 
GLY CA  HA2  sing N N 111 
GLY CA  HA3  sing N N 112 
GLY C   O    doub N N 113 
GLY C   OXT  sing N N 114 
GLY OXT HXT  sing N N 115 
HIS N   CA   sing N N 116 
HIS N   H    sing N N 117 
HIS N   H2   sing N N 118 
HIS CA  C    sing N N 119 
HIS CA  CB   sing N N 120 
HIS CA  HA   sing N N 121 
HIS C   O    doub N N 122 
HIS C   OXT  sing N N 123 
HIS CB  CG   sing N N 124 
HIS CB  HB2  sing N N 125 
HIS CB  HB3  sing N N 126 
HIS CG  ND1  sing Y N 127 
HIS CG  CD2  doub Y N 128 
HIS ND1 CE1  doub Y N 129 
HIS ND1 HD1  sing N N 130 
HIS CD2 NE2  sing Y N 131 
HIS CD2 HD2  sing N N 132 
HIS CE1 NE2  sing Y N 133 
HIS CE1 HE1  sing N N 134 
HIS NE2 HE2  sing N N 135 
HIS OXT HXT  sing N N 136 
HOH O   H1   sing N N 137 
HOH O   H2   sing N N 138 
ILE N   CA   sing N N 139 
ILE N   H    sing N N 140 
ILE N   H2   sing N N 141 
ILE CA  C    sing N N 142 
ILE CA  CB   sing N N 143 
ILE CA  HA   sing N N 144 
ILE C   O    doub N N 145 
ILE C   OXT  sing N N 146 
ILE CB  CG1  sing N N 147 
ILE CB  CG2  sing N N 148 
ILE CB  HB   sing N N 149 
ILE CG1 CD1  sing N N 150 
ILE CG1 HG12 sing N N 151 
ILE CG1 HG13 sing N N 152 
ILE CG2 HG21 sing N N 153 
ILE CG2 HG22 sing N N 154 
ILE CG2 HG23 sing N N 155 
ILE CD1 HD11 sing N N 156 
ILE CD1 HD12 sing N N 157 
ILE CD1 HD13 sing N N 158 
ILE OXT HXT  sing N N 159 
LEU N   CA   sing N N 160 
LEU N   H    sing N N 161 
LEU N   H2   sing N N 162 
LEU CA  C    sing N N 163 
LEU CA  CB   sing N N 164 
LEU CA  HA   sing N N 165 
LEU C   O    doub N N 166 
LEU C   OXT  sing N N 167 
LEU CB  CG   sing N N 168 
LEU CB  HB2  sing N N 169 
LEU CB  HB3  sing N N 170 
LEU CG  CD1  sing N N 171 
LEU CG  CD2  sing N N 172 
LEU CG  HG   sing N N 173 
LEU CD1 HD11 sing N N 174 
LEU CD1 HD12 sing N N 175 
LEU CD1 HD13 sing N N 176 
LEU CD2 HD21 sing N N 177 
LEU CD2 HD22 sing N N 178 
LEU CD2 HD23 sing N N 179 
LEU OXT HXT  sing N N 180 
LYS N   CA   sing N N 181 
LYS N   H    sing N N 182 
LYS N   H2   sing N N 183 
LYS CA  C    sing N N 184 
LYS CA  CB   sing N N 185 
LYS CA  HA   sing N N 186 
LYS C   O    doub N N 187 
LYS C   OXT  sing N N 188 
LYS CB  CG   sing N N 189 
LYS CB  HB2  sing N N 190 
LYS CB  HB3  sing N N 191 
LYS CG  CD   sing N N 192 
LYS CG  HG2  sing N N 193 
LYS CG  HG3  sing N N 194 
LYS CD  CE   sing N N 195 
LYS CD  HD2  sing N N 196 
LYS CD  HD3  sing N N 197 
LYS CE  NZ   sing N N 198 
LYS CE  HE2  sing N N 199 
LYS CE  HE3  sing N N 200 
LYS NZ  HZ1  sing N N 201 
LYS NZ  HZ2  sing N N 202 
LYS NZ  HZ3  sing N N 203 
LYS OXT HXT  sing N N 204 
PHE N   CA   sing N N 205 
PHE N   H    sing N N 206 
PHE N   H2   sing N N 207 
PHE CA  C    sing N N 208 
PHE CA  CB   sing N N 209 
PHE CA  HA   sing N N 210 
PHE C   O    doub N N 211 
PHE C   OXT  sing N N 212 
PHE CB  CG   sing N N 213 
PHE CB  HB2  sing N N 214 
PHE CB  HB3  sing N N 215 
PHE CG  CD1  doub Y N 216 
PHE CG  CD2  sing Y N 217 
PHE CD1 CE1  sing Y N 218 
PHE CD1 HD1  sing N N 219 
PHE CD2 CE2  doub Y N 220 
PHE CD2 HD2  sing N N 221 
PHE CE1 CZ   doub Y N 222 
PHE CE1 HE1  sing N N 223 
PHE CE2 CZ   sing Y N 224 
PHE CE2 HE2  sing N N 225 
PHE CZ  HZ   sing N N 226 
PHE OXT HXT  sing N N 227 
PRO N   CA   sing N N 228 
PRO N   CD   sing N N 229 
PRO N   H    sing N N 230 
PRO CA  C    sing N N 231 
PRO CA  CB   sing N N 232 
PRO CA  HA   sing N N 233 
PRO C   O    doub N N 234 
PRO C   OXT  sing N N 235 
PRO CB  CG   sing N N 236 
PRO CB  HB2  sing N N 237 
PRO CB  HB3  sing N N 238 
PRO CG  CD   sing N N 239 
PRO CG  HG2  sing N N 240 
PRO CG  HG3  sing N N 241 
PRO CD  HD2  sing N N 242 
PRO CD  HD3  sing N N 243 
PRO OXT HXT  sing N N 244 
SER N   CA   sing N N 245 
SER N   H    sing N N 246 
SER N   H2   sing N N 247 
SER CA  C    sing N N 248 
SER CA  CB   sing N N 249 
SER CA  HA   sing N N 250 
SER C   O    doub N N 251 
SER C   OXT  sing N N 252 
SER CB  OG   sing N N 253 
SER CB  HB2  sing N N 254 
SER CB  HB3  sing N N 255 
SER OG  HG   sing N N 256 
SER OXT HXT  sing N N 257 
SO4 S   O1   doub N N 258 
SO4 S   O2   doub N N 259 
SO4 S   O3   sing N N 260 
SO4 S   O4   sing N N 261 
THR N   CA   sing N N 262 
THR N   H    sing N N 263 
THR N   H2   sing N N 264 
THR CA  C    sing N N 265 
THR CA  CB   sing N N 266 
THR CA  HA   sing N N 267 
THR C   O    doub N N 268 
THR C   OXT  sing N N 269 
THR CB  OG1  sing N N 270 
THR CB  CG2  sing N N 271 
THR CB  HB   sing N N 272 
THR OG1 HG1  sing N N 273 
THR CG2 HG21 sing N N 274 
THR CG2 HG22 sing N N 275 
THR CG2 HG23 sing N N 276 
THR OXT HXT  sing N N 277 
TRP N   CA   sing N N 278 
TRP N   H    sing N N 279 
TRP N   H2   sing N N 280 
TRP CA  C    sing N N 281 
TRP CA  CB   sing N N 282 
TRP CA  HA   sing N N 283 
TRP C   O    doub N N 284 
TRP C   OXT  sing N N 285 
TRP CB  CG   sing N N 286 
TRP CB  HB2  sing N N 287 
TRP CB  HB3  sing N N 288 
TRP CG  CD1  doub Y N 289 
TRP CG  CD2  sing Y N 290 
TRP CD1 NE1  sing Y N 291 
TRP CD1 HD1  sing N N 292 
TRP CD2 CE2  doub Y N 293 
TRP CD2 CE3  sing Y N 294 
TRP NE1 CE2  sing Y N 295 
TRP NE1 HE1  sing N N 296 
TRP CE2 CZ2  sing Y N 297 
TRP CE3 CZ3  doub Y N 298 
TRP CE3 HE3  sing N N 299 
TRP CZ2 CH2  doub Y N 300 
TRP CZ2 HZ2  sing N N 301 
TRP CZ3 CH2  sing Y N 302 
TRP CZ3 HZ3  sing N N 303 
TRP CH2 HH2  sing N N 304 
TRP OXT HXT  sing N N 305 
TYR N   CA   sing N N 306 
TYR N   H    sing N N 307 
TYR N   H2   sing N N 308 
TYR CA  C    sing N N 309 
TYR CA  CB   sing N N 310 
TYR CA  HA   sing N N 311 
TYR C   O    doub N N 312 
TYR C   OXT  sing N N 313 
TYR CB  CG   sing N N 314 
TYR CB  HB2  sing N N 315 
TYR CB  HB3  sing N N 316 
TYR CG  CD1  doub Y N 317 
TYR CG  CD2  sing Y N 318 
TYR CD1 CE1  sing Y N 319 
TYR CD1 HD1  sing N N 320 
TYR CD2 CE2  doub Y N 321 
TYR CD2 HD2  sing N N 322 
TYR CE1 CZ   doub Y N 323 
TYR CE1 HE1  sing N N 324 
TYR CE2 CZ   sing Y N 325 
TYR CE2 HE2  sing N N 326 
TYR CZ  OH   sing N N 327 
TYR OH  HH   sing N N 328 
TYR OXT HXT  sing N N 329 
VAL N   CA   sing N N 330 
VAL N   H    sing N N 331 
VAL N   H2   sing N N 332 
VAL CA  C    sing N N 333 
VAL CA  CB   sing N N 334 
VAL CA  HA   sing N N 335 
VAL C   O    doub N N 336 
VAL C   OXT  sing N N 337 
VAL CB  CG1  sing N N 338 
VAL CB  CG2  sing N N 339 
VAL CB  HB   sing N N 340 
VAL CG1 HG11 sing N N 341 
VAL CG1 HG12 sing N N 342 
VAL CG1 HG13 sing N N 343 
VAL CG2 HG21 sing N N 344 
VAL CG2 HG22 sing N N 345 
VAL CG2 HG23 sing N N 346 
VAL OXT HXT  sing N N 347 
# 
loop_
_pdbx_entity_nonpoly.entity_id 
_pdbx_entity_nonpoly.name 
_pdbx_entity_nonpoly.comp_id 
3 'SULFATE ION' SO4 
4 water         HOH 
# 
loop_
_pdbx_initial_refinement_model.id 
_pdbx_initial_refinement_model.entity_id_list 
_pdbx_initial_refinement_model.type 
_pdbx_initial_refinement_model.source_name 
_pdbx_initial_refinement_model.accession_code 
_pdbx_initial_refinement_model.details 
1 ? 'experimental model' PDB 1OPK '1OPK: 154-235, 1FNF: LOOPS OMITTED' 
2 ? 'experimental model' PDB 1FNF '1OPK: 154-235, 1FNF: LOOPS OMITTED' 
# 
